data_5QRO
# 
_entry.id   5QRO 
# 
_audit_conform.dict_name       mmcif_pdbx.dic 
_audit_conform.dict_version    5.387 
_audit_conform.dict_location   http://mmcif.pdb.org/dictionaries/ascii/mmcif_pdbx.dic 
# 
loop_
_database_2.database_id 
_database_2.database_code 
_database_2.pdbx_database_accession 
_database_2.pdbx_DOI 
PDB   5QRO         pdb_00005qro 10.2210/pdb5qro/pdb 
WWPDB D_1001402321 ?            ?                   
# 
loop_
_pdbx_audit_revision_history.ordinal 
_pdbx_audit_revision_history.data_content_type 
_pdbx_audit_revision_history.major_revision 
_pdbx_audit_revision_history.minor_revision 
_pdbx_audit_revision_history.revision_date 
1 'Structure model' 1 0 2019-07-10 
2 'Structure model' 1 1 2019-08-07 
3 'Structure model' 1 2 2024-03-06 
# 
_pdbx_audit_revision_details.ordinal             1 
_pdbx_audit_revision_details.revision_ordinal    1 
_pdbx_audit_revision_details.data_content_type   'Structure model' 
_pdbx_audit_revision_details.provider            repository 
_pdbx_audit_revision_details.type                'Initial release' 
_pdbx_audit_revision_details.description         ? 
_pdbx_audit_revision_details.details             ? 
# 
loop_
_pdbx_audit_revision_group.ordinal 
_pdbx_audit_revision_group.revision_ordinal 
_pdbx_audit_revision_group.data_content_type 
_pdbx_audit_revision_group.group 
1 2 'Structure model' 'Author supporting evidence' 
2 2 'Structure model' 'Data collection'            
3 2 'Structure model' 'Structure summary'          
4 3 'Structure model' 'Data collection'            
5 3 'Structure model' 'Database references'        
6 3 'Structure model' 'Derived calculations'       
# 
loop_
_pdbx_audit_revision_category.ordinal 
_pdbx_audit_revision_category.revision_ordinal 
_pdbx_audit_revision_category.data_content_type 
_pdbx_audit_revision_category.category 
1 2 'Structure model' pdbx_entity_instance_feature 
2 2 'Structure model' pdbx_entry_details           
3 3 'Structure model' chem_comp_atom               
4 3 'Structure model' chem_comp_bond               
5 3 'Structure model' database_2                   
6 3 'Structure model' pdbx_struct_conn_angle       
7 3 'Structure model' struct_conn                  
# 
loop_
_pdbx_audit_revision_item.ordinal 
_pdbx_audit_revision_item.revision_ordinal 
_pdbx_audit_revision_item.data_content_type 
_pdbx_audit_revision_item.item 
1  3 'Structure model' '_database_2.pdbx_DOI'                        
2  3 'Structure model' '_database_2.pdbx_database_accession'         
3  3 'Structure model' '_pdbx_struct_conn_angle.ptnr1_auth_comp_id'  
4  3 'Structure model' '_pdbx_struct_conn_angle.ptnr1_auth_seq_id'   
5  3 'Structure model' '_pdbx_struct_conn_angle.ptnr1_label_alt_id'  
6  3 'Structure model' '_pdbx_struct_conn_angle.ptnr1_label_asym_id' 
7  3 'Structure model' '_pdbx_struct_conn_angle.ptnr1_label_atom_id' 
8  3 'Structure model' '_pdbx_struct_conn_angle.ptnr1_label_comp_id' 
9  3 'Structure model' '_pdbx_struct_conn_angle.ptnr1_label_seq_id'  
10 3 'Structure model' '_pdbx_struct_conn_angle.ptnr1_symmetry'      
11 3 'Structure model' '_pdbx_struct_conn_angle.ptnr2_auth_seq_id'   
12 3 'Structure model' '_pdbx_struct_conn_angle.ptnr2_label_asym_id' 
13 3 'Structure model' '_pdbx_struct_conn_angle.ptnr3_auth_comp_id'  
14 3 'Structure model' '_pdbx_struct_conn_angle.ptnr3_auth_seq_id'   
15 3 'Structure model' '_pdbx_struct_conn_angle.ptnr3_label_alt_id'  
16 3 'Structure model' '_pdbx_struct_conn_angle.ptnr3_label_asym_id' 
17 3 'Structure model' '_pdbx_struct_conn_angle.ptnr3_label_atom_id' 
18 3 'Structure model' '_pdbx_struct_conn_angle.ptnr3_label_comp_id' 
19 3 'Structure model' '_pdbx_struct_conn_angle.ptnr3_label_seq_id'  
20 3 'Structure model' '_pdbx_struct_conn_angle.ptnr3_symmetry'      
21 3 'Structure model' '_pdbx_struct_conn_angle.value'               
22 3 'Structure model' '_struct_conn.pdbx_dist_value'                
23 3 'Structure model' '_struct_conn.pdbx_ptnr1_label_alt_id'        
24 3 'Structure model' '_struct_conn.ptnr1_auth_comp_id'             
25 3 'Structure model' '_struct_conn.ptnr1_auth_seq_id'              
26 3 'Structure model' '_struct_conn.ptnr1_label_asym_id'            
27 3 'Structure model' '_struct_conn.ptnr1_label_atom_id'            
28 3 'Structure model' '_struct_conn.ptnr1_label_comp_id'            
29 3 'Structure model' '_struct_conn.ptnr1_label_seq_id'             
30 3 'Structure model' '_struct_conn.ptnr2_auth_comp_id'             
31 3 'Structure model' '_struct_conn.ptnr2_auth_seq_id'              
32 3 'Structure model' '_struct_conn.ptnr2_label_asym_id'            
33 3 'Structure model' '_struct_conn.ptnr2_label_atom_id'            
34 3 'Structure model' '_struct_conn.ptnr2_label_comp_id'            
35 3 'Structure model' '_struct_conn.ptnr2_symmetry'                 
# 
_pdbx_database_status.entry_id                        5QRO 
_pdbx_database_status.status_code                     REL 
_pdbx_database_status.status_code_sf                  REL 
_pdbx_database_status.status_code_mr                  ? 
_pdbx_database_status.status_code_cs                  ? 
_pdbx_database_status.recvd_initial_deposition_date   2019-05-25 
_pdbx_database_status.deposit_site                    RCSB 
_pdbx_database_status.process_site                    RCSB 
_pdbx_database_status.SG_entry                        ? 
_pdbx_database_status.pdb_format_compatible           Y 
_pdbx_database_status.methods_development_category    ? 
_pdbx_database_status.status_code_nmr_data            ? 
# 
loop_
_audit_author.name 
_audit_author.pdbx_ordinal 
'Newman, J.A.'        1  
'Gavard, A.E.'        2  
'Fernandez-Cid, A.'   3  
'Sherestha, L.'       4  
'Burgess-Brown, N.A.' 5  
'von Delft, F.'       6  
'Arrowsmith, C.H.'    7  
'Edwards, A.'         8  
'Bountra, C.'         9  
'Gileadi, O.'         10 
# 
_citation.id                        primary 
_citation.title                     'PanDDA analysis group deposition' 
_citation.journal_abbrev            'To Be Published' 
_citation.journal_volume            ? 
_citation.page_first                ? 
_citation.page_last                 ? 
_citation.year                      ? 
_citation.journal_id_ASTM           ? 
_citation.country                   ? 
_citation.journal_id_ISSN           ? 
_citation.journal_id_CSD            0353 
_citation.book_publisher            ? 
_citation.pdbx_database_id_PubMed   ? 
_citation.pdbx_database_id_DOI      ? 
# 
loop_
_citation_author.citation_id 
_citation_author.name 
_citation_author.identifier_ORCID 
_citation_author.ordinal 
primary 'Newman, J.A.'        ? 1  
primary 'Gavard, A.E.'        ? 2  
primary 'Fernandez-Cid, A.'   ? 3  
primary 'Sherestha, L.'       ? 4  
primary 'Burgess-Brown, N.A.' ? 5  
primary 'von Delft, F.'       ? 6  
primary 'Arrowsmith, C.H.'    ? 7  
primary 'Edwards, A.'         ? 8  
primary 'Bountra, C.'         ? 9  
primary 'Gileadi, O.'         ? 10 
# 
loop_
_entity.id 
_entity.type 
_entity.src_method 
_entity.pdbx_description 
_entity.formula_weight 
_entity.pdbx_number_of_molecules 
_entity.pdbx_ec 
_entity.pdbx_mutation 
_entity.pdbx_fragment 
_entity.details 
1 polymer     man 'T-box transcription factor T'                                    19597.586 1  ? ? ? ? 
2 non-polymer syn 'CADMIUM ION'                                                     112.411   5  ? ? ? ? 
3 non-polymer syn '(1S)-N,2,2-trimethyl-N-(pyridin-3-yl)cyclopropane-1-carboxamide' 204.268   1  ? ? ? ? 
4 water       nat water                                                             18.015    73 ? ? ? ? 
# 
_entity_name_com.entity_id   1 
_entity_name_com.name        'Brachyury protein,Protein T' 
# 
_entity_poly.entity_id                      1 
_entity_poly.type                           'polypeptide(L)' 
_entity_poly.nstd_linkage                   no 
_entity_poly.nstd_monomer                   no 
_entity_poly.pdbx_seq_one_letter_code       
;GELRVGLEESELWLRFKELTNEMIVTKNGRRMFPVLKVNVSGLDPNAMYSFLLDFVAADNHRWKYVNGEWVPGGKPEPQA
PSCVYIHPDSPNFGAHWMKAPVSFSKVKLTNKLNGGGQIMLNSLHKYEPRIHIVRVGGPQRMITSHCFPETQFIAVTAYQ
NEEITALKIKYN
;
_entity_poly.pdbx_seq_one_letter_code_can   
;GELRVGLEESELWLRFKELTNEMIVTKNGRRMFPVLKVNVSGLDPNAMYSFLLDFVAADNHRWKYVNGEWVPGGKPEPQA
PSCVYIHPDSPNFGAHWMKAPVSFSKVKLTNKLNGGGQIMLNSLHKYEPRIHIVRVGGPQRMITSHCFPETQFIAVTAYQ
NEEITALKIKYN
;
_entity_poly.pdbx_strand_id                 A 
_entity_poly.pdbx_target_identifier         ? 
# 
loop_
_pdbx_entity_nonpoly.entity_id 
_pdbx_entity_nonpoly.name 
_pdbx_entity_nonpoly.comp_id 
2 'CADMIUM ION'                                                     CD  
3 '(1S)-N,2,2-trimethyl-N-(pyridin-3-yl)cyclopropane-1-carboxamide' NXJ 
4 water                                                             HOH 
# 
loop_
_entity_poly_seq.entity_id 
_entity_poly_seq.num 
_entity_poly_seq.mon_id 
_entity_poly_seq.hetero 
1 1   GLY n 
1 2   GLU n 
1 3   LEU n 
1 4   ARG n 
1 5   VAL n 
1 6   GLY n 
1 7   LEU n 
1 8   GLU n 
1 9   GLU n 
1 10  SER n 
1 11  GLU n 
1 12  LEU n 
1 13  TRP n 
1 14  LEU n 
1 15  ARG n 
1 16  PHE n 
1 17  LYS n 
1 18  GLU n 
1 19  LEU n 
1 20  THR n 
1 21  ASN n 
1 22  GLU n 
1 23  MET n 
1 24  ILE n 
1 25  VAL n 
1 26  THR n 
1 27  LYS n 
1 28  ASN n 
1 29  GLY n 
1 30  ARG n 
1 31  ARG n 
1 32  MET n 
1 33  PHE n 
1 34  PRO n 
1 35  VAL n 
1 36  LEU n 
1 37  LYS n 
1 38  VAL n 
1 39  ASN n 
1 40  VAL n 
1 41  SER n 
1 42  GLY n 
1 43  LEU n 
1 44  ASP n 
1 45  PRO n 
1 46  ASN n 
1 47  ALA n 
1 48  MET n 
1 49  TYR n 
1 50  SER n 
1 51  PHE n 
1 52  LEU n 
1 53  LEU n 
1 54  ASP n 
1 55  PHE n 
1 56  VAL n 
1 57  ALA n 
1 58  ALA n 
1 59  ASP n 
1 60  ASN n 
1 61  HIS n 
1 62  ARG n 
1 63  TRP n 
1 64  LYS n 
1 65  TYR n 
1 66  VAL n 
1 67  ASN n 
1 68  GLY n 
1 69  GLU n 
1 70  TRP n 
1 71  VAL n 
1 72  PRO n 
1 73  GLY n 
1 74  GLY n 
1 75  LYS n 
1 76  PRO n 
1 77  GLU n 
1 78  PRO n 
1 79  GLN n 
1 80  ALA n 
1 81  PRO n 
1 82  SER n 
1 83  CYS n 
1 84  VAL n 
1 85  TYR n 
1 86  ILE n 
1 87  HIS n 
1 88  PRO n 
1 89  ASP n 
1 90  SER n 
1 91  PRO n 
1 92  ASN n 
1 93  PHE n 
1 94  GLY n 
1 95  ALA n 
1 96  HIS n 
1 97  TRP n 
1 98  MET n 
1 99  LYS n 
1 100 ALA n 
1 101 PRO n 
1 102 VAL n 
1 103 SER n 
1 104 PHE n 
1 105 SER n 
1 106 LYS n 
1 107 VAL n 
1 108 LYS n 
1 109 LEU n 
1 110 THR n 
1 111 ASN n 
1 112 LYS n 
1 113 LEU n 
1 114 ASN n 
1 115 GLY n 
1 116 GLY n 
1 117 GLY n 
1 118 GLN n 
1 119 ILE n 
1 120 MET n 
1 121 LEU n 
1 122 ASN n 
1 123 SER n 
1 124 LEU n 
1 125 HIS n 
1 126 LYS n 
1 127 TYR n 
1 128 GLU n 
1 129 PRO n 
1 130 ARG n 
1 131 ILE n 
1 132 HIS n 
1 133 ILE n 
1 134 VAL n 
1 135 ARG n 
1 136 VAL n 
1 137 GLY n 
1 138 GLY n 
1 139 PRO n 
1 140 GLN n 
1 141 ARG n 
1 142 MET n 
1 143 ILE n 
1 144 THR n 
1 145 SER n 
1 146 HIS n 
1 147 CYS n 
1 148 PHE n 
1 149 PRO n 
1 150 GLU n 
1 151 THR n 
1 152 GLN n 
1 153 PHE n 
1 154 ILE n 
1 155 ALA n 
1 156 VAL n 
1 157 THR n 
1 158 ALA n 
1 159 TYR n 
1 160 GLN n 
1 161 ASN n 
1 162 GLU n 
1 163 GLU n 
1 164 ILE n 
1 165 THR n 
1 166 ALA n 
1 167 LEU n 
1 168 LYS n 
1 169 ILE n 
1 170 LYS n 
1 171 TYR n 
1 172 ASN n 
# 
_entity_src_gen.entity_id                          1 
_entity_src_gen.pdbx_src_id                        1 
_entity_src_gen.pdbx_alt_source_flag               sample 
_entity_src_gen.pdbx_seq_type                      'Biological sequence' 
_entity_src_gen.pdbx_beg_seq_num                   1 
_entity_src_gen.pdbx_end_seq_num                   172 
_entity_src_gen.gene_src_common_name               Human 
_entity_src_gen.gene_src_genus                     ? 
_entity_src_gen.pdbx_gene_src_gene                 'TBXT, T' 
_entity_src_gen.gene_src_species                   ? 
_entity_src_gen.gene_src_strain                    ? 
_entity_src_gen.gene_src_tissue                    ? 
_entity_src_gen.gene_src_tissue_fraction           ? 
_entity_src_gen.gene_src_details                   ? 
_entity_src_gen.pdbx_gene_src_fragment             ? 
_entity_src_gen.pdbx_gene_src_scientific_name      'Homo sapiens' 
_entity_src_gen.pdbx_gene_src_ncbi_taxonomy_id     9606 
_entity_src_gen.pdbx_gene_src_variant              ? 
_entity_src_gen.pdbx_gene_src_cell_line            ? 
_entity_src_gen.pdbx_gene_src_atcc                 ? 
_entity_src_gen.pdbx_gene_src_organ                ? 
_entity_src_gen.pdbx_gene_src_organelle            ? 
_entity_src_gen.pdbx_gene_src_cell                 ? 
_entity_src_gen.pdbx_gene_src_cellular_location    ? 
_entity_src_gen.host_org_common_name               ? 
_entity_src_gen.pdbx_host_org_scientific_name      'Escherichia coli' 
_entity_src_gen.pdbx_host_org_ncbi_taxonomy_id     562 
_entity_src_gen.host_org_genus                     ? 
_entity_src_gen.pdbx_host_org_gene                 ? 
_entity_src_gen.pdbx_host_org_organ                ? 
_entity_src_gen.host_org_species                   ? 
_entity_src_gen.pdbx_host_org_tissue               ? 
_entity_src_gen.pdbx_host_org_tissue_fraction      ? 
_entity_src_gen.pdbx_host_org_strain               ? 
_entity_src_gen.pdbx_host_org_variant              ? 
_entity_src_gen.pdbx_host_org_cell_line            ? 
_entity_src_gen.pdbx_host_org_atcc                 ? 
_entity_src_gen.pdbx_host_org_culture_collection   ? 
_entity_src_gen.pdbx_host_org_cell                 ? 
_entity_src_gen.pdbx_host_org_organelle            ? 
_entity_src_gen.pdbx_host_org_cellular_location    ? 
_entity_src_gen.pdbx_host_org_vector_type          ? 
_entity_src_gen.pdbx_host_org_vector               ? 
_entity_src_gen.host_org_details                   ? 
_entity_src_gen.expression_system_id               ? 
_entity_src_gen.plasmid_name                       ? 
_entity_src_gen.plasmid_details                    ? 
_entity_src_gen.pdbx_description                   ? 
# 
loop_
_chem_comp.id 
_chem_comp.type 
_chem_comp.mon_nstd_flag 
_chem_comp.name 
_chem_comp.pdbx_synonyms 
_chem_comp.formula 
_chem_comp.formula_weight 
ALA 'L-peptide linking' y ALANINE                                                           ? 'C3 H7 N O2'     89.093  
ARG 'L-peptide linking' y ARGININE                                                          ? 'C6 H15 N4 O2 1' 175.209 
ASN 'L-peptide linking' y ASPARAGINE                                                        ? 'C4 H8 N2 O3'    132.118 
ASP 'L-peptide linking' y 'ASPARTIC ACID'                                                   ? 'C4 H7 N O4'     133.103 
CD  non-polymer         . 'CADMIUM ION'                                                     ? 'Cd 2'           112.411 
CYS 'L-peptide linking' y CYSTEINE                                                          ? 'C3 H7 N O2 S'   121.158 
GLN 'L-peptide linking' y GLUTAMINE                                                         ? 'C5 H10 N2 O3'   146.144 
GLU 'L-peptide linking' y 'GLUTAMIC ACID'                                                   ? 'C5 H9 N O4'     147.129 
GLY 'peptide linking'   y GLYCINE                                                           ? 'C2 H5 N O2'     75.067  
HIS 'L-peptide linking' y HISTIDINE                                                         ? 'C6 H10 N3 O2 1' 156.162 
HOH non-polymer         . WATER                                                             ? 'H2 O'           18.015  
ILE 'L-peptide linking' y ISOLEUCINE                                                        ? 'C6 H13 N O2'    131.173 
LEU 'L-peptide linking' y LEUCINE                                                           ? 'C6 H13 N O2'    131.173 
LYS 'L-peptide linking' y LYSINE                                                            ? 'C6 H15 N2 O2 1' 147.195 
MET 'L-peptide linking' y METHIONINE                                                        ? 'C5 H11 N O2 S'  149.211 
NXJ non-polymer         . '(1S)-N,2,2-trimethyl-N-(pyridin-3-yl)cyclopropane-1-carboxamide' ? 'C12 H16 N2 O'   204.268 
PHE 'L-peptide linking' y PHENYLALANINE                                                     ? 'C9 H11 N O2'    165.189 
PRO 'L-peptide linking' y PROLINE                                                           ? 'C5 H9 N O2'     115.130 
SER 'L-peptide linking' y SERINE                                                            ? 'C3 H7 N O3'     105.093 
THR 'L-peptide linking' y THREONINE                                                         ? 'C4 H9 N O3'     119.119 
TRP 'L-peptide linking' y TRYPTOPHAN                                                        ? 'C11 H12 N2 O2'  204.225 
TYR 'L-peptide linking' y TYROSINE                                                          ? 'C9 H11 N O3'    181.189 
VAL 'L-peptide linking' y VALINE                                                            ? 'C5 H11 N O2'    117.146 
# 
loop_
_pdbx_poly_seq_scheme.asym_id 
_pdbx_poly_seq_scheme.entity_id 
_pdbx_poly_seq_scheme.seq_id 
_pdbx_poly_seq_scheme.mon_id 
_pdbx_poly_seq_scheme.ndb_seq_num 
_pdbx_poly_seq_scheme.pdb_seq_num 
_pdbx_poly_seq_scheme.auth_seq_num 
_pdbx_poly_seq_scheme.pdb_mon_id 
_pdbx_poly_seq_scheme.auth_mon_id 
_pdbx_poly_seq_scheme.pdb_strand_id 
_pdbx_poly_seq_scheme.pdb_ins_code 
_pdbx_poly_seq_scheme.hetero 
A 1 1   GLY 1   40  ?   ?   ?   A . n 
A 1 2   GLU 2   41  41  GLU GLU A . n 
A 1 3   LEU 3   42  42  LEU LEU A . n 
A 1 4   ARG 4   43  43  ARG ARG A . n 
A 1 5   VAL 5   44  44  VAL VAL A . n 
A 1 6   GLY 6   45  45  GLY GLY A . n 
A 1 7   LEU 7   46  46  LEU LEU A . n 
A 1 8   GLU 8   47  47  GLU GLU A . n 
A 1 9   GLU 9   48  48  GLU GLU A . n 
A 1 10  SER 10  49  49  SER SER A . n 
A 1 11  GLU 11  50  50  GLU GLU A . n 
A 1 12  LEU 12  51  51  LEU LEU A . n 
A 1 13  TRP 13  52  52  TRP TRP A . n 
A 1 14  LEU 14  53  53  LEU LEU A . n 
A 1 15  ARG 15  54  54  ARG ARG A . n 
A 1 16  PHE 16  55  55  PHE PHE A . n 
A 1 17  LYS 17  56  56  LYS LYS A . n 
A 1 18  GLU 18  57  57  GLU GLU A . n 
A 1 19  LEU 19  58  58  LEU LEU A . n 
A 1 20  THR 20  59  59  THR THR A . n 
A 1 21  ASN 21  60  60  ASN ASN A . n 
A 1 22  GLU 22  61  61  GLU GLU A . n 
A 1 23  MET 23  62  62  MET MET A . n 
A 1 24  ILE 24  63  63  ILE ILE A . n 
A 1 25  VAL 25  64  64  VAL VAL A . n 
A 1 26  THR 26  65  65  THR THR A . n 
A 1 27  LYS 27  66  66  LYS LYS A . n 
A 1 28  ASN 28  67  67  ASN ASN A . n 
A 1 29  GLY 29  68  68  GLY GLY A . n 
A 1 30  ARG 30  69  69  ARG ARG A . n 
A 1 31  ARG 31  70  70  ARG ARG A . n 
A 1 32  MET 32  71  71  MET MET A . n 
A 1 33  PHE 33  72  72  PHE PHE A . n 
A 1 34  PRO 34  73  73  PRO PRO A . n 
A 1 35  VAL 35  74  74  VAL VAL A . n 
A 1 36  LEU 36  75  75  LEU LEU A . n 
A 1 37  LYS 37  76  76  LYS LYS A . n 
A 1 38  VAL 38  77  77  VAL VAL A . n 
A 1 39  ASN 39  78  78  ASN ASN A . n 
A 1 40  VAL 40  79  79  VAL VAL A . n 
A 1 41  SER 41  80  80  SER SER A . n 
A 1 42  GLY 42  81  81  GLY GLY A . n 
A 1 43  LEU 43  82  82  LEU LEU A . n 
A 1 44  ASP 44  83  83  ASP ASP A . n 
A 1 45  PRO 45  84  84  PRO PRO A . n 
A 1 46  ASN 46  85  85  ASN ASN A . n 
A 1 47  ALA 47  86  86  ALA ALA A . n 
A 1 48  MET 48  87  87  MET MET A . n 
A 1 49  TYR 49  88  88  TYR TYR A . n 
A 1 50  SER 50  89  89  SER SER A . n 
A 1 51  PHE 51  90  90  PHE PHE A . n 
A 1 52  LEU 52  91  91  LEU LEU A . n 
A 1 53  LEU 53  92  92  LEU LEU A . n 
A 1 54  ASP 54  93  93  ASP ASP A . n 
A 1 55  PHE 55  94  94  PHE PHE A . n 
A 1 56  VAL 56  95  95  VAL VAL A . n 
A 1 57  ALA 57  96  96  ALA ALA A . n 
A 1 58  ALA 58  97  97  ALA ALA A . n 
A 1 59  ASP 59  98  98  ASP ASP A . n 
A 1 60  ASN 60  99  99  ASN ASN A . n 
A 1 61  HIS 61  100 100 HIS HIS A . n 
A 1 62  ARG 62  101 101 ARG ARG A . n 
A 1 63  TRP 63  102 102 TRP TRP A . n 
A 1 64  LYS 64  103 103 LYS LYS A . n 
A 1 65  TYR 65  104 104 TYR TYR A . n 
A 1 66  VAL 66  105 105 VAL VAL A . n 
A 1 67  ASN 67  106 106 ASN ASN A . n 
A 1 68  GLY 68  107 107 GLY GLY A . n 
A 1 69  GLU 69  108 108 GLU GLU A . n 
A 1 70  TRP 70  109 109 TRP TRP A . n 
A 1 71  VAL 71  110 110 VAL VAL A . n 
A 1 72  PRO 72  111 111 PRO PRO A . n 
A 1 73  GLY 73  112 112 GLY GLY A . n 
A 1 74  GLY 74  113 113 GLY GLY A . n 
A 1 75  LYS 75  114 114 LYS LYS A . n 
A 1 76  PRO 76  115 115 PRO PRO A . n 
A 1 77  GLU 77  116 116 GLU GLU A . n 
A 1 78  PRO 78  117 117 PRO PRO A . n 
A 1 79  GLN 79  118 118 GLN GLN A . n 
A 1 80  ALA 80  119 119 ALA ALA A . n 
A 1 81  PRO 81  120 120 PRO PRO A . n 
A 1 82  SER 82  121 121 SER SER A . n 
A 1 83  CYS 83  122 122 CYS CYS A . n 
A 1 84  VAL 84  123 123 VAL VAL A . n 
A 1 85  TYR 85  124 124 TYR TYR A . n 
A 1 86  ILE 86  125 125 ILE ILE A . n 
A 1 87  HIS 87  126 126 HIS HIS A . n 
A 1 88  PRO 88  127 127 PRO PRO A . n 
A 1 89  ASP 89  128 128 ASP ASP A . n 
A 1 90  SER 90  129 129 SER SER A . n 
A 1 91  PRO 91  130 130 PRO PRO A . n 
A 1 92  ASN 92  131 131 ASN ASN A . n 
A 1 93  PHE 93  132 132 PHE PHE A . n 
A 1 94  GLY 94  133 133 GLY GLY A . n 
A 1 95  ALA 95  134 134 ALA ALA A . n 
A 1 96  HIS 96  135 135 HIS HIS A . n 
A 1 97  TRP 97  136 136 TRP TRP A . n 
A 1 98  MET 98  137 137 MET MET A . n 
A 1 99  LYS 99  138 138 LYS LYS A . n 
A 1 100 ALA 100 139 139 ALA ALA A . n 
A 1 101 PRO 101 140 140 PRO PRO A . n 
A 1 102 VAL 102 141 141 VAL VAL A . n 
A 1 103 SER 103 142 142 SER SER A . n 
A 1 104 PHE 104 143 143 PHE PHE A . n 
A 1 105 SER 105 144 144 SER SER A . n 
A 1 106 LYS 106 145 145 LYS LYS A . n 
A 1 107 VAL 107 146 146 VAL VAL A . n 
A 1 108 LYS 108 147 147 LYS LYS A . n 
A 1 109 LEU 109 148 148 LEU LEU A . n 
A 1 110 THR 110 149 149 THR THR A . n 
A 1 111 ASN 111 150 150 ASN ASN A . n 
A 1 112 LYS 112 151 151 LYS LYS A . n 
A 1 113 LEU 113 152 152 LEU LEU A . n 
A 1 114 ASN 114 153 153 ASN ASN A . n 
A 1 115 GLY 115 154 154 GLY GLY A . n 
A 1 116 GLY 116 155 155 GLY GLY A . n 
A 1 117 GLY 117 156 156 GLY GLY A . n 
A 1 118 GLN 118 157 157 GLN GLN A . n 
A 1 119 ILE 119 158 158 ILE ILE A . n 
A 1 120 MET 120 159 159 MET MET A . n 
A 1 121 LEU 121 160 160 LEU LEU A . n 
A 1 122 ASN 122 161 161 ASN ASN A . n 
A 1 123 SER 123 162 162 SER SER A . n 
A 1 124 LEU 124 163 163 LEU LEU A . n 
A 1 125 HIS 125 164 164 HIS HIS A . n 
A 1 126 LYS 126 165 165 LYS LYS A . n 
A 1 127 TYR 127 166 166 TYR TYR A . n 
A 1 128 GLU 128 167 167 GLU GLU A . n 
A 1 129 PRO 129 168 168 PRO PRO A . n 
A 1 130 ARG 130 169 169 ARG ARG A . n 
A 1 131 ILE 131 170 170 ILE ILE A . n 
A 1 132 HIS 132 171 171 HIS HIS A . n 
A 1 133 ILE 133 172 172 ILE ILE A . n 
A 1 134 VAL 134 173 173 VAL VAL A . n 
A 1 135 ARG 135 174 174 ARG ARG A . n 
A 1 136 VAL 136 175 175 VAL VAL A . n 
A 1 137 GLY 137 176 176 GLY GLY A . n 
A 1 138 GLY 138 177 177 GLY GLY A . n 
A 1 139 PRO 139 178 178 PRO PRO A . n 
A 1 140 GLN 140 179 179 GLN GLN A . n 
A 1 141 ARG 141 180 180 ARG ARG A . n 
A 1 142 MET 142 181 181 MET MET A . n 
A 1 143 ILE 143 182 182 ILE ILE A . n 
A 1 144 THR 144 183 183 THR THR A . n 
A 1 145 SER 145 184 184 SER SER A . n 
A 1 146 HIS 146 185 185 HIS HIS A . n 
A 1 147 CYS 147 186 186 CYS CYS A . n 
A 1 148 PHE 148 187 187 PHE PHE A . n 
A 1 149 PRO 149 188 188 PRO PRO A . n 
A 1 150 GLU 150 189 189 GLU GLU A . n 
A 1 151 THR 151 190 190 THR THR A . n 
A 1 152 GLN 152 191 191 GLN GLN A . n 
A 1 153 PHE 153 192 192 PHE PHE A . n 
A 1 154 ILE 154 193 193 ILE ILE A . n 
A 1 155 ALA 155 194 194 ALA ALA A . n 
A 1 156 VAL 156 195 195 VAL VAL A . n 
A 1 157 THR 157 196 196 THR THR A . n 
A 1 158 ALA 158 197 197 ALA ALA A . n 
A 1 159 TYR 159 198 198 TYR TYR A . n 
A 1 160 GLN 160 199 199 GLN GLN A . n 
A 1 161 ASN 161 200 200 ASN ASN A . n 
A 1 162 GLU 162 201 201 GLU GLU A . n 
A 1 163 GLU 163 202 202 GLU GLU A . n 
A 1 164 ILE 164 203 203 ILE ILE A . n 
A 1 165 THR 165 204 204 THR THR A . n 
A 1 166 ALA 166 205 205 ALA ALA A . n 
A 1 167 LEU 167 206 206 LEU LEU A . n 
A 1 168 LYS 168 207 207 LYS LYS A . n 
A 1 169 ILE 169 208 208 ILE ILE A . n 
A 1 170 LYS 170 209 209 LYS LYS A . n 
A 1 171 TYR 171 210 210 TYR TYR A . n 
A 1 172 ASN 172 211 211 ASN ASN A . n 
# 
loop_
_pdbx_nonpoly_scheme.asym_id 
_pdbx_nonpoly_scheme.entity_id 
_pdbx_nonpoly_scheme.mon_id 
_pdbx_nonpoly_scheme.ndb_seq_num 
_pdbx_nonpoly_scheme.pdb_seq_num 
_pdbx_nonpoly_scheme.auth_seq_num 
_pdbx_nonpoly_scheme.pdb_mon_id 
_pdbx_nonpoly_scheme.auth_mon_id 
_pdbx_nonpoly_scheme.pdb_strand_id 
_pdbx_nonpoly_scheme.pdb_ins_code 
B 2 CD  1  301 1  CD  CD  A . 
C 2 CD  1  302 2  CD  CD  A . 
D 2 CD  1  303 3  CD  CD  A . 
E 2 CD  1  304 4  CD  CD  A . 
F 2 CD  1  305 5  CD  CD  A . 
G 3 NXJ 1  306 1  NXJ LIG A . 
H 4 HOH 1  401 48 HOH HOH A . 
H 4 HOH 2  402 79 HOH HOH A . 
H 4 HOH 3  403 21 HOH HOH A . 
H 4 HOH 4  404 24 HOH HOH A . 
H 4 HOH 5  405 58 HOH HOH A . 
H 4 HOH 6  406 45 HOH HOH A . 
H 4 HOH 7  407 61 HOH HOH A . 
H 4 HOH 8  408 32 HOH HOH A . 
H 4 HOH 9  409 68 HOH HOH A . 
H 4 HOH 10 410 54 HOH HOH A . 
H 4 HOH 11 411 44 HOH HOH A . 
H 4 HOH 12 412 53 HOH HOH A . 
H 4 HOH 13 413 42 HOH HOH A . 
H 4 HOH 14 414 76 HOH HOH A . 
H 4 HOH 15 415 70 HOH HOH A . 
H 4 HOH 16 416 16 HOH HOH A . 
H 4 HOH 17 417 41 HOH HOH A . 
H 4 HOH 18 418 55 HOH HOH A . 
H 4 HOH 19 419 14 HOH HOH A . 
H 4 HOH 20 420 51 HOH HOH A . 
H 4 HOH 21 421 52 HOH HOH A . 
H 4 HOH 22 422 63 HOH HOH A . 
H 4 HOH 23 423 56 HOH HOH A . 
H 4 HOH 24 424 4  HOH HOH A . 
H 4 HOH 25 425 47 HOH HOH A . 
H 4 HOH 26 426 17 HOH HOH A . 
H 4 HOH 27 427 52 HOH HOH A . 
H 4 HOH 28 428 49 HOH HOH A . 
H 4 HOH 29 429 10 HOH HOH A . 
H 4 HOH 30 430 67 HOH HOH A . 
H 4 HOH 31 431 71 HOH HOH A . 
H 4 HOH 32 432 50 HOH HOH A . 
H 4 HOH 33 433 33 HOH HOH A . 
H 4 HOH 34 434 45 HOH HOH A . 
H 4 HOH 35 435 75 HOH HOH A . 
H 4 HOH 36 436 6  HOH HOH A . 
H 4 HOH 37 437 69 HOH HOH A . 
H 4 HOH 38 438 31 HOH HOH A . 
H 4 HOH 39 439 1  HOH HOH A . 
H 4 HOH 40 440 60 HOH HOH A . 
H 4 HOH 41 441 57 HOH HOH A . 
H 4 HOH 42 442 73 HOH HOH A . 
H 4 HOH 43 443 8  HOH HOH A . 
H 4 HOH 44 444 64 HOH HOH A . 
H 4 HOH 45 445 66 HOH HOH A . 
H 4 HOH 46 446 8  HOH HOH A . 
H 4 HOH 47 447 23 HOH HOH A . 
H 4 HOH 48 448 30 HOH HOH A . 
H 4 HOH 49 449 18 HOH HOH A . 
H 4 HOH 50 450 1  HOH HOH A . 
H 4 HOH 51 451 14 HOH HOH A . 
H 4 HOH 52 452 2  HOH HOH A . 
H 4 HOH 53 453 28 HOH HOH A . 
H 4 HOH 54 454 12 HOH HOH A . 
H 4 HOH 55 455 11 HOH HOH A . 
H 4 HOH 56 456 46 HOH HOH A . 
H 4 HOH 57 457 4  HOH HOH A . 
H 4 HOH 58 458 15 HOH HOH A . 
H 4 HOH 59 459 77 HOH HOH A . 
H 4 HOH 60 460 65 HOH HOH A . 
H 4 HOH 61 461 6  HOH HOH A . 
H 4 HOH 62 462 7  HOH HOH A . 
H 4 HOH 63 463 3  HOH HOH A . 
H 4 HOH 64 464 72 HOH HOH A . 
H 4 HOH 65 465 62 HOH HOH A . 
H 4 HOH 66 466 3  HOH HOH A . 
H 4 HOH 67 467 5  HOH HOH A . 
H 4 HOH 68 468 10 HOH HOH A . 
H 4 HOH 69 469 43 HOH HOH A . 
H 4 HOH 70 470 78 HOH HOH A . 
H 4 HOH 71 471 16 HOH HOH A . 
H 4 HOH 72 472 17 HOH HOH A . 
H 4 HOH 73 473 18 HOH HOH A . 
# 
loop_
_pdbx_unobs_or_zero_occ_atoms.id 
_pdbx_unobs_or_zero_occ_atoms.PDB_model_num 
_pdbx_unobs_or_zero_occ_atoms.polymer_flag 
_pdbx_unobs_or_zero_occ_atoms.occupancy_flag 
_pdbx_unobs_or_zero_occ_atoms.auth_asym_id 
_pdbx_unobs_or_zero_occ_atoms.auth_comp_id 
_pdbx_unobs_or_zero_occ_atoms.auth_seq_id 
_pdbx_unobs_or_zero_occ_atoms.PDB_ins_code 
_pdbx_unobs_or_zero_occ_atoms.auth_atom_id 
_pdbx_unobs_or_zero_occ_atoms.label_alt_id 
_pdbx_unobs_or_zero_occ_atoms.label_asym_id 
_pdbx_unobs_or_zero_occ_atoms.label_comp_id 
_pdbx_unobs_or_zero_occ_atoms.label_seq_id 
_pdbx_unobs_or_zero_occ_atoms.label_atom_id 
1 1 Y 1 A ARG 43 ? CG  ? A ARG 4 CG  
2 1 Y 1 A ARG 43 ? CD  ? A ARG 4 CD  
3 1 Y 1 A ARG 43 ? NE  ? A ARG 4 NE  
4 1 Y 1 A ARG 43 ? CZ  ? A ARG 4 CZ  
5 1 Y 1 A ARG 43 ? NH1 ? A ARG 4 NH1 
6 1 Y 1 A ARG 43 ? NH2 ? A ARG 4 NH2 
# 
loop_
_software.pdbx_ordinal 
_software.name 
_software.version 
_software.date 
_software.type 
_software.contact_author 
_software.contact_author_email 
_software.classification 
_software.location 
_software.language 
_software.citation_id 
1 REFMAC      5.8.0238 ?               program 'Garib N. Murshudov' garib@ysbl.york.ac.uk    refinement        
http://www.ccp4.ac.uk/dist/html/refmac5.html        Fortran_77 ? 
2 Aimless     0.7.1    27/03/18        program 'Phil Evans'         ?                        'data scaling'    
http://www.mrc-lmb.cam.ac.uk/harry/pre/aimless.html ?          ? 
3 PDB_EXTRACT 3.23     'SEP. 23, 2016' package PDB                  deposit@deposit.rcsb.org 'data extraction' 
http://sw-tools.pdb.org/apps/PDB_EXTRACT/           C++        ? 
4 XDS         .        ?               program ?                    ?                        'data reduction'  ? ?          ? 
5 REFMAC      .        ?               program ?                    ?                        phasing           ? ?          ? 
# 
_cell.entry_id           5QRO 
_cell.length_a           60.089 
_cell.length_b           60.089 
_cell.length_c           110.488 
_cell.angle_alpha        90.000 
_cell.angle_beta         90.000 
_cell.angle_gamma        90.000 
_cell.Z_PDB              8 
_cell.pdbx_unique_axis   ? 
# 
_symmetry.entry_id                         5QRO 
_symmetry.Int_Tables_number                91 
_symmetry.space_group_name_H-M             'P 41 2 2' 
_symmetry.pdbx_full_space_group_name_H-M   ? 
_symmetry.cell_setting                     ? 
# 
_exptl.crystals_number   1 
_exptl.entry_id          5QRO 
_exptl.method            'X-RAY DIFFRACTION' 
# 
_exptl_crystal.id                    1 
_exptl_crystal.pdbx_mosaicity        0.000 
_exptl_crystal.pdbx_mosaicity_esd    ? 
_exptl_crystal.density_Matthews      2.54 
_exptl_crystal.density_diffrn        ? 
_exptl_crystal.density_meas          ? 
_exptl_crystal.density_meas_temp     ? 
_exptl_crystal.density_percent_sol   51.66 
_exptl_crystal.size_max              ? 
_exptl_crystal.size_mid              ? 
_exptl_crystal.size_min              ? 
_exptl_crystal.size_rad              ? 
_exptl_crystal.description           ? 
# 
_exptl_crystal_grow.crystal_id      1 
_exptl_crystal_grow.method          'VAPOR DIFFUSION, SITTING DROP' 
_exptl_crystal_grow.pH              4.5 
_exptl_crystal_grow.temp            298 
_exptl_crystal_grow.pdbx_details    '0.1 M CdCl, 0.1 M Acetate pH 4.5, 32% PEG 400' 
_exptl_crystal_grow.temp_details    ? 
_exptl_crystal_grow.pdbx_pH_range   ? 
# 
_diffrn.id                     1 
_diffrn.ambient_temp           100 
_diffrn.crystal_id             1 
_diffrn.ambient_temp_details   ? 
# 
_diffrn_detector.detector               PIXEL 
_diffrn_detector.type                   'DECTRIS PILATUS 6M' 
_diffrn_detector.pdbx_collection_date   2018-07-15 
_diffrn_detector.diffrn_id              1 
_diffrn_detector.details                ? 
# 
_diffrn_radiation.diffrn_id                        1 
_diffrn_radiation.wavelength_id                    1 
_diffrn_radiation.pdbx_diffrn_protocol             'SINGLE WAVELENGTH' 
_diffrn_radiation.pdbx_monochromatic_or_laue_m_l   M 
_diffrn_radiation.monochromator                    ? 
_diffrn_radiation.pdbx_scattering_type             x-ray 
# 
_diffrn_radiation_wavelength.id           1 
_diffrn_radiation_wavelength.wavelength   0.91587 
_diffrn_radiation_wavelength.wt           1.0 
# 
_diffrn_source.diffrn_id                   1 
_diffrn_source.source                      SYNCHROTRON 
_diffrn_source.type                        'DIAMOND BEAMLINE I04-1' 
_diffrn_source.pdbx_wavelength_list        0.91587 
_diffrn_source.pdbx_synchrotron_site       Diamond 
_diffrn_source.pdbx_synchrotron_beamline   I04-1 
_diffrn_source.pdbx_wavelength             ? 
# 
_reflns.entry_id                     5QRO 
_reflns.pdbx_diffrn_id               1 
_reflns.pdbx_ordinal                 1 
_reflns.observed_criterion_sigma_I   ? 
_reflns.observed_criterion_sigma_F   ? 
_reflns.d_resolution_low             60.100 
_reflns.d_resolution_high            1.610 
_reflns.number_obs                   27077 
_reflns.number_all                   ? 
_reflns.percent_possible_obs         100.000 
_reflns.pdbx_Rmerge_I_obs            0.069 
_reflns.pdbx_Rsym_value              ? 
_reflns.pdbx_netI_over_sigmaI        16.000 
_reflns.B_iso_Wilson_estimate        ? 
_reflns.pdbx_redundancy              12.300 
_reflns.pdbx_Rrim_I_all              0.072 
_reflns.pdbx_Rpim_I_all              0.020 
_reflns.pdbx_CC_half                 0.999 
_reflns.pdbx_netI_over_av_sigmaI     ? 
_reflns.pdbx_number_measured_all     333957 
_reflns.pdbx_scaling_rejects         363 
_reflns.pdbx_chi_squared             ? 
_reflns.Rmerge_F_all                 ? 
_reflns.Rmerge_F_obs                 ? 
_reflns.observed_criterion_F_max     ? 
_reflns.observed_criterion_F_min     ? 
_reflns.observed_criterion_I_max     ? 
_reflns.observed_criterion_I_min     ? 
_reflns.pdbx_d_res_high_opt          ? 
_reflns.pdbx_d_res_low_opt           ? 
_reflns.details                      ? 
# 
loop_
_reflns_shell.pdbx_diffrn_id 
_reflns_shell.pdbx_ordinal 
_reflns_shell.d_res_high 
_reflns_shell.d_res_low 
_reflns_shell.number_measured_obs 
_reflns_shell.number_measured_all 
_reflns_shell.number_unique_obs 
_reflns_shell.pdbx_rejects 
_reflns_shell.Rmerge_I_obs 
_reflns_shell.meanI_over_sigI_obs 
_reflns_shell.pdbx_Rsym_value 
_reflns_shell.pdbx_chi_squared 
_reflns_shell.pdbx_redundancy 
_reflns_shell.percent_possible_obs 
_reflns_shell.pdbx_netI_over_sigmaI_obs 
_reflns_shell.number_possible 
_reflns_shell.number_unique_all 
_reflns_shell.Rmerge_F_all 
_reflns_shell.Rmerge_F_obs 
_reflns_shell.Rmerge_I_all 
_reflns_shell.meanI_over_sigI_all 
_reflns_shell.percent_possible_all 
_reflns_shell.pdbx_Rrim_I_all 
_reflns_shell.pdbx_Rpim_I_all 
_reflns_shell.pdbx_CC_half 
1 1 1.610 1.650  ? 22480 ? ? 1.970 ? ? ? 11.500 ? 1.000  ? 1962 ? ? ? ? 100.000 2.062 0.603 0.699 
1 2 7.200 60.100 ? 4122  ? ? 0.036 ? ? ? 10.600 ? 54.000 ? 389  ? ? ? ? 100.000 0.037 0.011 1.000 
# 
_refine.entry_id                                 5QRO 
_refine.pdbx_refine_id                           'X-RAY DIFFRACTION' 
_refine.ls_d_res_high                            1.6100 
_refine.ls_d_res_low                             60.0900 
_refine.pdbx_ls_sigma_F                          0.000 
_refine.pdbx_data_cutoff_high_absF               ? 
_refine.pdbx_data_cutoff_low_absF                ? 
_refine.ls_percent_reflns_obs                    99.8900 
_refine.ls_number_reflns_obs                     25660 
_refine.ls_number_reflns_all                     ? 
_refine.pdbx_ls_cross_valid_method               THROUGHOUT 
_refine.ls_matrix_type                           ? 
_refine.pdbx_R_Free_selection_details            RANDOM 
_refine.details                                  
'HYDROGENS HAVE BEEN ADDED IN THE RIDING POSITIONS U VALUES      : REFINED INDIVIDUALLY' 
_refine.ls_R_factor_all                          ? 
_refine.ls_R_factor_obs                          0.2235 
_refine.ls_R_factor_R_work                       0.2223 
_refine.ls_wR_factor_R_work                      ? 
_refine.ls_R_factor_R_free                       0.2468 
_refine.ls_wR_factor_R_free                      ? 
_refine.ls_percent_reflns_R_free                 5.0000 
_refine.ls_number_reflns_R_free                  1346 
_refine.ls_number_reflns_R_work                  ? 
_refine.ls_R_factor_R_free_error                 ? 
_refine.B_iso_mean                               36.0770 
_refine.solvent_model_param_bsol                 ? 
_refine.solvent_model_param_ksol                 ? 
_refine.pdbx_isotropic_thermal_model             ? 
_refine.aniso_B[1][1]                            1.2000 
_refine.aniso_B[2][2]                            1.2000 
_refine.aniso_B[3][3]                            -2.3900 
_refine.aniso_B[1][2]                            -0.0000 
_refine.aniso_B[1][3]                            -0.0000 
_refine.aniso_B[2][3]                            -0.0000 
_refine.correlation_coeff_Fo_to_Fc               0.9590 
_refine.correlation_coeff_Fo_to_Fc_free          0.9430 
_refine.overall_SU_R_Cruickshank_DPI             ? 
_refine.pdbx_overall_SU_R_free_Cruickshank_DPI   ? 
_refine.pdbx_overall_SU_R_Blow_DPI               ? 
_refine.pdbx_overall_SU_R_free_Blow_DPI          ? 
_refine.overall_SU_R_free                        ? 
_refine.pdbx_overall_ESU_R                       0.1060 
_refine.pdbx_overall_ESU_R_Free                  0.1010 
_refine.overall_SU_ML                            0.0910 
_refine.overall_SU_B                             2.7980 
_refine.solvent_model_details                    MASK 
_refine.pdbx_solvent_vdw_probe_radii             1.2000 
_refine.pdbx_solvent_ion_probe_radii             0.8000 
_refine.pdbx_solvent_shrinkage_radii             0.8000 
_refine.ls_number_parameters                     ? 
_refine.ls_number_restraints                     ? 
_refine.pdbx_starting_model                      6f58 
_refine.pdbx_method_to_determine_struct          'FOURIER SYNTHESIS' 
_refine.pdbx_stereochemistry_target_values       'MAXIMUM LIKELIHOOD' 
_refine.pdbx_stereochem_target_val_spec_case     ? 
_refine.overall_FOM_work_R_set                   ? 
_refine.B_iso_max                                103.410 
_refine.B_iso_min                                19.070 
_refine.pdbx_overall_phase_error                 ? 
_refine.occupancy_max                            ? 
_refine.occupancy_min                            ? 
_refine.pdbx_diffrn_id                           1 
_refine.pdbx_TLS_residual_ADP_flag               ? 
_refine.pdbx_ls_sigma_I                          ? 
_refine.pdbx_data_cutoff_high_rms_absF           ? 
_refine.ls_R_factor_R_free_error_details         ? 
# 
_refine_hist.cycle_id                         final 
_refine_hist.pdbx_refine_id                   'X-RAY DIFFRACTION' 
_refine_hist.d_res_high                       1.6100 
_refine_hist.d_res_low                        60.0900 
_refine_hist.pdbx_number_atoms_ligand         19 
_refine_hist.number_atoms_solvent             73 
_refine_hist.number_atoms_total               1461 
_refine_hist.pdbx_number_residues_total       172 
_refine_hist.pdbx_B_iso_mean_ligand           44.46 
_refine_hist.pdbx_B_iso_mean_solvent          36.61 
_refine_hist.pdbx_number_atoms_protein        1369 
_refine_hist.pdbx_number_atoms_nucleic_acid   0 
# 
loop_
_refine_ls_restr.pdbx_refine_id 
_refine_ls_restr.type 
_refine_ls_restr.number 
_refine_ls_restr.dev_ideal 
_refine_ls_restr.dev_ideal_target 
_refine_ls_restr.weight 
_refine_ls_restr.pdbx_restraint_function 
'X-RAY DIFFRACTION' r_bond_refined_d       1687 0.011  0.013  ? ? 
'X-RAY DIFFRACTION' r_bond_other_d         1444 0.001  0.017  ? ? 
'X-RAY DIFFRACTION' r_angle_refined_deg    2165 1.722  1.670  ? ? 
'X-RAY DIFFRACTION' r_angle_other_deg      3356 1.365  1.597  ? ? 
'X-RAY DIFFRACTION' r_dihedral_angle_1_deg 192  7.852  5.000  ? ? 
'X-RAY DIFFRACTION' r_dihedral_angle_2_deg 77   30.710 22.468 ? ? 
'X-RAY DIFFRACTION' r_dihedral_angle_3_deg 256  17.477 15.000 ? ? 
'X-RAY DIFFRACTION' r_dihedral_angle_4_deg 7    9.380  15.000 ? ? 
'X-RAY DIFFRACTION' r_chiral_restr         195  0.088  0.200  ? ? 
'X-RAY DIFFRACTION' r_gen_planes_refined   1859 0.010  0.020  ? ? 
'X-RAY DIFFRACTION' r_gen_planes_other     350  0.002  0.020  ? ? 
'X-RAY DIFFRACTION' r_mcbond_it            799  3.428  3.606  ? ? 
'X-RAY DIFFRACTION' r_mcbond_other         792  3.440  3.596  ? ? 
'X-RAY DIFFRACTION' r_mcangle_it           952  5.071  5.440  ? ? 
# 
_refine_ls_shell.d_res_high                       1.6100 
_refine_ls_shell.d_res_low                        1.6520 
_refine_ls_shell.pdbx_total_number_of_bins_used   20 
_refine_ls_shell.percent_reflns_obs               99.7400 
_refine_ls_shell.number_reflns_R_work             1830 
_refine_ls_shell.R_factor_all                     ? 
_refine_ls_shell.R_factor_R_work                  0.3400 
_refine_ls_shell.R_factor_R_free                  0.3340 
_refine_ls_shell.percent_reflns_R_free            ? 
_refine_ls_shell.number_reflns_R_free             125 
_refine_ls_shell.R_factor_R_free_error            ? 
_refine_ls_shell.number_reflns_all                1955 
_refine_ls_shell.number_reflns_obs                ? 
_refine_ls_shell.pdbx_refine_id                   'X-RAY DIFFRACTION' 
# 
_struct.entry_id                  5QRO 
_struct.title                     
'PanDDA analysis group deposition -- Crystal Structure of human Brachyury in complex with Z1506050651' 
_struct.pdbx_model_details        ? 
_struct.pdbx_CASP_flag            ? 
_struct.pdbx_model_type_details   ? 
# 
_struct_keywords.entry_id        5QRO 
_struct_keywords.text            'SGC - Diamond I04-1 fragment screening, PanDDA, XChemExplorer, TRANSCRIPTION' 
_struct_keywords.pdbx_keywords   TRANSCRIPTION 
# 
loop_
_struct_asym.id 
_struct_asym.pdbx_blank_PDB_chainid_flag 
_struct_asym.pdbx_modified 
_struct_asym.entity_id 
_struct_asym.details 
A N N 1 ? 
B N N 2 ? 
C N N 2 ? 
D N N 2 ? 
E N N 2 ? 
F N N 2 ? 
G N N 3 ? 
H N N 4 ? 
# 
_struct_ref.id                         1 
_struct_ref.db_name                    UNP 
_struct_ref.db_code                    TBXT_HUMAN 
_struct_ref.pdbx_db_accession          O15178 
_struct_ref.pdbx_db_isoform            ? 
_struct_ref.entity_id                  1 
_struct_ref.pdbx_seq_one_letter_code   
;ELRVGLEESELWLRFKELTNEMIVTKNGRRMFPVLKVNVSGLDPNAMYSFLLDFVAADNHRWKYVNGEWVPGGKPEPQAP
SCVYIHPDSPNFGAHWMKAPVSFSKVKLTNKLNGGGQIMLNSLHKYEPRIHIVRVGGPQRMITSHCFPETQFIAVTAYQN
EEITALKIKYN
;
_struct_ref.pdbx_align_begin           41 
# 
_struct_ref_seq.align_id                      1 
_struct_ref_seq.ref_id                        1 
_struct_ref_seq.pdbx_PDB_id_code              5QRO 
_struct_ref_seq.pdbx_strand_id                A 
_struct_ref_seq.seq_align_beg                 2 
_struct_ref_seq.pdbx_seq_align_beg_ins_code   ? 
_struct_ref_seq.seq_align_end                 172 
_struct_ref_seq.pdbx_seq_align_end_ins_code   ? 
_struct_ref_seq.pdbx_db_accession             O15178 
_struct_ref_seq.db_align_beg                  41 
_struct_ref_seq.pdbx_db_align_beg_ins_code    ? 
_struct_ref_seq.db_align_end                  211 
_struct_ref_seq.pdbx_db_align_end_ins_code    ? 
_struct_ref_seq.pdbx_auth_seq_align_beg       41 
_struct_ref_seq.pdbx_auth_seq_align_end       211 
# 
_struct_ref_seq_dif.align_id                     1 
_struct_ref_seq_dif.pdbx_pdb_id_code             5QRO 
_struct_ref_seq_dif.mon_id                       GLY 
_struct_ref_seq_dif.pdbx_pdb_strand_id           A 
_struct_ref_seq_dif.seq_num                      1 
_struct_ref_seq_dif.pdbx_pdb_ins_code            ? 
_struct_ref_seq_dif.pdbx_seq_db_name             UNP 
_struct_ref_seq_dif.pdbx_seq_db_accession_code   O15178 
_struct_ref_seq_dif.db_mon_id                    ? 
_struct_ref_seq_dif.pdbx_seq_db_seq_num          ? 
_struct_ref_seq_dif.details                      'expression tag' 
_struct_ref_seq_dif.pdbx_auth_seq_num            40 
_struct_ref_seq_dif.pdbx_ordinal                 1 
# 
_pdbx_struct_assembly.id                   1 
_pdbx_struct_assembly.details              author_defined_assembly 
_pdbx_struct_assembly.method_details       ? 
_pdbx_struct_assembly.oligomeric_details   monomeric 
_pdbx_struct_assembly.oligomeric_count     1 
# 
_pdbx_struct_assembly_gen.assembly_id       1 
_pdbx_struct_assembly_gen.oper_expression   1 
_pdbx_struct_assembly_gen.asym_id_list      A,B,C,D,E,F,G,H 
# 
_pdbx_struct_oper_list.id                   1 
_pdbx_struct_oper_list.type                 'identity operation' 
_pdbx_struct_oper_list.name                 1_555 
_pdbx_struct_oper_list.symmetry_operation   x,y,z 
_pdbx_struct_oper_list.matrix[1][1]         1.0000000000 
_pdbx_struct_oper_list.matrix[1][2]         0.0000000000 
_pdbx_struct_oper_list.matrix[1][3]         0.0000000000 
_pdbx_struct_oper_list.vector[1]            0.0000000000 
_pdbx_struct_oper_list.matrix[2][1]         0.0000000000 
_pdbx_struct_oper_list.matrix[2][2]         1.0000000000 
_pdbx_struct_oper_list.matrix[2][3]         0.0000000000 
_pdbx_struct_oper_list.vector[2]            0.0000000000 
_pdbx_struct_oper_list.matrix[3][1]         0.0000000000 
_pdbx_struct_oper_list.matrix[3][2]         0.0000000000 
_pdbx_struct_oper_list.matrix[3][3]         1.0000000000 
_pdbx_struct_oper_list.vector[3]            0.0000000000 
# 
loop_
_struct_conf.conf_type_id 
_struct_conf.id 
_struct_conf.pdbx_PDB_helix_id 
_struct_conf.beg_label_comp_id 
_struct_conf.beg_label_asym_id 
_struct_conf.beg_label_seq_id 
_struct_conf.pdbx_beg_PDB_ins_code 
_struct_conf.end_label_comp_id 
_struct_conf.end_label_asym_id 
_struct_conf.end_label_seq_id 
_struct_conf.pdbx_end_PDB_ins_code 
_struct_conf.beg_auth_comp_id 
_struct_conf.beg_auth_asym_id 
_struct_conf.beg_auth_seq_id 
_struct_conf.end_auth_comp_id 
_struct_conf.end_auth_asym_id 
_struct_conf.end_auth_seq_id 
_struct_conf.pdbx_PDB_helix_class 
_struct_conf.details 
_struct_conf.pdbx_PDB_helix_length 
HELX_P HELX_P1 AA1 GLU A 9   ? LEU A 19  ? GLU A 48  LEU A 58  1 ? 11 
HELX_P HELX_P2 AA2 GLY A 94  ? LYS A 99  ? GLY A 133 LYS A 138 1 ? 6  
HELX_P HELX_P3 AA3 PRO A 149 ? GLN A 152 ? PRO A 188 GLN A 191 5 ? 4  
HELX_P HELX_P4 AA4 ASN A 161 ? ASN A 172 ? ASN A 200 ASN A 211 1 ? 12 
# 
_struct_conf_type.id          HELX_P 
_struct_conf_type.criteria    ? 
_struct_conf_type.reference   ? 
# 
loop_
_struct_conn.id 
_struct_conn.conn_type_id 
_struct_conn.pdbx_leaving_atom_flag 
_struct_conn.pdbx_PDB_id 
_struct_conn.ptnr1_label_asym_id 
_struct_conn.ptnr1_label_comp_id 
_struct_conn.ptnr1_label_seq_id 
_struct_conn.ptnr1_label_atom_id 
_struct_conn.pdbx_ptnr1_label_alt_id 
_struct_conn.pdbx_ptnr1_PDB_ins_code 
_struct_conn.pdbx_ptnr1_standard_comp_id 
_struct_conn.ptnr1_symmetry 
_struct_conn.ptnr2_label_asym_id 
_struct_conn.ptnr2_label_comp_id 
_struct_conn.ptnr2_label_seq_id 
_struct_conn.ptnr2_label_atom_id 
_struct_conn.pdbx_ptnr2_label_alt_id 
_struct_conn.pdbx_ptnr2_PDB_ins_code 
_struct_conn.ptnr1_auth_asym_id 
_struct_conn.ptnr1_auth_comp_id 
_struct_conn.ptnr1_auth_seq_id 
_struct_conn.ptnr2_auth_asym_id 
_struct_conn.ptnr2_auth_comp_id 
_struct_conn.ptnr2_auth_seq_id 
_struct_conn.ptnr2_symmetry 
_struct_conn.pdbx_ptnr3_label_atom_id 
_struct_conn.pdbx_ptnr3_label_seq_id 
_struct_conn.pdbx_ptnr3_label_comp_id 
_struct_conn.pdbx_ptnr3_label_asym_id 
_struct_conn.pdbx_ptnr3_label_alt_id 
_struct_conn.pdbx_ptnr3_PDB_ins_code 
_struct_conn.details 
_struct_conn.pdbx_dist_value 
_struct_conn.pdbx_value_order 
_struct_conn.pdbx_role 
metalc1  metalc ? ? A HIS 61  NE2 ? ? ? 1_555 E CD  . CD ? ? A HIS 100 A CD  304 1_555 ? ? ? ? ? ? ? 2.194 ? ? 
metalc2  metalc ? ? A CYS 83  SG  ? ? ? 1_555 D CD  . CD ? ? A CYS 122 A CD  303 1_555 ? ? ? ? ? ? ? 2.654 ? ? 
metalc3  metalc ? ? A CYS 83  SG  ? ? ? 1_555 F CD  . CD ? ? A CYS 122 A CD  305 1_555 ? ? ? ? ? ? ? 2.484 ? ? 
metalc4  metalc ? ? A GLU 128 OE1 ? ? ? 1_555 B CD  . CD ? ? A GLU 167 A CD  301 1_555 ? ? ? ? ? ? ? 2.418 ? ? 
metalc5  metalc ? ? A GLU 128 OE1 ? ? ? 1_555 B CD  . CD ? ? A GLU 167 A CD  301 5_655 ? ? ? ? ? ? ? 2.417 ? ? 
metalc6  metalc ? ? A GLU 128 OE1 ? ? ? 1_555 C CD  . CD ? ? A GLU 167 A CD  302 1_555 ? ? ? ? ? ? ? 2.700 ? ? 
metalc7  metalc ? ? A GLU 128 OE2 ? ? ? 1_555 C CD  . CD ? ? A GLU 167 A CD  302 1_555 ? ? ? ? ? ? ? 2.232 ? ? 
metalc8  metalc ? ? A CYS 147 SG  A ? ? 1_555 B CD  . CD ? ? A CYS 186 A CD  301 1_555 ? ? ? ? ? ? ? 2.469 ? ? 
metalc9  metalc ? ? A CYS 147 SG  B ? ? 1_555 B CD  . CD ? ? A CYS 186 A CD  301 1_555 ? ? ? ? ? ? ? 2.532 ? ? 
metalc10 metalc ? ? A CYS 147 SG  A ? ? 1_555 B CD  . CD ? ? A CYS 186 A CD  301 5_655 ? ? ? ? ? ? ? 2.469 ? ? 
metalc11 metalc ? ? A CYS 147 SG  B ? ? 1_555 B CD  . CD ? ? A CYS 186 A CD  301 5_655 ? ? ? ? ? ? ? 2.532 ? ? 
metalc12 metalc ? ? A CYS 147 SG  A ? ? 1_555 C CD  . CD ? ? A CYS 186 A CD  302 5_655 ? ? ? ? ? ? ? 2.490 ? ? 
metalc13 metalc ? ? A CYS 147 SG  B ? ? 1_555 C CD  . CD ? ? A CYS 186 A CD  302 5_655 ? ? ? ? ? ? ? 2.391 ? ? 
metalc14 metalc ? ? B CD  .   CD  ? ? ? 1_555 H HOH . O  ? ? A CD  301 A HOH 450 1_555 ? ? ? ? ? ? ? 2.176 ? ? 
metalc15 metalc ? ? B CD  .   CD  ? ? ? 1_555 H HOH . O  ? ? A CD  301 A HOH 450 5_655 ? ? ? ? ? ? ? 2.176 ? ? 
metalc16 metalc ? ? C CD  .   CD  ? ? ? 1_555 H HOH . O  ? ? A CD  302 A HOH 457 5_655 ? ? ? ? ? ? ? 2.434 ? ? 
metalc17 metalc ? ? C CD  .   CD  ? ? ? 1_555 H HOH . O  ? ? A CD  302 A HOH 466 1_555 ? ? ? ? ? ? ? 2.448 ? ? 
metalc18 metalc ? ? D CD  .   CD  ? ? ? 1_555 H HOH . O  ? ? A CD  303 A HOH 459 1_555 ? ? ? ? ? ? ? 2.388 ? ? 
metalc19 metalc ? ? D CD  .   CD  ? ? ? 1_555 H HOH . O  ? ? A CD  303 A HOH 472 1_555 ? ? ? ? ? ? ? 2.652 ? ? 
metalc20 metalc ? ? E CD  .   CD  ? ? ? 1_555 H HOH . O  ? ? A CD  304 A HOH 461 1_555 ? ? ? ? ? ? ? 2.431 ? ? 
metalc21 metalc ? ? E CD  .   CD  ? ? ? 1_555 H HOH . O  ? ? A CD  304 A HOH 462 1_555 ? ? ? ? ? ? ? 2.365 ? ? 
metalc22 metalc ? ? E CD  .   CD  ? ? ? 1_555 H HOH . O  ? ? A CD  304 A HOH 467 1_555 ? ? ? ? ? ? ? 2.298 ? ? 
metalc23 metalc ? ? F CD  .   CD  ? ? ? 1_555 H HOH . O  ? ? A CD  305 A HOH 454 1_555 ? ? ? ? ? ? ? 2.523 ? ? 
metalc24 metalc ? ? F CD  .   CD  ? ? ? 1_555 H HOH . O  ? ? A CD  305 A HOH 472 1_555 ? ? ? ? ? ? ? 2.683 ? ? 
metalc25 metalc ? ? F CD  .   CD  ? ? ? 1_555 H HOH . O  ? ? A CD  305 A HOH 473 1_555 ? ? ? ? ? ? ? 2.477 ? ? 
# 
_struct_conn_type.id          metalc 
_struct_conn_type.criteria    ? 
_struct_conn_type.reference   ? 
# 
loop_
_pdbx_struct_conn_angle.id 
_pdbx_struct_conn_angle.ptnr1_label_atom_id 
_pdbx_struct_conn_angle.ptnr1_label_alt_id 
_pdbx_struct_conn_angle.ptnr1_label_asym_id 
_pdbx_struct_conn_angle.ptnr1_label_comp_id 
_pdbx_struct_conn_angle.ptnr1_label_seq_id 
_pdbx_struct_conn_angle.ptnr1_auth_atom_id 
_pdbx_struct_conn_angle.ptnr1_auth_asym_id 
_pdbx_struct_conn_angle.ptnr1_auth_comp_id 
_pdbx_struct_conn_angle.ptnr1_auth_seq_id 
_pdbx_struct_conn_angle.ptnr1_PDB_ins_code 
_pdbx_struct_conn_angle.ptnr1_symmetry 
_pdbx_struct_conn_angle.ptnr2_label_atom_id 
_pdbx_struct_conn_angle.ptnr2_label_alt_id 
_pdbx_struct_conn_angle.ptnr2_label_asym_id 
_pdbx_struct_conn_angle.ptnr2_label_comp_id 
_pdbx_struct_conn_angle.ptnr2_label_seq_id 
_pdbx_struct_conn_angle.ptnr2_auth_atom_id 
_pdbx_struct_conn_angle.ptnr2_auth_asym_id 
_pdbx_struct_conn_angle.ptnr2_auth_comp_id 
_pdbx_struct_conn_angle.ptnr2_auth_seq_id 
_pdbx_struct_conn_angle.ptnr2_PDB_ins_code 
_pdbx_struct_conn_angle.ptnr2_symmetry 
_pdbx_struct_conn_angle.ptnr3_label_atom_id 
_pdbx_struct_conn_angle.ptnr3_label_alt_id 
_pdbx_struct_conn_angle.ptnr3_label_asym_id 
_pdbx_struct_conn_angle.ptnr3_label_comp_id 
_pdbx_struct_conn_angle.ptnr3_label_seq_id 
_pdbx_struct_conn_angle.ptnr3_auth_atom_id 
_pdbx_struct_conn_angle.ptnr3_auth_asym_id 
_pdbx_struct_conn_angle.ptnr3_auth_comp_id 
_pdbx_struct_conn_angle.ptnr3_auth_seq_id 
_pdbx_struct_conn_angle.ptnr3_PDB_ins_code 
_pdbx_struct_conn_angle.ptnr3_symmetry 
_pdbx_struct_conn_angle.value 
_pdbx_struct_conn_angle.value_esd 
1  NE2 ? A HIS 61  ? A HIS 100 ? 1_555 CD ? E CD . ? A CD 304 ? 1_555 O   ? H HOH .   ? A HOH 461 ? 1_555 97.4  ? 
2  NE2 ? A HIS 61  ? A HIS 100 ? 1_555 CD ? E CD . ? A CD 304 ? 1_555 O   ? H HOH .   ? A HOH 462 ? 1_555 103.9 ? 
3  O   ? H HOH .   ? A HOH 461 ? 1_555 CD ? E CD . ? A CD 304 ? 1_555 O   ? H HOH .   ? A HOH 462 ? 1_555 120.8 ? 
4  NE2 ? A HIS 61  ? A HIS 100 ? 1_555 CD ? E CD . ? A CD 304 ? 1_555 O   ? H HOH .   ? A HOH 467 ? 1_555 114.6 ? 
5  O   ? H HOH .   ? A HOH 461 ? 1_555 CD ? E CD . ? A CD 304 ? 1_555 O   ? H HOH .   ? A HOH 467 ? 1_555 106.7 ? 
6  O   ? H HOH .   ? A HOH 462 ? 1_555 CD ? E CD . ? A CD 304 ? 1_555 O   ? H HOH .   ? A HOH 467 ? 1_555 112.7 ? 
7  SG  ? A CYS 83  ? A CYS 122 ? 1_555 CD ? D CD . ? A CD 303 ? 1_555 O   ? H HOH .   ? A HOH 459 ? 1_555 91.6  ? 
8  SG  ? A CYS 83  ? A CYS 122 ? 1_555 CD ? D CD . ? A CD 303 ? 1_555 O   ? H HOH .   ? A HOH 472 ? 1_555 86.3  ? 
9  O   ? H HOH .   ? A HOH 459 ? 1_555 CD ? D CD . ? A CD 303 ? 1_555 O   ? H HOH .   ? A HOH 472 ? 1_555 169.1 ? 
10 SG  ? A CYS 83  ? A CYS 122 ? 1_555 CD ? F CD . ? A CD 305 ? 1_555 O   ? H HOH .   ? A HOH 454 ? 1_555 97.6  ? 
11 SG  ? A CYS 83  ? A CYS 122 ? 1_555 CD ? F CD . ? A CD 305 ? 1_555 O   ? H HOH .   ? A HOH 472 ? 1_555 89.2  ? 
12 O   ? H HOH .   ? A HOH 454 ? 1_555 CD ? F CD . ? A CD 305 ? 1_555 O   ? H HOH .   ? A HOH 472 ? 1_555 102.1 ? 
13 SG  ? A CYS 83  ? A CYS 122 ? 1_555 CD ? F CD . ? A CD 305 ? 1_555 O   ? H HOH .   ? A HOH 473 ? 1_555 88.3  ? 
14 O   ? H HOH .   ? A HOH 454 ? 1_555 CD ? F CD . ? A CD 305 ? 1_555 O   ? H HOH .   ? A HOH 473 ? 1_555 173.5 ? 
15 O   ? H HOH .   ? A HOH 472 ? 1_555 CD ? F CD . ? A CD 305 ? 1_555 O   ? H HOH .   ? A HOH 473 ? 1_555 75.0  ? 
16 OE1 ? A GLU 128 ? A GLU 167 ? 1_555 CD ? B CD . ? A CD 301 ? 1_555 OE1 ? A GLU 128 ? A GLU 167 ? 1_555 0.0   ? 
17 OE1 ? A GLU 128 ? A GLU 167 ? 1_555 CD ? B CD . ? A CD 301 ? 1_555 SG  A A CYS 147 ? A CYS 186 ? 1_555 93.6  ? 
18 OE1 ? A GLU 128 ? A GLU 167 ? 1_555 CD ? B CD . ? A CD 301 ? 1_555 SG  A A CYS 147 ? A CYS 186 ? 1_555 93.6  ? 
19 OE1 ? A GLU 128 ? A GLU 167 ? 1_555 CD ? B CD . ? A CD 301 ? 1_555 SG  B A CYS 147 ? A CYS 186 ? 1_555 90.3  ? 
20 OE1 ? A GLU 128 ? A GLU 167 ? 1_555 CD ? B CD . ? A CD 301 ? 1_555 SG  B A CYS 147 ? A CYS 186 ? 1_555 90.3  ? 
21 SG  A A CYS 147 ? A CYS 186 ? 1_555 CD ? B CD . ? A CD 301 ? 1_555 SG  B A CYS 147 ? A CYS 186 ? 1_555 35.4  ? 
22 OE1 ? A GLU 128 ? A GLU 167 ? 1_555 CD ? B CD . ? A CD 301 ? 1_555 SG  A A CYS 147 ? A CYS 186 ? 1_555 93.6  ? 
23 OE1 ? A GLU 128 ? A GLU 167 ? 1_555 CD ? B CD . ? A CD 301 ? 1_555 SG  A A CYS 147 ? A CYS 186 ? 1_555 93.6  ? 
24 SG  A A CYS 147 ? A CYS 186 ? 1_555 CD ? B CD . ? A CD 301 ? 1_555 SG  A A CYS 147 ? A CYS 186 ? 1_555 0.0   ? 
25 SG  B A CYS 147 ? A CYS 186 ? 1_555 CD ? B CD . ? A CD 301 ? 1_555 SG  A A CYS 147 ? A CYS 186 ? 1_555 35.4  ? 
26 OE1 ? A GLU 128 ? A GLU 167 ? 1_555 CD ? B CD . ? A CD 301 ? 1_555 SG  B A CYS 147 ? A CYS 186 ? 1_555 90.3  ? 
27 OE1 ? A GLU 128 ? A GLU 167 ? 1_555 CD ? B CD . ? A CD 301 ? 1_555 SG  B A CYS 147 ? A CYS 186 ? 1_555 90.3  ? 
28 SG  A A CYS 147 ? A CYS 186 ? 1_555 CD ? B CD . ? A CD 301 ? 1_555 SG  B A CYS 147 ? A CYS 186 ? 1_555 35.4  ? 
29 SG  B A CYS 147 ? A CYS 186 ? 1_555 CD ? B CD . ? A CD 301 ? 1_555 SG  B A CYS 147 ? A CYS 186 ? 1_555 0.0   ? 
30 SG  A A CYS 147 ? A CYS 186 ? 1_555 CD ? B CD . ? A CD 301 ? 1_555 SG  B A CYS 147 ? A CYS 186 ? 1_555 35.4  ? 
31 OE1 ? A GLU 128 ? A GLU 167 ? 1_555 CD ? B CD . ? A CD 301 ? 1_555 O   ? H HOH .   ? A HOH 450 ? 1_555 86.2  ? 
32 OE1 ? A GLU 128 ? A GLU 167 ? 1_555 CD ? B CD . ? A CD 301 ? 1_555 O   ? H HOH .   ? A HOH 450 ? 1_555 86.2  ? 
33 SG  A A CYS 147 ? A CYS 186 ? 1_555 CD ? B CD . ? A CD 301 ? 1_555 O   ? H HOH .   ? A HOH 450 ? 1_555 116.3 ? 
34 SG  B A CYS 147 ? A CYS 186 ? 1_555 CD ? B CD . ? A CD 301 ? 1_555 O   ? H HOH .   ? A HOH 450 ? 1_555 151.3 ? 
35 SG  A A CYS 147 ? A CYS 186 ? 1_555 CD ? B CD . ? A CD 301 ? 1_555 O   ? H HOH .   ? A HOH 450 ? 1_555 116.3 ? 
36 SG  B A CYS 147 ? A CYS 186 ? 1_555 CD ? B CD . ? A CD 301 ? 1_555 O   ? H HOH .   ? A HOH 450 ? 1_555 151.3 ? 
37 OE1 ? A GLU 128 ? A GLU 167 ? 1_555 CD ? B CD . ? A CD 301 ? 1_555 O   ? H HOH .   ? A HOH 450 ? 5_655 96.6  ? 
38 OE1 ? A GLU 128 ? A GLU 167 ? 1_555 CD ? B CD . ? A CD 301 ? 1_555 O   ? H HOH .   ? A HOH 450 ? 5_655 96.6  ? 
39 SG  A A CYS 147 ? A CYS 186 ? 1_555 CD ? B CD . ? A CD 301 ? 1_555 O   ? H HOH .   ? A HOH 450 ? 5_655 74.1  ? 
40 SG  B A CYS 147 ? A CYS 186 ? 1_555 CD ? B CD . ? A CD 301 ? 1_555 O   ? H HOH .   ? A HOH 450 ? 5_655 109.6 ? 
41 SG  A A CYS 147 ? A CYS 186 ? 1_555 CD ? B CD . ? A CD 301 ? 1_555 O   ? H HOH .   ? A HOH 450 ? 5_655 74.1  ? 
42 SG  B A CYS 147 ? A CYS 186 ? 1_555 CD ? B CD . ? A CD 301 ? 1_555 O   ? H HOH .   ? A HOH 450 ? 5_655 109.6 ? 
43 O   ? H HOH .   ? A HOH 450 ? 1_555 CD ? B CD . ? A CD 301 ? 1_555 O   ? H HOH .   ? A HOH 450 ? 5_655 43.0  ? 
44 OE1 ? A GLU 128 ? A GLU 167 ? 1_555 CD ? C CD . ? A CD 302 ? 1_555 OE2 ? A GLU 128 ? A GLU 167 ? 1_555 52.5  ? 
45 OE1 ? A GLU 128 ? A GLU 167 ? 1_555 CD ? C CD . ? A CD 302 ? 1_555 SG  A A CYS 147 ? A CYS 186 ? 1_555 31.5  ? 
46 OE2 ? A GLU 128 ? A GLU 167 ? 1_555 CD ? C CD . ? A CD 302 ? 1_555 SG  A A CYS 147 ? A CYS 186 ? 1_555 75.0  ? 
47 OE1 ? A GLU 128 ? A GLU 167 ? 1_555 CD ? C CD . ? A CD 302 ? 1_555 SG  B A CYS 147 ? A CYS 186 ? 1_555 43.2  ? 
48 OE2 ? A GLU 128 ? A GLU 167 ? 1_555 CD ? C CD . ? A CD 302 ? 1_555 SG  B A CYS 147 ? A CYS 186 ? 1_555 76.5  ? 
49 SG  A A CYS 147 ? A CYS 186 ? 1_555 CD ? C CD . ? A CD 302 ? 1_555 SG  B A CYS 147 ? A CYS 186 ? 1_555 15.2  ? 
50 OE1 ? A GLU 128 ? A GLU 167 ? 1_555 CD ? C CD . ? A CD 302 ? 1_555 O   ? H HOH .   ? A HOH 457 ? 5_655 143.4 ? 
51 OE2 ? A GLU 128 ? A GLU 167 ? 1_555 CD ? C CD . ? A CD 302 ? 1_555 O   ? H HOH .   ? A HOH 457 ? 5_655 102.6 ? 
52 SG  A A CYS 147 ? A CYS 186 ? 1_555 CD ? C CD . ? A CD 302 ? 1_555 O   ? H HOH .   ? A HOH 457 ? 5_655 126.9 ? 
53 SG  B A CYS 147 ? A CYS 186 ? 1_555 CD ? C CD . ? A CD 302 ? 1_555 O   ? H HOH .   ? A HOH 457 ? 5_655 111.7 ? 
54 OE1 ? A GLU 128 ? A GLU 167 ? 1_555 CD ? C CD . ? A CD 302 ? 1_555 O   ? H HOH .   ? A HOH 466 ? 1_555 108.6 ? 
55 OE2 ? A GLU 128 ? A GLU 167 ? 1_555 CD ? C CD . ? A CD 302 ? 1_555 O   ? H HOH .   ? A HOH 466 ? 1_555 107.2 ? 
56 SG  A A CYS 147 ? A CYS 186 ? 1_555 CD ? C CD . ? A CD 302 ? 1_555 O   ? H HOH .   ? A HOH 466 ? 1_555 127.6 ? 
57 SG  B A CYS 147 ? A CYS 186 ? 1_555 CD ? C CD . ? A CD 302 ? 1_555 O   ? H HOH .   ? A HOH 466 ? 1_555 142.3 ? 
58 O   ? H HOH .   ? A HOH 457 ? 5_655 CD ? C CD . ? A CD 302 ? 1_555 O   ? H HOH .   ? A HOH 466 ? 1_555 104.2 ? 
# 
loop_
_struct_mon_prot_cis.pdbx_id 
_struct_mon_prot_cis.label_comp_id 
_struct_mon_prot_cis.label_seq_id 
_struct_mon_prot_cis.label_asym_id 
_struct_mon_prot_cis.label_alt_id 
_struct_mon_prot_cis.pdbx_PDB_ins_code 
_struct_mon_prot_cis.auth_comp_id 
_struct_mon_prot_cis.auth_seq_id 
_struct_mon_prot_cis.auth_asym_id 
_struct_mon_prot_cis.pdbx_label_comp_id_2 
_struct_mon_prot_cis.pdbx_label_seq_id_2 
_struct_mon_prot_cis.pdbx_label_asym_id_2 
_struct_mon_prot_cis.pdbx_PDB_ins_code_2 
_struct_mon_prot_cis.pdbx_auth_comp_id_2 
_struct_mon_prot_cis.pdbx_auth_seq_id_2 
_struct_mon_prot_cis.pdbx_auth_asym_id_2 
_struct_mon_prot_cis.pdbx_PDB_model_num 
_struct_mon_prot_cis.pdbx_omega_angle 
1 PHE 33 A . ? PHE 72  A PRO 34 A ? PRO 73  A 1 -6.26  
2 SER 90 A . ? SER 129 A PRO 91 A ? PRO 130 A 1 -14.84 
# 
loop_
_struct_sheet.id 
_struct_sheet.type 
_struct_sheet.number_strands 
_struct_sheet.details 
AA1 ? 3 ? 
AA2 ? 5 ? 
AA3 ? 4 ? 
AA4 ? 3 ? 
AA5 ? 2 ? 
# 
loop_
_struct_sheet_order.sheet_id 
_struct_sheet_order.range_id_1 
_struct_sheet_order.range_id_2 
_struct_sheet_order.offset 
_struct_sheet_order.sense 
AA1 1 2 ? anti-parallel 
AA1 2 3 ? anti-parallel 
AA2 1 2 ? parallel      
AA2 2 3 ? anti-parallel 
AA2 3 4 ? anti-parallel 
AA2 4 5 ? anti-parallel 
AA3 1 2 ? anti-parallel 
AA3 2 3 ? anti-parallel 
AA3 3 4 ? anti-parallel 
AA4 1 2 ? anti-parallel 
AA4 2 3 ? parallel      
AA5 1 2 ? anti-parallel 
# 
loop_
_struct_sheet_range.sheet_id 
_struct_sheet_range.id 
_struct_sheet_range.beg_label_comp_id 
_struct_sheet_range.beg_label_asym_id 
_struct_sheet_range.beg_label_seq_id 
_struct_sheet_range.pdbx_beg_PDB_ins_code 
_struct_sheet_range.end_label_comp_id 
_struct_sheet_range.end_label_asym_id 
_struct_sheet_range.end_label_seq_id 
_struct_sheet_range.pdbx_end_PDB_ins_code 
_struct_sheet_range.beg_auth_comp_id 
_struct_sheet_range.beg_auth_asym_id 
_struct_sheet_range.beg_auth_seq_id 
_struct_sheet_range.end_auth_comp_id 
_struct_sheet_range.end_auth_asym_id 
_struct_sheet_range.end_auth_seq_id 
AA1 1 ARG A 4   ? LEU A 7   ? ARG A 43  LEU A 46  
AA1 2 LYS A 37  ? SER A 41  ? LYS A 76  SER A 80  
AA1 3 VAL A 102 ? SER A 103 ? VAL A 141 SER A 142 
AA2 1 GLU A 22  ? ILE A 24  ? GLU A 61  ILE A 63  
AA2 2 PHE A 153 ? VAL A 156 ? PHE A 192 VAL A 195 
AA2 3 LYS A 126 ? VAL A 136 ? LYS A 165 VAL A 175 
AA2 4 MET A 48  ? ALA A 57  ? MET A 87  ALA A 96  
AA2 5 ASN A 92  ? PHE A 93  ? ASN A 131 PHE A 132 
AA3 1 TYR A 85  ? ILE A 86  ? TYR A 124 ILE A 125 
AA3 2 MET A 48  ? ALA A 57  ? MET A 87  ALA A 96  
AA3 3 LYS A 126 ? VAL A 136 ? LYS A 165 VAL A 175 
AA3 4 MET A 142 ? CYS A 147 ? MET A 181 CYS A 186 
AA4 1 ARG A 30  ? ARG A 31  ? ARG A 69  ARG A 70  
AA4 2 LYS A 108 ? THR A 110 ? LYS A 147 THR A 149 
AA4 3 ILE A 119 ? MET A 120 ? ILE A 158 MET A 159 
AA5 1 TRP A 63  ? VAL A 66  ? TRP A 102 VAL A 105 
AA5 2 GLU A 69  ? PRO A 72  ? GLU A 108 PRO A 111 
# 
loop_
_pdbx_struct_sheet_hbond.sheet_id 
_pdbx_struct_sheet_hbond.range_id_1 
_pdbx_struct_sheet_hbond.range_id_2 
_pdbx_struct_sheet_hbond.range_1_label_atom_id 
_pdbx_struct_sheet_hbond.range_1_label_comp_id 
_pdbx_struct_sheet_hbond.range_1_label_asym_id 
_pdbx_struct_sheet_hbond.range_1_label_seq_id 
_pdbx_struct_sheet_hbond.range_1_PDB_ins_code 
_pdbx_struct_sheet_hbond.range_1_auth_atom_id 
_pdbx_struct_sheet_hbond.range_1_auth_comp_id 
_pdbx_struct_sheet_hbond.range_1_auth_asym_id 
_pdbx_struct_sheet_hbond.range_1_auth_seq_id 
_pdbx_struct_sheet_hbond.range_2_label_atom_id 
_pdbx_struct_sheet_hbond.range_2_label_comp_id 
_pdbx_struct_sheet_hbond.range_2_label_asym_id 
_pdbx_struct_sheet_hbond.range_2_label_seq_id 
_pdbx_struct_sheet_hbond.range_2_PDB_ins_code 
_pdbx_struct_sheet_hbond.range_2_auth_atom_id 
_pdbx_struct_sheet_hbond.range_2_auth_comp_id 
_pdbx_struct_sheet_hbond.range_2_auth_asym_id 
_pdbx_struct_sheet_hbond.range_2_auth_seq_id 
AA1 1 2 N GLY A 6   ? N GLY A 45  O ASN A 39  ? O ASN A 78  
AA1 2 3 N VAL A 38  ? N VAL A 77  O VAL A 102 ? O VAL A 141 
AA2 1 2 N MET A 23  ? N MET A 62  O VAL A 156 ? O VAL A 195 
AA2 2 3 O PHE A 153 ? O PHE A 192 N TYR A 127 ? N TYR A 166 
AA2 3 4 O ARG A 130 ? O ARG A 169 N ASP A 54  ? N ASP A 93  
AA2 4 5 N TYR A 49  ? N TYR A 88  O ASN A 92  ? O ASN A 131 
AA3 1 2 O TYR A 85  ? O TYR A 124 N LEU A 53  ? N LEU A 92  
AA3 2 3 N ASP A 54  ? N ASP A 93  O ARG A 130 ? O ARG A 169 
AA3 3 4 N ILE A 133 ? N ILE A 172 O THR A 144 ? O THR A 183 
AA4 1 2 N ARG A 30  ? N ARG A 69  O LEU A 109 ? O LEU A 148 
AA4 2 3 N LYS A 108 ? N LYS A 147 O ILE A 119 ? O ILE A 158 
AA5 1 2 N VAL A 66  ? N VAL A 105 O GLU A 69  ? O GLU A 108 
# 
loop_
_struct_site.id 
_struct_site.pdbx_evidence_code 
_struct_site.pdbx_auth_asym_id 
_struct_site.pdbx_auth_comp_id 
_struct_site.pdbx_auth_seq_id 
_struct_site.pdbx_auth_ins_code 
_struct_site.pdbx_num_residues 
_struct_site.details 
AC1 Software A CD  301 ? 8 'binding site for residue CD A 301'  
AC2 Software A CD  302 ? 6 'binding site for residue CD A 302'  
AC3 Software A CD  303 ? 4 'binding site for residue CD A 303'  
AC4 Software A CD  304 ? 5 'binding site for residue CD A 304'  
AC5 Software A CD  305 ? 4 'binding site for residue CD A 305'  
AC6 Software A NXJ 306 ? 2 'binding site for residue NXJ A 306' 
# 
loop_
_struct_site_gen.id 
_struct_site_gen.site_id 
_struct_site_gen.pdbx_num_res 
_struct_site_gen.label_comp_id 
_struct_site_gen.label_asym_id 
_struct_site_gen.label_seq_id 
_struct_site_gen.pdbx_auth_ins_code 
_struct_site_gen.auth_comp_id 
_struct_site_gen.auth_asym_id 
_struct_site_gen.auth_seq_id 
_struct_site_gen.label_atom_id 
_struct_site_gen.label_alt_id 
_struct_site_gen.symmetry 
_struct_site_gen.details 
1  AC1 8 GLU A 128 ? GLU A 167 . ? 1_555 ? 
2  AC1 8 GLU A 128 ? GLU A 167 . ? 5_655 ? 
3  AC1 8 CYS A 147 ? CYS A 186 . ? 5_655 ? 
4  AC1 8 CYS A 147 ? CYS A 186 . ? 1_555 ? 
5  AC1 8 CD  C .   ? CD  A 302 . ? 5_655 ? 
6  AC1 8 CD  C .   ? CD  A 302 . ? 1_555 ? 
7  AC1 8 HOH H .   ? HOH A 450 . ? 5_655 ? 
8  AC1 8 HOH H .   ? HOH A 450 . ? 1_555 ? 
9  AC2 6 GLU A 128 ? GLU A 167 . ? 1_555 ? 
10 AC2 6 CYS A 147 ? CYS A 186 . ? 5_655 ? 
11 AC2 6 CD  B .   ? CD  A 301 . ? 5_655 ? 
12 AC2 6 CD  B .   ? CD  A 301 . ? 1_555 ? 
13 AC2 6 HOH H .   ? HOH A 457 . ? 5_655 ? 
14 AC2 6 HOH H .   ? HOH A 466 . ? 1_555 ? 
15 AC3 4 CYS A 83  ? CYS A 122 . ? 1_555 ? 
16 AC3 4 HOH H .   ? HOH A 447 . ? 1_555 ? 
17 AC3 4 HOH H .   ? HOH A 459 . ? 1_555 ? 
18 AC3 4 HOH H .   ? HOH A 472 . ? 1_555 ? 
19 AC4 5 LEU A 52  ? LEU A 91  . ? 5_655 ? 
20 AC4 5 HIS A 61  ? HIS A 100 . ? 1_555 ? 
21 AC4 5 HOH H .   ? HOH A 461 . ? 1_555 ? 
22 AC4 5 HOH H .   ? HOH A 462 . ? 1_555 ? 
23 AC4 5 HOH H .   ? HOH A 467 . ? 1_555 ? 
24 AC5 4 CYS A 83  ? CYS A 122 . ? 1_555 ? 
25 AC5 4 HOH H .   ? HOH A 454 . ? 1_555 ? 
26 AC5 4 HOH H .   ? HOH A 472 . ? 1_555 ? 
27 AC5 4 HOH H .   ? HOH A 473 . ? 1_555 ? 
28 AC6 2 SER A 50  ? SER A 89  . ? 1_555 ? 
29 AC6 2 PHE A 93  ? PHE A 132 . ? 6_555 ? 
# 
loop_
_pdbx_validate_torsion.id 
_pdbx_validate_torsion.PDB_model_num 
_pdbx_validate_torsion.auth_comp_id 
_pdbx_validate_torsion.auth_asym_id 
_pdbx_validate_torsion.auth_seq_id 
_pdbx_validate_torsion.PDB_ins_code 
_pdbx_validate_torsion.label_alt_id 
_pdbx_validate_torsion.phi 
_pdbx_validate_torsion.psi 
1 1 THR A 59  ? ? 71.09  104.27 
2 1 PHE A 143 ? ? -90.76 55.36  
# 
_pdbx_struct_special_symmetry.id              1 
_pdbx_struct_special_symmetry.PDB_model_num   1 
_pdbx_struct_special_symmetry.auth_asym_id    A 
_pdbx_struct_special_symmetry.auth_comp_id    CD 
_pdbx_struct_special_symmetry.auth_seq_id     301 
_pdbx_struct_special_symmetry.PDB_ins_code    ? 
_pdbx_struct_special_symmetry.label_asym_id   B 
_pdbx_struct_special_symmetry.label_comp_id   CD 
_pdbx_struct_special_symmetry.label_seq_id    . 
# 
_phasing.method   MR 
# 
_pdbx_entry_details.entry_id                 5QRO 
_pdbx_entry_details.has_ligand_of_interest   Y 
_pdbx_entry_details.compound_details         ? 
_pdbx_entry_details.source_details           ? 
_pdbx_entry_details.nonpolymer_details       ? 
_pdbx_entry_details.sequence_details         ? 
# 
loop_
_pdbx_distant_solvent_atoms.id 
_pdbx_distant_solvent_atoms.PDB_model_num 
_pdbx_distant_solvent_atoms.auth_atom_id 
_pdbx_distant_solvent_atoms.label_alt_id 
_pdbx_distant_solvent_atoms.auth_asym_id 
_pdbx_distant_solvent_atoms.auth_comp_id 
_pdbx_distant_solvent_atoms.auth_seq_id 
_pdbx_distant_solvent_atoms.PDB_ins_code 
_pdbx_distant_solvent_atoms.neighbor_macromolecule_distance 
_pdbx_distant_solvent_atoms.neighbor_ligand_distance 
1 1 O ? A HOH 472 ? 6.27 . 
2 1 O ? A HOH 473 ? 6.55 . 
# 
_pdbx_unobs_or_zero_occ_residues.id               1 
_pdbx_unobs_or_zero_occ_residues.PDB_model_num    1 
_pdbx_unobs_or_zero_occ_residues.polymer_flag     Y 
_pdbx_unobs_or_zero_occ_residues.occupancy_flag   1 
_pdbx_unobs_or_zero_occ_residues.auth_asym_id     A 
_pdbx_unobs_or_zero_occ_residues.auth_comp_id     GLY 
_pdbx_unobs_or_zero_occ_residues.auth_seq_id      40 
_pdbx_unobs_or_zero_occ_residues.PDB_ins_code     ? 
_pdbx_unobs_or_zero_occ_residues.label_asym_id    A 
_pdbx_unobs_or_zero_occ_residues.label_comp_id    GLY 
_pdbx_unobs_or_zero_occ_residues.label_seq_id     1 
# 
loop_
_chem_comp_atom.comp_id 
_chem_comp_atom.atom_id 
_chem_comp_atom.type_symbol 
_chem_comp_atom.pdbx_aromatic_flag 
_chem_comp_atom.pdbx_stereo_config 
_chem_comp_atom.pdbx_ordinal 
ALA N    N  N N 1   
ALA CA   C  N S 2   
ALA C    C  N N 3   
ALA O    O  N N 4   
ALA CB   C  N N 5   
ALA OXT  O  N N 6   
ALA H    H  N N 7   
ALA H2   H  N N 8   
ALA HA   H  N N 9   
ALA HB1  H  N N 10  
ALA HB2  H  N N 11  
ALA HB3  H  N N 12  
ALA HXT  H  N N 13  
ARG N    N  N N 14  
ARG CA   C  N S 15  
ARG C    C  N N 16  
ARG O    O  N N 17  
ARG CB   C  N N 18  
ARG CG   C  N N 19  
ARG CD   C  N N 20  
ARG NE   N  N N 21  
ARG CZ   C  N N 22  
ARG NH1  N  N N 23  
ARG NH2  N  N N 24  
ARG OXT  O  N N 25  
ARG H    H  N N 26  
ARG H2   H  N N 27  
ARG HA   H  N N 28  
ARG HB2  H  N N 29  
ARG HB3  H  N N 30  
ARG HG2  H  N N 31  
ARG HG3  H  N N 32  
ARG HD2  H  N N 33  
ARG HD3  H  N N 34  
ARG HE   H  N N 35  
ARG HH11 H  N N 36  
ARG HH12 H  N N 37  
ARG HH21 H  N N 38  
ARG HH22 H  N N 39  
ARG HXT  H  N N 40  
ASN N    N  N N 41  
ASN CA   C  N S 42  
ASN C    C  N N 43  
ASN O    O  N N 44  
ASN CB   C  N N 45  
ASN CG   C  N N 46  
ASN OD1  O  N N 47  
ASN ND2  N  N N 48  
ASN OXT  O  N N 49  
ASN H    H  N N 50  
ASN H2   H  N N 51  
ASN HA   H  N N 52  
ASN HB2  H  N N 53  
ASN HB3  H  N N 54  
ASN HD21 H  N N 55  
ASN HD22 H  N N 56  
ASN HXT  H  N N 57  
ASP N    N  N N 58  
ASP CA   C  N S 59  
ASP C    C  N N 60  
ASP O    O  N N 61  
ASP CB   C  N N 62  
ASP CG   C  N N 63  
ASP OD1  O  N N 64  
ASP OD2  O  N N 65  
ASP OXT  O  N N 66  
ASP H    H  N N 67  
ASP H2   H  N N 68  
ASP HA   H  N N 69  
ASP HB2  H  N N 70  
ASP HB3  H  N N 71  
ASP HD2  H  N N 72  
ASP HXT  H  N N 73  
CD  CD   CD N N 74  
CYS N    N  N N 75  
CYS CA   C  N R 76  
CYS C    C  N N 77  
CYS O    O  N N 78  
CYS CB   C  N N 79  
CYS SG   S  N N 80  
CYS OXT  O  N N 81  
CYS H    H  N N 82  
CYS H2   H  N N 83  
CYS HA   H  N N 84  
CYS HB2  H  N N 85  
CYS HB3  H  N N 86  
CYS HG   H  N N 87  
CYS HXT  H  N N 88  
GLN N    N  N N 89  
GLN CA   C  N S 90  
GLN C    C  N N 91  
GLN O    O  N N 92  
GLN CB   C  N N 93  
GLN CG   C  N N 94  
GLN CD   C  N N 95  
GLN OE1  O  N N 96  
GLN NE2  N  N N 97  
GLN OXT  O  N N 98  
GLN H    H  N N 99  
GLN H2   H  N N 100 
GLN HA   H  N N 101 
GLN HB2  H  N N 102 
GLN HB3  H  N N 103 
GLN HG2  H  N N 104 
GLN HG3  H  N N 105 
GLN HE21 H  N N 106 
GLN HE22 H  N N 107 
GLN HXT  H  N N 108 
GLU N    N  N N 109 
GLU CA   C  N S 110 
GLU C    C  N N 111 
GLU O    O  N N 112 
GLU CB   C  N N 113 
GLU CG   C  N N 114 
GLU CD   C  N N 115 
GLU OE1  O  N N 116 
GLU OE2  O  N N 117 
GLU OXT  O  N N 118 
GLU H    H  N N 119 
GLU H2   H  N N 120 
GLU HA   H  N N 121 
GLU HB2  H  N N 122 
GLU HB3  H  N N 123 
GLU HG2  H  N N 124 
GLU HG3  H  N N 125 
GLU HE2  H  N N 126 
GLU HXT  H  N N 127 
GLY N    N  N N 128 
GLY CA   C  N N 129 
GLY C    C  N N 130 
GLY O    O  N N 131 
GLY OXT  O  N N 132 
GLY H    H  N N 133 
GLY H2   H  N N 134 
GLY HA2  H  N N 135 
GLY HA3  H  N N 136 
GLY HXT  H  N N 137 
HIS N    N  N N 138 
HIS CA   C  N S 139 
HIS C    C  N N 140 
HIS O    O  N N 141 
HIS CB   C  N N 142 
HIS CG   C  Y N 143 
HIS ND1  N  Y N 144 
HIS CD2  C  Y N 145 
HIS CE1  C  Y N 146 
HIS NE2  N  Y N 147 
HIS OXT  O  N N 148 
HIS H    H  N N 149 
HIS H2   H  N N 150 
HIS HA   H  N N 151 
HIS HB2  H  N N 152 
HIS HB3  H  N N 153 
HIS HD1  H  N N 154 
HIS HD2  H  N N 155 
HIS HE1  H  N N 156 
HIS HE2  H  N N 157 
HIS HXT  H  N N 158 
HOH O    O  N N 159 
HOH H1   H  N N 160 
HOH H2   H  N N 161 
ILE N    N  N N 162 
ILE CA   C  N S 163 
ILE C    C  N N 164 
ILE O    O  N N 165 
ILE CB   C  N S 166 
ILE CG1  C  N N 167 
ILE CG2  C  N N 168 
ILE CD1  C  N N 169 
ILE OXT  O  N N 170 
ILE H    H  N N 171 
ILE H2   H  N N 172 
ILE HA   H  N N 173 
ILE HB   H  N N 174 
ILE HG12 H  N N 175 
ILE HG13 H  N N 176 
ILE HG21 H  N N 177 
ILE HG22 H  N N 178 
ILE HG23 H  N N 179 
ILE HD11 H  N N 180 
ILE HD12 H  N N 181 
ILE HD13 H  N N 182 
ILE HXT  H  N N 183 
LEU N    N  N N 184 
LEU CA   C  N S 185 
LEU C    C  N N 186 
LEU O    O  N N 187 
LEU CB   C  N N 188 
LEU CG   C  N N 189 
LEU CD1  C  N N 190 
LEU CD2  C  N N 191 
LEU OXT  O  N N 192 
LEU H    H  N N 193 
LEU H2   H  N N 194 
LEU HA   H  N N 195 
LEU HB2  H  N N 196 
LEU HB3  H  N N 197 
LEU HG   H  N N 198 
LEU HD11 H  N N 199 
LEU HD12 H  N N 200 
LEU HD13 H  N N 201 
LEU HD21 H  N N 202 
LEU HD22 H  N N 203 
LEU HD23 H  N N 204 
LEU HXT  H  N N 205 
LYS N    N  N N 206 
LYS CA   C  N S 207 
LYS C    C  N N 208 
LYS O    O  N N 209 
LYS CB   C  N N 210 
LYS CG   C  N N 211 
LYS CD   C  N N 212 
LYS CE   C  N N 213 
LYS NZ   N  N N 214 
LYS OXT  O  N N 215 
LYS H    H  N N 216 
LYS H2   H  N N 217 
LYS HA   H  N N 218 
LYS HB2  H  N N 219 
LYS HB3  H  N N 220 
LYS HG2  H  N N 221 
LYS HG3  H  N N 222 
LYS HD2  H  N N 223 
LYS HD3  H  N N 224 
LYS HE2  H  N N 225 
LYS HE3  H  N N 226 
LYS HZ1  H  N N 227 
LYS HZ2  H  N N 228 
LYS HZ3  H  N N 229 
LYS HXT  H  N N 230 
MET N    N  N N 231 
MET CA   C  N S 232 
MET C    C  N N 233 
MET O    O  N N 234 
MET CB   C  N N 235 
MET CG   C  N N 236 
MET SD   S  N N 237 
MET CE   C  N N 238 
MET OXT  O  N N 239 
MET H    H  N N 240 
MET H2   H  N N 241 
MET HA   H  N N 242 
MET HB2  H  N N 243 
MET HB3  H  N N 244 
MET HG2  H  N N 245 
MET HG3  H  N N 246 
MET HE1  H  N N 247 
MET HE2  H  N N 248 
MET HE3  H  N N 249 
MET HXT  H  N N 250 
NXJ N1   N  Y N 251 
NXJ C4   C  N N 252 
NXJ C5   C  N N 253 
NXJ C6   C  N N 254 
NXJ C7   C  Y N 255 
NXJ C8   C  Y N 256 
NXJ C10  C  Y N 257 
NXJ N    N  N N 258 
NXJ C    C  N N 259 
NXJ O    O  N N 260 
NXJ C1   C  N N 261 
NXJ C11  C  Y N 262 
NXJ C2   C  N S 263 
NXJ C3   C  N N 264 
NXJ C9   C  Y N 265 
NXJ H1   H  N N 266 
NXJ H2   H  N N 267 
NXJ H3   H  N N 268 
NXJ H4   H  N N 269 
NXJ H5   H  N N 270 
NXJ H6   H  N N 271 
NXJ H7   H  N N 272 
NXJ H8   H  N N 273 
NXJ H9   H  N N 274 
NXJ H10  H  N N 275 
NXJ H11  H  N N 276 
NXJ H12  H  N N 277 
NXJ H13  H  N N 278 
NXJ H14  H  N N 279 
NXJ H15  H  N N 280 
NXJ H16  H  N N 281 
PHE N    N  N N 282 
PHE CA   C  N S 283 
PHE C    C  N N 284 
PHE O    O  N N 285 
PHE CB   C  N N 286 
PHE CG   C  Y N 287 
PHE CD1  C  Y N 288 
PHE CD2  C  Y N 289 
PHE CE1  C  Y N 290 
PHE CE2  C  Y N 291 
PHE CZ   C  Y N 292 
PHE OXT  O  N N 293 
PHE H    H  N N 294 
PHE H2   H  N N 295 
PHE HA   H  N N 296 
PHE HB2  H  N N 297 
PHE HB3  H  N N 298 
PHE HD1  H  N N 299 
PHE HD2  H  N N 300 
PHE HE1  H  N N 301 
PHE HE2  H  N N 302 
PHE HZ   H  N N 303 
PHE HXT  H  N N 304 
PRO N    N  N N 305 
PRO CA   C  N S 306 
PRO C    C  N N 307 
PRO O    O  N N 308 
PRO CB   C  N N 309 
PRO CG   C  N N 310 
PRO CD   C  N N 311 
PRO OXT  O  N N 312 
PRO H    H  N N 313 
PRO HA   H  N N 314 
PRO HB2  H  N N 315 
PRO HB3  H  N N 316 
PRO HG2  H  N N 317 
PRO HG3  H  N N 318 
PRO HD2  H  N N 319 
PRO HD3  H  N N 320 
PRO HXT  H  N N 321 
SER N    N  N N 322 
SER CA   C  N S 323 
SER C    C  N N 324 
SER O    O  N N 325 
SER CB   C  N N 326 
SER OG   O  N N 327 
SER OXT  O  N N 328 
SER H    H  N N 329 
SER H2   H  N N 330 
SER HA   H  N N 331 
SER HB2  H  N N 332 
SER HB3  H  N N 333 
SER HG   H  N N 334 
SER HXT  H  N N 335 
THR N    N  N N 336 
THR CA   C  N S 337 
THR C    C  N N 338 
THR O    O  N N 339 
THR CB   C  N R 340 
THR OG1  O  N N 341 
THR CG2  C  N N 342 
THR OXT  O  N N 343 
THR H    H  N N 344 
THR H2   H  N N 345 
THR HA   H  N N 346 
THR HB   H  N N 347 
THR HG1  H  N N 348 
THR HG21 H  N N 349 
THR HG22 H  N N 350 
THR HG23 H  N N 351 
THR HXT  H  N N 352 
TRP N    N  N N 353 
TRP CA   C  N S 354 
TRP C    C  N N 355 
TRP O    O  N N 356 
TRP CB   C  N N 357 
TRP CG   C  Y N 358 
TRP CD1  C  Y N 359 
TRP CD2  C  Y N 360 
TRP NE1  N  Y N 361 
TRP CE2  C  Y N 362 
TRP CE3  C  Y N 363 
TRP CZ2  C  Y N 364 
TRP CZ3  C  Y N 365 
TRP CH2  C  Y N 366 
TRP OXT  O  N N 367 
TRP H    H  N N 368 
TRP H2   H  N N 369 
TRP HA   H  N N 370 
TRP HB2  H  N N 371 
TRP HB3  H  N N 372 
TRP HD1  H  N N 373 
TRP HE1  H  N N 374 
TRP HE3  H  N N 375 
TRP HZ2  H  N N 376 
TRP HZ3  H  N N 377 
TRP HH2  H  N N 378 
TRP HXT  H  N N 379 
TYR N    N  N N 380 
TYR CA   C  N S 381 
TYR C    C  N N 382 
TYR O    O  N N 383 
TYR CB   C  N N 384 
TYR CG   C  Y N 385 
TYR CD1  C  Y N 386 
TYR CD2  C  Y N 387 
TYR CE1  C  Y N 388 
TYR CE2  C  Y N 389 
TYR CZ   C  Y N 390 
TYR OH   O  N N 391 
TYR OXT  O  N N 392 
TYR H    H  N N 393 
TYR H2   H  N N 394 
TYR HA   H  N N 395 
TYR HB2  H  N N 396 
TYR HB3  H  N N 397 
TYR HD1  H  N N 398 
TYR HD2  H  N N 399 
TYR HE1  H  N N 400 
TYR HE2  H  N N 401 
TYR HH   H  N N 402 
TYR HXT  H  N N 403 
VAL N    N  N N 404 
VAL CA   C  N S 405 
VAL C    C  N N 406 
VAL O    O  N N 407 
VAL CB   C  N N 408 
VAL CG1  C  N N 409 
VAL CG2  C  N N 410 
VAL OXT  O  N N 411 
VAL H    H  N N 412 
VAL H2   H  N N 413 
VAL HA   H  N N 414 
VAL HB   H  N N 415 
VAL HG11 H  N N 416 
VAL HG12 H  N N 417 
VAL HG13 H  N N 418 
VAL HG21 H  N N 419 
VAL HG22 H  N N 420 
VAL HG23 H  N N 421 
VAL HXT  H  N N 422 
# 
loop_
_chem_comp_bond.comp_id 
_chem_comp_bond.atom_id_1 
_chem_comp_bond.atom_id_2 
_chem_comp_bond.value_order 
_chem_comp_bond.pdbx_aromatic_flag 
_chem_comp_bond.pdbx_stereo_config 
_chem_comp_bond.pdbx_ordinal 
ALA N   CA   sing N N 1   
ALA N   H    sing N N 2   
ALA N   H2   sing N N 3   
ALA CA  C    sing N N 4   
ALA CA  CB   sing N N 5   
ALA CA  HA   sing N N 6   
ALA C   O    doub N N 7   
ALA C   OXT  sing N N 8   
ALA CB  HB1  sing N N 9   
ALA CB  HB2  sing N N 10  
ALA CB  HB3  sing N N 11  
ALA OXT HXT  sing N N 12  
ARG N   CA   sing N N 13  
ARG N   H    sing N N 14  
ARG N   H2   sing N N 15  
ARG CA  C    sing N N 16  
ARG CA  CB   sing N N 17  
ARG CA  HA   sing N N 18  
ARG C   O    doub N N 19  
ARG C   OXT  sing N N 20  
ARG CB  CG   sing N N 21  
ARG CB  HB2  sing N N 22  
ARG CB  HB3  sing N N 23  
ARG CG  CD   sing N N 24  
ARG CG  HG2  sing N N 25  
ARG CG  HG3  sing N N 26  
ARG CD  NE   sing N N 27  
ARG CD  HD2  sing N N 28  
ARG CD  HD3  sing N N 29  
ARG NE  CZ   sing N N 30  
ARG NE  HE   sing N N 31  
ARG CZ  NH1  sing N N 32  
ARG CZ  NH2  doub N N 33  
ARG NH1 HH11 sing N N 34  
ARG NH1 HH12 sing N N 35  
ARG NH2 HH21 sing N N 36  
ARG NH2 HH22 sing N N 37  
ARG OXT HXT  sing N N 38  
ASN N   CA   sing N N 39  
ASN N   H    sing N N 40  
ASN N   H2   sing N N 41  
ASN CA  C    sing N N 42  
ASN CA  CB   sing N N 43  
ASN CA  HA   sing N N 44  
ASN C   O    doub N N 45  
ASN C   OXT  sing N N 46  
ASN CB  CG   sing N N 47  
ASN CB  HB2  sing N N 48  
ASN CB  HB3  sing N N 49  
ASN CG  OD1  doub N N 50  
ASN CG  ND2  sing N N 51  
ASN ND2 HD21 sing N N 52  
ASN ND2 HD22 sing N N 53  
ASN OXT HXT  sing N N 54  
ASP N   CA   sing N N 55  
ASP N   H    sing N N 56  
ASP N   H2   sing N N 57  
ASP CA  C    sing N N 58  
ASP CA  CB   sing N N 59  
ASP CA  HA   sing N N 60  
ASP C   O    doub N N 61  
ASP C   OXT  sing N N 62  
ASP CB  CG   sing N N 63  
ASP CB  HB2  sing N N 64  
ASP CB  HB3  sing N N 65  
ASP CG  OD1  doub N N 66  
ASP CG  OD2  sing N N 67  
ASP OD2 HD2  sing N N 68  
ASP OXT HXT  sing N N 69  
CYS N   CA   sing N N 70  
CYS N   H    sing N N 71  
CYS N   H2   sing N N 72  
CYS CA  C    sing N N 73  
CYS CA  CB   sing N N 74  
CYS CA  HA   sing N N 75  
CYS C   O    doub N N 76  
CYS C   OXT  sing N N 77  
CYS CB  SG   sing N N 78  
CYS CB  HB2  sing N N 79  
CYS CB  HB3  sing N N 80  
CYS SG  HG   sing N N 81  
CYS OXT HXT  sing N N 82  
GLN N   CA   sing N N 83  
GLN N   H    sing N N 84  
GLN N   H2   sing N N 85  
GLN CA  C    sing N N 86  
GLN CA  CB   sing N N 87  
GLN CA  HA   sing N N 88  
GLN C   O    doub N N 89  
GLN C   OXT  sing N N 90  
GLN CB  CG   sing N N 91  
GLN CB  HB2  sing N N 92  
GLN CB  HB3  sing N N 93  
GLN CG  CD   sing N N 94  
GLN CG  HG2  sing N N 95  
GLN CG  HG3  sing N N 96  
GLN CD  OE1  doub N N 97  
GLN CD  NE2  sing N N 98  
GLN NE2 HE21 sing N N 99  
GLN NE2 HE22 sing N N 100 
GLN OXT HXT  sing N N 101 
GLU N   CA   sing N N 102 
GLU N   H    sing N N 103 
GLU N   H2   sing N N 104 
GLU CA  C    sing N N 105 
GLU CA  CB   sing N N 106 
GLU CA  HA   sing N N 107 
GLU C   O    doub N N 108 
GLU C   OXT  sing N N 109 
GLU CB  CG   sing N N 110 
GLU CB  HB2  sing N N 111 
GLU CB  HB3  sing N N 112 
GLU CG  CD   sing N N 113 
GLU CG  HG2  sing N N 114 
GLU CG  HG3  sing N N 115 
GLU CD  OE1  doub N N 116 
GLU CD  OE2  sing N N 117 
GLU OE2 HE2  sing N N 118 
GLU OXT HXT  sing N N 119 
GLY N   CA   sing N N 120 
GLY N   H    sing N N 121 
GLY N   H2   sing N N 122 
GLY CA  C    sing N N 123 
GLY CA  HA2  sing N N 124 
GLY CA  HA3  sing N N 125 
GLY C   O    doub N N 126 
GLY C   OXT  sing N N 127 
GLY OXT HXT  sing N N 128 
HIS N   CA   sing N N 129 
HIS N   H    sing N N 130 
HIS N   H2   sing N N 131 
HIS CA  C    sing N N 132 
HIS CA  CB   sing N N 133 
HIS CA  HA   sing N N 134 
HIS C   O    doub N N 135 
HIS C   OXT  sing N N 136 
HIS CB  CG   sing N N 137 
HIS CB  HB2  sing N N 138 
HIS CB  HB3  sing N N 139 
HIS CG  ND1  sing Y N 140 
HIS CG  CD2  doub Y N 141 
HIS ND1 CE1  doub Y N 142 
HIS ND1 HD1  sing N N 143 
HIS CD2 NE2  sing Y N 144 
HIS CD2 HD2  sing N N 145 
HIS CE1 NE2  sing Y N 146 
HIS CE1 HE1  sing N N 147 
HIS NE2 HE2  sing N N 148 
HIS OXT HXT  sing N N 149 
HOH O   H1   sing N N 150 
HOH O   H2   sing N N 151 
ILE N   CA   sing N N 152 
ILE N   H    sing N N 153 
ILE N   H2   sing N N 154 
ILE CA  C    sing N N 155 
ILE CA  CB   sing N N 156 
ILE CA  HA   sing N N 157 
ILE C   O    doub N N 158 
ILE C   OXT  sing N N 159 
ILE CB  CG1  sing N N 160 
ILE CB  CG2  sing N N 161 
ILE CB  HB   sing N N 162 
ILE CG1 CD1  sing N N 163 
ILE CG1 HG12 sing N N 164 
ILE CG1 HG13 sing N N 165 
ILE CG2 HG21 sing N N 166 
ILE CG2 HG22 sing N N 167 
ILE CG2 HG23 sing N N 168 
ILE CD1 HD11 sing N N 169 
ILE CD1 HD12 sing N N 170 
ILE CD1 HD13 sing N N 171 
ILE OXT HXT  sing N N 172 
LEU N   CA   sing N N 173 
LEU N   H    sing N N 174 
LEU N   H2   sing N N 175 
LEU CA  C    sing N N 176 
LEU CA  CB   sing N N 177 
LEU CA  HA   sing N N 178 
LEU C   O    doub N N 179 
LEU C   OXT  sing N N 180 
LEU CB  CG   sing N N 181 
LEU CB  HB2  sing N N 182 
LEU CB  HB3  sing N N 183 
LEU CG  CD1  sing N N 184 
LEU CG  CD2  sing N N 185 
LEU CG  HG   sing N N 186 
LEU CD1 HD11 sing N N 187 
LEU CD1 HD12 sing N N 188 
LEU CD1 HD13 sing N N 189 
LEU CD2 HD21 sing N N 190 
LEU CD2 HD22 sing N N 191 
LEU CD2 HD23 sing N N 192 
LEU OXT HXT  sing N N 193 
LYS N   CA   sing N N 194 
LYS N   H    sing N N 195 
LYS N   H2   sing N N 196 
LYS CA  C    sing N N 197 
LYS CA  CB   sing N N 198 
LYS CA  HA   sing N N 199 
LYS C   O    doub N N 200 
LYS C   OXT  sing N N 201 
LYS CB  CG   sing N N 202 
LYS CB  HB2  sing N N 203 
LYS CB  HB3  sing N N 204 
LYS CG  CD   sing N N 205 
LYS CG  HG2  sing N N 206 
LYS CG  HG3  sing N N 207 
LYS CD  CE   sing N N 208 
LYS CD  HD2  sing N N 209 
LYS CD  HD3  sing N N 210 
LYS CE  NZ   sing N N 211 
LYS CE  HE2  sing N N 212 
LYS CE  HE3  sing N N 213 
LYS NZ  HZ1  sing N N 214 
LYS NZ  HZ2  sing N N 215 
LYS NZ  HZ3  sing N N 216 
LYS OXT HXT  sing N N 217 
MET N   CA   sing N N 218 
MET N   H    sing N N 219 
MET N   H2   sing N N 220 
MET CA  C    sing N N 221 
MET CA  CB   sing N N 222 
MET CA  HA   sing N N 223 
MET C   O    doub N N 224 
MET C   OXT  sing N N 225 
MET CB  CG   sing N N 226 
MET CB  HB2  sing N N 227 
MET CB  HB3  sing N N 228 
MET CG  SD   sing N N 229 
MET CG  HG2  sing N N 230 
MET CG  HG3  sing N N 231 
MET SD  CE   sing N N 232 
MET CE  HE1  sing N N 233 
MET CE  HE2  sing N N 234 
MET CE  HE3  sing N N 235 
MET OXT HXT  sing N N 236 
NXJ C6  C4   sing N N 237 
NXJ C5  C4   sing N N 238 
NXJ C4  C3   sing N N 239 
NXJ C4  C2   sing N N 240 
NXJ C3  C2   sing N N 241 
NXJ C11 N1   doub Y N 242 
NXJ C11 C7   sing Y N 243 
NXJ N1  C10  sing Y N 244 
NXJ C2  C1   sing N N 245 
NXJ O   C1   doub N N 246 
NXJ C1  N    sing N N 247 
NXJ N   C7   sing N N 248 
NXJ N   C    sing N N 249 
NXJ C7  C8   doub Y N 250 
NXJ C10 C9   doub Y N 251 
NXJ C8  C9   sing Y N 252 
NXJ C5  H1   sing N N 253 
NXJ C5  H2   sing N N 254 
NXJ C5  H3   sing N N 255 
NXJ C6  H4   sing N N 256 
NXJ C6  H5   sing N N 257 
NXJ C6  H6   sing N N 258 
NXJ C8  H7   sing N N 259 
NXJ C10 H8   sing N N 260 
NXJ C   H9   sing N N 261 
NXJ C   H10  sing N N 262 
NXJ C   H11  sing N N 263 
NXJ C11 H12  sing N N 264 
NXJ C2  H13  sing N N 265 
NXJ C3  H14  sing N N 266 
NXJ C3  H15  sing N N 267 
NXJ C9  H16  sing N N 268 
PHE N   CA   sing N N 269 
PHE N   H    sing N N 270 
PHE N   H2   sing N N 271 
PHE CA  C    sing N N 272 
PHE CA  CB   sing N N 273 
PHE CA  HA   sing N N 274 
PHE C   O    doub N N 275 
PHE C   OXT  sing N N 276 
PHE CB  CG   sing N N 277 
PHE CB  HB2  sing N N 278 
PHE CB  HB3  sing N N 279 
PHE CG  CD1  doub Y N 280 
PHE CG  CD2  sing Y N 281 
PHE CD1 CE1  sing Y N 282 
PHE CD1 HD1  sing N N 283 
PHE CD2 CE2  doub Y N 284 
PHE CD2 HD2  sing N N 285 
PHE CE1 CZ   doub Y N 286 
PHE CE1 HE1  sing N N 287 
PHE CE2 CZ   sing Y N 288 
PHE CE2 HE2  sing N N 289 
PHE CZ  HZ   sing N N 290 
PHE OXT HXT  sing N N 291 
PRO N   CA   sing N N 292 
PRO N   CD   sing N N 293 
PRO N   H    sing N N 294 
PRO CA  C    sing N N 295 
PRO CA  CB   sing N N 296 
PRO CA  HA   sing N N 297 
PRO C   O    doub N N 298 
PRO C   OXT  sing N N 299 
PRO CB  CG   sing N N 300 
PRO CB  HB2  sing N N 301 
PRO CB  HB3  sing N N 302 
PRO CG  CD   sing N N 303 
PRO CG  HG2  sing N N 304 
PRO CG  HG3  sing N N 305 
PRO CD  HD2  sing N N 306 
PRO CD  HD3  sing N N 307 
PRO OXT HXT  sing N N 308 
SER N   CA   sing N N 309 
SER N   H    sing N N 310 
SER N   H2   sing N N 311 
SER CA  C    sing N N 312 
SER CA  CB   sing N N 313 
SER CA  HA   sing N N 314 
SER C   O    doub N N 315 
SER C   OXT  sing N N 316 
SER CB  OG   sing N N 317 
SER CB  HB2  sing N N 318 
SER CB  HB3  sing N N 319 
SER OG  HG   sing N N 320 
SER OXT HXT  sing N N 321 
THR N   CA   sing N N 322 
THR N   H    sing N N 323 
THR N   H2   sing N N 324 
THR CA  C    sing N N 325 
THR CA  CB   sing N N 326 
THR CA  HA   sing N N 327 
THR C   O    doub N N 328 
THR C   OXT  sing N N 329 
THR CB  OG1  sing N N 330 
THR CB  CG2  sing N N 331 
THR CB  HB   sing N N 332 
THR OG1 HG1  sing N N 333 
THR CG2 HG21 sing N N 334 
THR CG2 HG22 sing N N 335 
THR CG2 HG23 sing N N 336 
THR OXT HXT  sing N N 337 
TRP N   CA   sing N N 338 
TRP N   H    sing N N 339 
TRP N   H2   sing N N 340 
TRP CA  C    sing N N 341 
TRP CA  CB   sing N N 342 
TRP CA  HA   sing N N 343 
TRP C   O    doub N N 344 
TRP C   OXT  sing N N 345 
TRP CB  CG   sing N N 346 
TRP CB  HB2  sing N N 347 
TRP CB  HB3  sing N N 348 
TRP CG  CD1  doub Y N 349 
TRP CG  CD2  sing Y N 350 
TRP CD1 NE1  sing Y N 351 
TRP CD1 HD1  sing N N 352 
TRP CD2 CE2  doub Y N 353 
TRP CD2 CE3  sing Y N 354 
TRP NE1 CE2  sing Y N 355 
TRP NE1 HE1  sing N N 356 
TRP CE2 CZ2  sing Y N 357 
TRP CE3 CZ3  doub Y N 358 
TRP CE3 HE3  sing N N 359 
TRP CZ2 CH2  doub Y N 360 
TRP CZ2 HZ2  sing N N 361 
TRP CZ3 CH2  sing Y N 362 
TRP CZ3 HZ3  sing N N 363 
TRP CH2 HH2  sing N N 364 
TRP OXT HXT  sing N N 365 
TYR N   CA   sing N N 366 
TYR N   H    sing N N 367 
TYR N   H2   sing N N 368 
TYR CA  C    sing N N 369 
TYR CA  CB   sing N N 370 
TYR CA  HA   sing N N 371 
TYR C   O    doub N N 372 
TYR C   OXT  sing N N 373 
TYR CB  CG   sing N N 374 
TYR CB  HB2  sing N N 375 
TYR CB  HB3  sing N N 376 
TYR CG  CD1  doub Y N 377 
TYR CG  CD2  sing Y N 378 
TYR CD1 CE1  sing Y N 379 
TYR CD1 HD1  sing N N 380 
TYR CD2 CE2  doub Y N 381 
TYR CD2 HD2  sing N N 382 
TYR CE1 CZ   doub Y N 383 
TYR CE1 HE1  sing N N 384 
TYR CE2 CZ   sing Y N 385 
TYR CE2 HE2  sing N N 386 
TYR CZ  OH   sing N N 387 
TYR OH  HH   sing N N 388 
TYR OXT HXT  sing N N 389 
VAL N   CA   sing N N 390 
VAL N   H    sing N N 391 
VAL N   H2   sing N N 392 
VAL CA  C    sing N N 393 
VAL CA  CB   sing N N 394 
VAL CA  HA   sing N N 395 
VAL C   O    doub N N 396 
VAL C   OXT  sing N N 397 
VAL CB  CG1  sing N N 398 
VAL CB  CG2  sing N N 399 
VAL CB  HB   sing N N 400 
VAL CG1 HG11 sing N N 401 
VAL CG1 HG12 sing N N 402 
VAL CG1 HG13 sing N N 403 
VAL CG2 HG21 sing N N 404 
VAL CG2 HG22 sing N N 405 
VAL CG2 HG23 sing N N 406 
VAL OXT HXT  sing N N 407 
# 
_pdbx_deposit_group.group_id            G_1002080 
_pdbx_deposit_group.group_description   
;Human Brachyury screened against the DSI-poised Fragment Library by X-ray Crystallography at the XChem facility of Diamond Light Source beamline I04-1
;
_pdbx_deposit_group.group_title         'PanDDA analysis group deposition' 
_pdbx_deposit_group.group_type          'changed state' 
# 
_pdbx_entity_instance_feature.ordinal        1 
_pdbx_entity_instance_feature.comp_id        NXJ 
_pdbx_entity_instance_feature.asym_id        ? 
_pdbx_entity_instance_feature.seq_num        ? 
_pdbx_entity_instance_feature.auth_comp_id   NXJ 
_pdbx_entity_instance_feature.auth_asym_id   ? 
_pdbx_entity_instance_feature.auth_seq_num   ? 
_pdbx_entity_instance_feature.feature_type   'SUBJECT OF INVESTIGATION' 
_pdbx_entity_instance_feature.details        ? 
# 
_atom_sites.entry_id                    5QRO 
_atom_sites.fract_transf_matrix[1][1]   -0.00900858 
_atom_sites.fract_transf_matrix[1][2]   0.00855172 
_atom_sites.fract_transf_matrix[1][3]   0.01107563 
_atom_sites.fract_transf_matrix[2][1]   -0.01134196 
_atom_sites.fract_transf_matrix[2][2]   -0.01217722 
_atom_sites.fract_transf_matrix[2][3]   0.00017707 
_atom_sites.fract_transf_matrix[3][1]   0.00445709 
_atom_sites.fract_transf_matrix[3][2]   -0.00405314 
_atom_sites.fract_transf_matrix[3][3]   0.00675477 
_atom_sites.fract_transf_vector[1]      0.344413 
_atom_sites.fract_transf_vector[2]      -0.022853 
_atom_sites.fract_transf_vector[3]      0.060283 
# 
loop_
_atom_type.symbol 
C  
CD 
N  
O  
S  
# 
loop_
_atom_site.group_PDB 
_atom_site.id 
_atom_site.type_symbol 
_atom_site.label_atom_id 
_atom_site.label_alt_id 
_atom_site.label_comp_id 
_atom_site.label_asym_id 
_atom_site.label_entity_id 
_atom_site.label_seq_id 
_atom_site.pdbx_PDB_ins_code 
_atom_site.Cartn_x 
_atom_site.Cartn_y 
_atom_site.Cartn_z 
_atom_site.occupancy 
_atom_site.B_iso_or_equiv 
_atom_site.pdbx_formal_charge 
_atom_site.auth_seq_id 
_atom_site.auth_comp_id 
_atom_site.auth_asym_id 
_atom_site.auth_atom_id 
_atom_site.pdbx_PDB_model_num 
ATOM   1    N  N   . GLU A 1 2   ? 3.517   16.174  18.137  1.00 74.86  ? 41  GLU A N   1 
ATOM   2    C  CA  . GLU A 1 2   ? 2.530   15.703  17.120  1.00 69.51  ? 41  GLU A CA  1 
ATOM   3    C  C   . GLU A 1 2   ? 3.184   14.508  16.383  1.00 65.84  ? 41  GLU A C   1 
ATOM   4    O  O   . GLU A 1 2   ? 4.375   14.582  16.003  1.00 59.29  ? 41  GLU A O   1 
ATOM   5    C  CB  . GLU A 1 2   ? 2.075   16.901  16.250  1.00 71.73  ? 41  GLU A CB  1 
ATOM   6    C  CG  . GLU A 1 2   ? 0.551   17.055  16.032  1.00 70.10  ? 41  GLU A CG  1 
ATOM   7    C  CD  . GLU A 1 2   ? -0.192  18.205  16.725  1.00 79.01  ? 41  GLU A CD  1 
ATOM   8    O  OE1 . GLU A 1 2   ? -0.959  18.961  16.049  1.00 73.82  ? 41  GLU A OE1 1 
ATOM   9    O  OE2 . GLU A 1 2   ? -0.057  18.324  17.949  1.00 78.11  ? 41  GLU A OE2 1 
ATOM   10   N  N   . LEU A 1 3   ? 2.454   13.400  16.284  1.00 56.44  ? 42  LEU A N   1 
ATOM   11   C  CA  . LEU A 1 3   ? 2.763   12.207  15.447  1.00 55.51  ? 42  LEU A CA  1 
ATOM   12   C  C   . LEU A 1 3   ? 2.920   12.616  13.971  1.00 49.90  ? 42  LEU A C   1 
ATOM   13   O  O   . LEU A 1 3   ? 1.966   13.156  13.432  1.00 51.00  ? 42  LEU A O   1 
ATOM   14   C  CB  . LEU A 1 3   ? 1.581   11.256  15.650  1.00 54.79  ? 42  LEU A CB  1 
ATOM   15   C  CG  . LEU A 1 3   ? 1.646   9.898   14.966  1.00 57.53  ? 42  LEU A CG  1 
ATOM   16   C  CD1 . LEU A 1 3   ? 3.080   9.442   14.745  1.00 63.40  ? 42  LEU A CD1 1 
ATOM   17   C  CD2 . LEU A 1 3   ? 0.874   8.867   15.790  1.00 59.01  ? 42  LEU A CD2 1 
ATOM   18   N  N   . ARG A 1 4   ? 4.088   12.412  13.357  1.00 43.50  ? 43  ARG A N   1 
ATOM   19   C  CA  . ARG A 1 4   ? 4.370   12.788  11.951  1.00 40.93  ? 43  ARG A CA  1 
ATOM   20   C  C   . ARG A 1 4   ? 4.612   11.503  11.148  1.00 42.76  ? 43  ARG A C   1 
ATOM   21   O  O   . ARG A 1 4   ? 5.389   10.641  11.619  1.00 38.33  ? 43  ARG A O   1 
ATOM   22   C  CB  . ARG A 1 4   ? 5.569   13.735  11.877  1.00 40.14  ? 43  ARG A CB  1 
ATOM   23   N  N   . VAL A 1 5   ? 3.980   11.388  9.982   1.00 43.17  ? 44  VAL A N   1 
ATOM   24   C  CA  . VAL A 1 5   ? 4.121   10.217  9.061   1.00 42.74  ? 44  VAL A CA  1 
ATOM   25   C  C   . VAL A 1 5   ? 4.585   10.769  7.720   1.00 44.29  ? 44  VAL A C   1 
ATOM   26   O  O   . VAL A 1 5   ? 3.861   11.621  7.196   1.00 41.60  ? 44  VAL A O   1 
ATOM   27   C  CB  . VAL A 1 5   ? 2.797   9.444   8.906   1.00 43.81  ? 44  VAL A CB  1 
ATOM   28   C  CG1 . VAL A 1 5   ? 2.928   8.261   7.945   1.00 43.38  ? 44  VAL A CG1 1 
ATOM   29   C  CG2 . VAL A 1 5   ? 2.249   8.975   10.240  1.00 45.06  ? 44  VAL A CG2 1 
ATOM   30   N  N   . GLY A 1 6   ? 5.729   10.302  7.214   1.00 40.33  ? 45  GLY A N   1 
ATOM   31   C  CA  . GLY A 1 6   ? 6.311   10.662  5.911   1.00 43.68  ? 45  GLY A CA  1 
ATOM   32   C  C   . GLY A 1 6   ? 6.534   9.437   5.040   1.00 41.73  ? 45  GLY A C   1 
ATOM   33   O  O   . GLY A 1 6   ? 6.778   8.333   5.564   1.00 38.55  ? 45  GLY A O   1 
ATOM   34   N  N   . LEU A 1 7   ? 6.452   9.615   3.725   1.00 36.77  ? 46  LEU A N   1 
ATOM   35   C  CA  . LEU A 1 7   ? 6.797   8.540   2.784   1.00 34.41  ? 46  LEU A CA  1 
ATOM   36   C  C   . LEU A 1 7   ? 8.297   8.615   2.497   1.00 37.61  ? 46  LEU A C   1 
ATOM   37   O  O   . LEU A 1 7   ? 8.764   9.712   2.207   1.00 36.95  ? 46  LEU A O   1 
ATOM   38   C  CB  . LEU A 1 7   ? 5.958   8.787   1.531   1.00 33.11  ? 46  LEU A CB  1 
ATOM   39   C  CG  . LEU A 1 7   ? 6.248   7.855   0.374   1.00 30.57  ? 46  LEU A CG  1 
ATOM   40   C  CD1 . LEU A 1 7   ? 5.963   6.429   0.776   1.00 31.48  ? 46  LEU A CD1 1 
ATOM   41   C  CD2 . LEU A 1 7   ? 5.458   8.275   -0.841  1.00 30.65  ? 46  LEU A CD2 1 
ATOM   42   N  N   . GLU A 1 8   ? 9.027   7.506   2.643   1.00 34.55  ? 47  GLU A N   1 
ATOM   43   C  CA  . GLU A 1 8   ? 10.457  7.384   2.278   1.00 35.48  ? 47  GLU A CA  1 
ATOM   44   C  C   . GLU A 1 8   ? 10.502  7.145   0.767   1.00 40.23  ? 47  GLU A C   1 
ATOM   45   O  O   . GLU A 1 8   ? 9.563   6.497   0.249   1.00 36.43  ? 47  GLU A O   1 
ATOM   46   C  CB  . GLU A 1 8   ? 11.136  6.306   3.135   1.00 41.79  ? 47  GLU A CB  1 
ATOM   47   C  CG  . GLU A 1 8   ? 12.579  5.990   2.748   1.00 48.93  ? 47  GLU A CG  1 
ATOM   48   C  CD  . GLU A 1 8   ? 13.674  6.886   3.322   1.00 54.69  ? 47  GLU A CD  1 
ATOM   49   O  OE1 . GLU A 1 8   ? 13.342  7.982   3.784   1.00 54.36  ? 47  GLU A OE1 1 
ATOM   50   O  OE2 . GLU A 1 8   ? 14.871  6.491   3.290   1.00 62.72  ? 47  GLU A OE2 1 
ATOM   51   N  N   . GLU A 1 9   ? 11.522  7.695   0.101   1.00 35.91  ? 48  GLU A N   1 
ATOM   52   C  CA  . GLU A 1 9   ? 11.757  7.584   -1.360  1.00 38.95  ? 48  GLU A CA  1 
ATOM   53   C  C   . GLU A 1 9   ? 10.524  8.071   -2.126  1.00 38.24  ? 48  GLU A C   1 
ATOM   54   O  O   . GLU A 1 9   ? 10.154  7.411   -3.105  1.00 38.40  ? 48  GLU A O   1 
ATOM   55   C  CB  . GLU A 1 9   ? 12.015  6.138   -1.796  1.00 45.13  ? 48  GLU A CB  1 
ATOM   56   C  CG  . GLU A 1 9   ? 12.945  5.334   -0.898  1.00 52.14  ? 48  GLU A CG  1 
ATOM   57   C  CD  . GLU A 1 9   ? 13.293  3.951   -1.441  1.00 56.55  ? 48  GLU A CD  1 
ATOM   58   O  OE1 . GLU A 1 9   ? 13.280  3.773   -2.677  1.00 60.11  ? 48  GLU A OE1 1 
ATOM   59   O  OE2 . GLU A 1 9   ? 13.565  3.049   -0.634  1.00 59.03  ? 48  GLU A OE2 1 
ATOM   60   N  N   . SER A 1 10  ? 9.961   9.223   -1.776  1.00 34.99  ? 49  SER A N   1 
ATOM   61   C  CA  . SER A 1 10  ? 8.832   9.801   -2.557  1.00 37.44  ? 49  SER A CA  1 
ATOM   62   C  C   . SER A 1 10  ? 9.295   10.152  -3.980  1.00 30.76  ? 49  SER A C   1 
ATOM   63   O  O   . SER A 1 10  ? 8.462   10.003  -4.895  1.00 33.42  ? 49  SER A O   1 
ATOM   64   C  CB  . SER A 1 10  ? 8.197   10.993  -1.847  1.00 40.05  ? 49  SER A CB  1 
ATOM   65   O  OG  . SER A 1 10  ? 9.190   11.961  -1.573  1.00 44.86  ? 49  SER A OG  1 
ATOM   66   N  N   . GLU A 1 11  ? 10.510  10.705  -4.164  1.00 35.71  ? 50  GLU A N   1 
ATOM   67   C  CA  . GLU A 1 11  ? 11.200  10.935  -5.478  1.00 40.27  ? 50  GLU A CA  1 
ATOM   68   C  C   . GLU A 1 11  ? 10.804  9.840   -6.475  1.00 36.22  ? 50  GLU A C   1 
ATOM   69   O  O   . GLU A 1 11  ? 10.288  10.150  -7.581  1.00 39.03  ? 50  GLU A O   1 
ATOM   70   C  CB  . GLU A 1 11  ? 12.730  10.869  -5.318  1.00 41.38  ? 50  GLU A CB  1 
ATOM   71   C  CG  . GLU A 1 11  ? 13.476  10.173  -6.474  1.00 53.06  ? 50  GLU A CG  1 
ATOM   72   C  CD  . GLU A 1 11  ? 13.756  11.128  -7.621  1.00 54.35  ? 50  GLU A CD  1 
ATOM   73   O  OE1 . GLU A 1 11  ? 13.902  10.690  -8.770  1.00 51.87  ? 50  GLU A OE1 1 
ATOM   74   O  OE2 . GLU A 1 11  ? 13.816  12.333  -7.342  1.00 72.33  ? 50  GLU A OE2 1 
ATOM   75   N  N   . LEU A 1 12  ? 11.041  8.599   -6.077  1.00 33.45  ? 51  LEU A N   1 
ATOM   76   C  CA  . LEU A 1 12  ? 10.894  7.418   -6.964  1.00 37.44  ? 51  LEU A CA  1 
ATOM   77   C  C   . LEU A 1 12  ? 9.418   7.061   -7.146  1.00 34.70  ? 51  LEU A C   1 
ATOM   78   O  O   . LEU A 1 12  ? 8.995   6.698   -8.260  1.00 34.87  ? 51  LEU A O   1 
ATOM   79   C  CB  . LEU A 1 12  ? 11.611  6.218   -6.349  1.00 38.90  ? 51  LEU A CB  1 
ATOM   80   C  CG  . LEU A 1 12  ? 11.594  4.996   -7.279  1.00 41.92  ? 51  LEU A CG  1 
ATOM   81   C  CD1 . LEU A 1 12  ? 12.188  5.354   -8.633  1.00 42.80  ? 51  LEU A CD1 1 
ATOM   82   C  CD2 . LEU A 1 12  ? 12.290  3.814   -6.663  1.00 40.45  ? 51  LEU A CD2 1 
ATOM   83   N  N   . TRP A 1 13  ? 8.662   6.989   -6.053  1.00 29.91  ? 52  TRP A N   1 
ATOM   84   C  CA  . TRP A 1 13  ? 7.204   6.758   -6.184  1.00 28.50  ? 52  TRP A CA  1 
ATOM   85   C  C   . TRP A 1 13  ? 6.634   7.760   -7.193  1.00 30.78  ? 52  TRP A C   1 
ATOM   86   O  O   . TRP A 1 13  ? 5.817   7.336   -8.037  1.00 31.57  ? 52  TRP A O   1 
ATOM   87   C  CB  . TRP A 1 13  ? 6.503   6.894   -4.845  1.00 25.07  ? 52  TRP A CB  1 
ATOM   88   C  CG  . TRP A 1 13  ? 6.612   5.690   -3.982  1.00 24.27  ? 52  TRP A CG  1 
ATOM   89   C  CD1 . TRP A 1 13  ? 7.395   5.552   -2.886  1.00 23.90  ? 52  TRP A CD1 1 
ATOM   90   C  CD2 . TRP A 1 13  ? 5.847   4.476   -4.094  1.00 25.31  ? 52  TRP A CD2 1 
ATOM   91   N  NE1 . TRP A 1 13  ? 7.215   4.331   -2.315  1.00 25.08  ? 52  TRP A NE1 1 
ATOM   92   C  CE2 . TRP A 1 13  ? 6.255   3.644   -3.029  1.00 24.33  ? 52  TRP A CE2 1 
ATOM   93   C  CE3 . TRP A 1 13  ? 4.934   3.979   -5.033  1.00 23.62  ? 52  TRP A CE3 1 
ATOM   94   C  CZ2 . TRP A 1 13  ? 5.721   2.381   -2.831  1.00 23.79  ? 52  TRP A CZ2 1 
ATOM   95   C  CZ3 . TRP A 1 13  ? 4.381   2.736   -4.811  1.00 25.13  ? 52  TRP A CZ3 1 
ATOM   96   C  CH2 . TRP A 1 13  ? 4.785   1.936   -3.730  1.00 25.94  ? 52  TRP A CH2 1 
ATOM   97   N  N   . LEU A 1 14  ? 7.048   9.034   -7.148  1.00 30.52  ? 53  LEU A N   1 
ATOM   98   C  CA  . LEU A 1 14  ? 6.430   10.057  -8.050  1.00 35.15  ? 53  LEU A CA  1 
ATOM   99   C  C   . LEU A 1 14  ? 6.723   9.729   -9.522  1.00 36.56  ? 53  LEU A C   1 
ATOM   100  O  O   . LEU A 1 14  ? 5.839   9.992   -10.368 1.00 36.78  ? 53  LEU A O   1 
ATOM   101  C  CB  . LEU A 1 14  ? 6.915   11.463  -7.679  1.00 38.06  ? 53  LEU A CB  1 
ATOM   102  C  CG  . LEU A 1 14  ? 6.044   12.224  -6.674  1.00 43.45  ? 53  LEU A CG  1 
ATOM   103  C  CD1 . LEU A 1 14  ? 5.181   11.299  -5.824  1.00 52.81  ? 53  LEU A CD1 1 
ATOM   104  C  CD2 . LEU A 1 14  ? 6.900   13.131  -5.797  1.00 45.87  ? 53  LEU A CD2 1 
ATOM   105  N  N   . ARG A 1 15  ? 7.916   9.210   -9.839  1.00 36.98  ? 54  ARG A N   1 
ATOM   106  C  CA  . ARG A 1 15  ? 8.227   8.771   -11.225 1.00 40.04  ? 54  ARG A CA  1 
ATOM   107  C  C   . ARG A 1 15  ? 7.214   7.710   -11.662 1.00 33.52  ? 54  ARG A C   1 
ATOM   108  O  O   . ARG A 1 15  ? 6.785   7.776   -12.847 1.00 36.76  ? 54  ARG A O   1 
ATOM   109  C  CB  . ARG A 1 15  ? 9.629   8.179   -11.364 1.00 45.87  ? 54  ARG A CB  1 
ATOM   110  C  CG  . ARG A 1 15  ? 10.718  8.973   -10.657 1.00 57.75  ? 54  ARG A CG  1 
ATOM   111  C  CD  . ARG A 1 15  ? 11.656  9.714   -11.576 1.00 61.13  ? 54  ARG A CD  1 
ATOM   112  N  NE  . ARG A 1 15  ? 12.444  8.853   -12.448 1.00 63.58  ? 54  ARG A NE  1 
ATOM   113  C  CZ  . ARG A 1 15  ? 13.604  8.282   -12.132 1.00 64.56  ? 54  ARG A CZ  1 
ATOM   114  N  NH1 . ARG A 1 15  ? 14.133  8.410   -10.923 1.00 65.85  ? 54  ARG A NH1 1 
ATOM   115  N  NH2 . ARG A 1 15  ? 14.222  7.555   -13.037 1.00 65.67  ? 54  ARG A NH2 1 
ATOM   116  N  N   . PHE A 1 16  ? 6.880   6.761   -10.790 1.00 26.95  ? 55  PHE A N   1 
ATOM   117  C  CA  . PHE A 1 16  ? 5.902   5.667   -11.089 1.00 28.72  ? 55  PHE A CA  1 
ATOM   118  C  C   . PHE A 1 16  ? 4.516   6.264   -11.241 1.00 32.36  ? 55  PHE A C   1 
ATOM   119  O  O   . PHE A 1 16  ? 3.790   5.967   -12.210 1.00 31.13  ? 55  PHE A O   1 
ATOM   120  C  CB  . PHE A 1 16  ? 5.837   4.564   -10.031 1.00 30.42  ? 55  PHE A CB  1 
ATOM   121  C  CG  . PHE A 1 16  ? 6.982   3.586   -10.119 1.00 29.29  ? 55  PHE A CG  1 
ATOM   122  C  CD1 . PHE A 1 16  ? 6.902   2.512   -10.985 1.00 30.09  ? 55  PHE A CD1 1 
ATOM   123  C  CD2 . PHE A 1 16  ? 8.149   3.784   -9.402  1.00 29.28  ? 55  PHE A CD2 1 
ATOM   124  C  CE1 . PHE A 1 16  ? 7.976   1.632   -11.112 1.00 29.27  ? 55  PHE A CE1 1 
ATOM   125  C  CE2 . PHE A 1 16  ? 9.205   2.892   -9.500  1.00 29.54  ? 55  PHE A CE2 1 
ATOM   126  C  CZ  . PHE A 1 16  ? 9.113   1.831   -10.364 1.00 28.63  ? 55  PHE A CZ  1 
ATOM   127  N  N   . LYS A 1 17  ? 4.136   7.103   -10.262 1.00 28.48  ? 56  LYS A N   1 
ATOM   128  C  CA  . LYS A 1 17  ? 2.829   7.794   -10.317 1.00 29.76  ? 56  LYS A CA  1 
ATOM   129  C  C   . LYS A 1 17  ? 2.697   8.612   -11.593 1.00 29.20  ? 56  LYS A C   1 
ATOM   130  O  O   . LYS A 1 17  ? 1.577   8.522   -12.155 1.00 32.46  ? 56  LYS A O   1 
ATOM   131  C  CB  . LYS A 1 17  ? 2.544   8.653   -9.078  1.00 32.05  ? 56  LYS A CB  1 
ATOM   132  C  CG  . LYS A 1 17  ? 1.112   9.169   -9.102  1.00 34.60  ? 56  LYS A CG  1 
ATOM   133  C  CD  . LYS A 1 17  ? 0.588   9.731   -7.838  1.00 41.79  ? 56  LYS A CD  1 
ATOM   134  C  CE  . LYS A 1 17  ? -0.791  10.296  -8.056  1.00 35.03  ? 56  LYS A CE  1 
ATOM   135  N  NZ  . LYS A 1 17  ? -1.319  10.748  -6.758  1.00 39.16  ? 56  LYS A NZ  1 
ATOM   136  N  N   . GLU A 1 18  ? 3.716   9.356   -12.060 1.00 32.11  ? 57  GLU A N   1 
ATOM   137  C  CA  . GLU A 1 18  ? 3.521   10.213  -13.275 1.00 35.26  ? 57  GLU A CA  1 
ATOM   138  C  C   . GLU A 1 18  ? 3.181   9.315   -14.475 1.00 33.97  ? 57  GLU A C   1 
ATOM   139  O  O   . GLU A 1 18  ? 2.488   9.822   -15.374 1.00 36.60  ? 57  GLU A O   1 
ATOM   140  C  CB  . GLU A 1 18  ? 4.635   11.221  -13.572 1.00 43.88  ? 57  GLU A CB  1 
ATOM   141  C  CG  . GLU A 1 18  ? 6.060   10.734  -13.496 1.00 54.02  ? 57  GLU A CG  1 
ATOM   142  C  CD  . GLU A 1 18  ? 7.096   11.855  -13.367 1.00 63.87  ? 57  GLU A CD  1 
ATOM   143  O  OE1 . GLU A 1 18  ? 6.696   13.001  -13.020 1.00 65.29  ? 57  GLU A OE1 1 
ATOM   144  O  OE2 . GLU A 1 18  ? 8.314   11.591  -13.600 1.00 49.09  ? 57  GLU A OE2 1 
ATOM   145  N  N   . LEU A 1 19  ? 3.547   8.024   -14.470 1.00 34.14  ? 58  LEU A N   1 
ATOM   146  C  CA  . LEU A 1 19  ? 3.260   7.076   -15.601 1.00 39.30  ? 58  LEU A CA  1 
ATOM   147  C  C   . LEU A 1 19  ? 1.948   6.323   -15.414 1.00 33.67  ? 58  LEU A C   1 
ATOM   148  O  O   . LEU A 1 19  ? 1.588   5.523   -16.312 1.00 33.40  ? 58  LEU A O   1 
ATOM   149  C  CB  . LEU A 1 19  ? 4.378   6.042   -15.731 1.00 35.48  ? 58  LEU A CB  1 
ATOM   150  C  CG  . LEU A 1 19  ? 5.781   6.599   -15.933 1.00 38.82  ? 58  LEU A CG  1 
ATOM   151  C  CD1 . LEU A 1 19  ? 6.803   5.461   -15.838 1.00 40.78  ? 58  LEU A CD1 1 
ATOM   152  C  CD2 . LEU A 1 19  ? 5.902   7.324   -17.265 1.00 40.68  ? 58  LEU A CD2 1 
ATOM   153  N  N   . THR A 1 20  ? 1.276   6.477   -14.265 1.00 29.47  ? 59  THR A N   1 
ATOM   154  C  CA  . THR A 1 20  ? 0.247   5.546   -13.735 1.00 26.88  ? 59  THR A CA  1 
ATOM   155  C  C   . THR A 1 20  ? 0.863   4.230   -13.247 1.00 29.02  ? 59  THR A C   1 
ATOM   156  O  O   . THR A 1 20  ? 1.196   3.319   -14.068 1.00 28.45  ? 59  THR A O   1 
ATOM   157  C  CB  . THR A 1 20  ? -0.911  5.251   -14.689 1.00 30.69  ? 59  THR A CB  1 
ATOM   158  O  OG1 . THR A 1 20  ? -1.409  6.473   -15.203 1.00 31.81  ? 59  THR A OG1 1 
ATOM   159  C  CG2 . THR A 1 20  ? -2.042  4.506   -14.044 1.00 32.50  ? 59  THR A CG2 1 
ATOM   160  N  N   . ASN A 1 21  ? 0.972   4.069   -11.935 1.00 28.36  ? 60  ASN A N   1 
ATOM   161  C  CA  . ASN A 1 21  ? 1.683   2.904   -11.372 1.00 26.11  ? 60  ASN A CA  1 
ATOM   162  C  C   . ASN A 1 21  ? 0.804   1.657   -11.547 1.00 30.07  ? 60  ASN A C   1 
ATOM   163  O  O   . ASN A 1 21  ? -0.407  1.740   -11.545 1.00 27.33  ? 60  ASN A O   1 
ATOM   164  C  CB  . ASN A 1 21  ? 2.114   3.175   -9.928  1.00 25.57  ? 60  ASN A CB  1 
ATOM   165  C  CG  . ASN A 1 21  ? 3.206   2.265   -9.413  1.00 31.04  ? 60  ASN A CG  1 
ATOM   166  O  OD1 . ASN A 1 21  ? 3.678   1.348   -10.125 1.00 30.68  ? 60  ASN A OD1 1 
ATOM   167  N  ND2 . ASN A 1 21  ? 3.644   2.546   -8.185  1.00 27.05  ? 60  ASN A ND2 1 
ATOM   168  N  N   . GLU A 1 22  ? 1.415   0.493   -11.642 1.00 26.51  ? 61  GLU A N   1 
ATOM   169  C  CA  . GLU A 1 22  ? 0.710   -0.798  -11.718 1.00 26.25  ? 61  GLU A CA  1 
ATOM   170  C  C   . GLU A 1 22  ? 1.391   -1.732  -10.737 1.00 26.98  ? 61  GLU A C   1 
ATOM   171  O  O   . GLU A 1 22  ? 2.669   -1.649  -10.667 1.00 30.30  ? 61  GLU A O   1 
ATOM   172  C  CB  . GLU A 1 22  ? 0.839   -1.384  -13.137 1.00 28.70  ? 61  GLU A CB  1 
ATOM   173  C  CG  . GLU A 1 22  ? 0.455   -0.454  -14.256 1.00 28.78  ? 61  GLU A CG  1 
ATOM   174  C  CD  . GLU A 1 22  ? 0.582   -1.065  -15.652 1.00 29.10  ? 61  GLU A CD  1 
ATOM   175  O  OE1 . GLU A 1 22  ? 0.679   -0.302  -16.595 1.00 27.94  ? 61  GLU A OE1 1 
ATOM   176  O  OE2 . GLU A 1 22  ? 0.450   -2.280  -15.743 1.00 34.78  ? 61  GLU A OE2 1 
ATOM   177  N  N   . MET A 1 23  ? 0.647   -2.592  -10.056 1.00 26.73  ? 62  MET A N   1 
ATOM   178  C  CA  . MET A 1 23  ? 1.165   -3.627  -9.143  1.00 30.48  ? 62  MET A CA  1 
ATOM   179  C  C   . MET A 1 23  ? 0.597   -4.970  -9.559  1.00 31.22  ? 62  MET A C   1 
ATOM   180  O  O   . MET A 1 23  ? -0.603  -5.076  -9.752  1.00 28.68  ? 62  MET A O   1 
ATOM   181  C  CB  . MET A 1 23  ? 0.816   -3.430  -7.657  1.00 28.33  ? 62  MET A CB  1 
ATOM   182  C  CG  . MET A 1 23  ? 1.495   -2.256  -7.076  1.00 30.97  ? 62  MET A CG  1 
ATOM   183  S  SD  . MET A 1 23  ? 3.291   -2.446  -6.742  1.00 28.78  ? 62  MET A SD  1 
ATOM   184  C  CE  . MET A 1 23  ? 3.582   -0.757  -6.240  1.00 30.73  ? 62  MET A CE  1 
ATOM   185  N  N   . ILE A 1 24  ? 1.469   -5.964  -9.741  1.00 30.40  ? 63  ILE A N   1 
ATOM   186  C  CA  . ILE A 1 24  ? 1.001   -7.323  -10.123 1.00 30.81  ? 63  ILE A CA  1 
ATOM   187  C  C   . ILE A 1 24  ? 0.324   -8.012  -8.951  1.00 33.48  ? 63  ILE A C   1 
ATOM   188  O  O   . ILE A 1 24  ? 0.877   -8.009  -7.821  1.00 34.55  ? 63  ILE A O   1 
ATOM   189  C  CB  . ILE A 1 24  ? 2.166   -8.207  -10.611 1.00 37.17  ? 63  ILE A CB  1 
ATOM   190  C  CG1 . ILE A 1 24  ? 2.936   -7.551  -11.746 1.00 43.21  ? 63  ILE A CG1 1 
ATOM   191  C  CG2 . ILE A 1 24  ? 1.592   -9.576  -10.978 1.00 39.08  ? 63  ILE A CG2 1 
ATOM   192  C  CD1 . ILE A 1 24  ? 2.206   -7.568  -13.029 1.00 42.93  ? 63  ILE A CD1 1 
ATOM   193  N  N   . VAL A 1 25  ? -0.802  -8.645  -9.241  1.00 33.20  ? 64  VAL A N   1 
ATOM   194  C  CA  . VAL A 1 25  ? -1.510  -9.569  -8.324  1.00 36.48  ? 64  VAL A CA  1 
ATOM   195  C  C   . VAL A 1 25  ? -1.451  -10.973 -8.934  1.00 40.12  ? 64  VAL A C   1 
ATOM   196  O  O   . VAL A 1 25  ? -1.398  -11.070 -10.149 1.00 39.34  ? 64  VAL A O   1 
ATOM   197  C  CB  . VAL A 1 25  ? -2.923  -9.043  -8.064  1.00 37.79  ? 64  VAL A CB  1 
ATOM   198  C  CG1 . VAL A 1 25  ? -2.819  -7.697  -7.376  1.00 39.95  ? 64  VAL A CG1 1 
ATOM   199  C  CG2 . VAL A 1 25  ? -3.738  -8.905  -9.340  1.00 38.04  ? 64  VAL A CG2 1 
ATOM   200  N  N   . THR A 1 26  ? -1.321  -11.994 -8.097  1.00 41.70  ? 65  THR A N   1 
ATOM   201  C  CA  . THR A 1 26  ? -1.225  -13.420 -8.531  1.00 45.67  ? 65  THR A CA  1 
ATOM   202  C  C   . THR A 1 26  ? -2.101  -14.221 -7.583  1.00 50.25  ? 65  THR A C   1 
ATOM   203  O  O   . THR A 1 26  ? -2.466  -13.672 -6.522  1.00 42.87  ? 65  THR A O   1 
ATOM   204  C  CB  . THR A 1 26  ? 0.206   -13.978 -8.492  1.00 36.88  ? 65  THR A CB  1 
ATOM   205  O  OG1 . THR A 1 26  ? 0.608   -14.072 -7.126  1.00 41.80  ? 65  THR A OG1 1 
ATOM   206  C  CG2 . THR A 1 26  ? 1.206   -13.190 -9.307  1.00 38.85  ? 65  THR A CG2 1 
ATOM   207  N  N   . LYS A 1 27  ? -2.395  -15.481 -7.908  1.00 47.42  ? 66  LYS A N   1 
ATOM   208  C  CA  . LYS A 1 27  ? -3.266  -16.328 -7.056  1.00 50.73  ? 66  LYS A CA  1 
ATOM   209  C  C   . LYS A 1 27  ? -2.566  -16.557 -5.714  1.00 47.97  ? 66  LYS A C   1 
ATOM   210  O  O   . LYS A 1 27  ? -3.282  -16.629 -4.700  1.00 48.65  ? 66  LYS A O   1 
ATOM   211  C  CB  . LYS A 1 27  ? -3.601  -17.648 -7.758  1.00 57.48  ? 66  LYS A CB  1 
ATOM   212  C  CG  . LYS A 1 27  ? -4.336  -18.671 -6.901  1.00 61.05  ? 66  LYS A CG  1 
ATOM   213  C  CD  . LYS A 1 27  ? -5.145  -19.669 -7.721  1.00 76.88  ? 66  LYS A CD  1 
ATOM   214  C  CE  . LYS A 1 27  ? -5.821  -20.715 -6.856  1.00 82.56  ? 66  LYS A CE  1 
ATOM   215  N  NZ  . LYS A 1 27  ? -4.823  -21.522 -6.111  1.00 90.02  ? 66  LYS A NZ  1 
ATOM   216  N  N   . ASN A 1 28  ? -1.228  -16.635 -5.728  1.00 50.81  ? 67  ASN A N   1 
ATOM   217  C  CA  . ASN A 1 28  ? -0.368  -16.961 -4.562  1.00 54.77  ? 67  ASN A CA  1 
ATOM   218  C  C   . ASN A 1 28  ? 0.035   -15.675 -3.823  1.00 52.54  ? 67  ASN A C   1 
ATOM   219  O  O   . ASN A 1 28  ? 0.322   -15.733 -2.599  1.00 40.53  ? 67  ASN A O   1 
ATOM   220  C  CB  . ASN A 1 28  ? 0.872   -17.739 -5.005  1.00 62.23  ? 67  ASN A CB  1 
ATOM   221  C  CG  . ASN A 1 28  ? 0.688   -19.241 -4.970  1.00 68.69  ? 67  ASN A CG  1 
ATOM   222  O  OD1 . ASN A 1 28  ? -0.427  -19.757 -5.064  1.00 61.95  ? 67  ASN A OD1 1 
ATOM   223  N  ND2 . ASN A 1 28  ? 1.794   -19.954 -4.815  1.00 79.81  ? 67  ASN A ND2 1 
ATOM   224  N  N   . GLY A 1 29  ? 0.079   -14.552 -4.542  1.00 50.28  ? 68  GLY A N   1 
ATOM   225  C  CA  . GLY A 1 29  ? 0.397   -13.245 -3.942  1.00 41.56  ? 68  GLY A CA  1 
ATOM   226  C  C   . GLY A 1 29  ? 1.779   -12.809 -4.340  1.00 40.90  ? 68  GLY A C   1 
ATOM   227  O  O   . GLY A 1 29  ? 2.707   -13.660 -4.312  1.00 44.89  ? 68  GLY A O   1 
ATOM   228  N  N   . ARG A 1 30  ? 1.903   -11.552 -4.741  1.00 32.72  ? 69  ARG A N   1 
ATOM   229  C  CA  . ARG A 1 30  ? 3.144   -10.943 -5.263  1.00 34.68  ? 69  ARG A CA  1 
ATOM   230  C  C   . ARG A 1 30  ? 3.528   -9.787  -4.362  1.00 34.60  ? 69  ARG A C   1 
ATOM   231  O  O   . ARG A 1 30  ? 2.649   -8.945  -4.042  1.00 30.71  ? 69  ARG A O   1 
ATOM   232  C  CB  . ARG A 1 30  ? 2.980   -10.487 -6.714  1.00 33.79  ? 69  ARG A CB  1 
ATOM   233  C  CG  . ARG A 1 30  ? 4.207   -9.818  -7.306  1.00 37.86  ? 69  ARG A CG  1 
ATOM   234  C  CD  . ARG A 1 30  ? 5.347   -10.810 -7.593  1.00 39.17  ? 69  ARG A CD  1 
ATOM   235  N  NE  . ARG A 1 30  ? 4.883   -11.863 -8.483  1.00 46.75  ? 69  ARG A NE  1 
ATOM   236  C  CZ  . ARG A 1 30  ? 4.887   -11.793 -9.818  1.00 49.81  ? 69  ARG A CZ  1 
ATOM   237  N  NH1 . ARG A 1 30  ? 4.430   -12.809 -10.529 1.00 55.60  ? 69  ARG A NH1 1 
ATOM   238  N  NH2 . ARG A 1 30  ? 5.373   -10.731 -10.435 1.00 48.93  ? 69  ARG A NH2 1 
ATOM   239  N  N   . ARG A 1 31  ? 4.796   -9.723  -3.982  1.00 34.25  ? 70  ARG A N   1 
ATOM   240  C  CA  . ARG A 1 31  ? 5.319   -8.562  -3.232  1.00 35.25  ? 70  ARG A CA  1 
ATOM   241  C  C   . ARG A 1 31  ? 5.357   -7.325  -4.139  1.00 31.38  ? 70  ARG A C   1 
ATOM   242  O  O   . ARG A 1 31  ? 5.409   -7.413  -5.379  1.00 32.65  ? 70  ARG A O   1 
ATOM   243  C  CB  . ARG A 1 31  ? 6.669   -8.865  -2.583  1.00 38.26  ? 70  ARG A CB  1 
ATOM   244  C  CG  . ARG A 1 31  ? 6.499   -9.573  -1.252  1.00 47.34  ? 70  ARG A CG  1 
ATOM   245  C  CD  . ARG A 1 31  ? 7.386   -10.773 -1.066  1.00 60.91  ? 70  ARG A CD  1 
ATOM   246  N  NE  . ARG A 1 31  ? 8.679   -10.486 -0.463  1.00 69.20  ? 70  ARG A NE  1 
ATOM   247  C  CZ  . ARG A 1 31  ? 9.685   -11.369 -0.408  1.00 81.84  ? 70  ARG A CZ  1 
ATOM   248  N  NH1 . ARG A 1 31  ? 9.543   -12.580 -0.938  1.00 85.82  ? 70  ARG A NH1 1 
ATOM   249  N  NH2 . ARG A 1 31  ? 10.829  -11.040 0.170   1.00 79.02  ? 70  ARG A NH2 1 
ATOM   250  N  N   . MET A 1 32  ? 5.250   -6.172  -3.494  1.00 30.59  ? 71  MET A N   1 
ATOM   251  C  CA  . MET A 1 32  ? 5.207   -4.837  -4.110  1.00 28.12  ? 71  MET A CA  1 
ATOM   252  C  C   . MET A 1 32  ? 6.617   -4.340  -4.422  1.00 27.68  ? 71  MET A C   1 
ATOM   253  O  O   . MET A 1 32  ? 7.557   -4.573  -3.603  1.00 30.08  ? 71  MET A O   1 
ATOM   254  C  CB  . MET A 1 32  ? 4.566   -3.840  -3.114  1.00 28.10  ? 71  MET A CB  1 
ATOM   255  C  CG  . MET A 1 32  ? 3.079   -4.104  -2.894  1.00 29.90  ? 71  MET A CG  1 
ATOM   256  S  SD  . MET A 1 32  ? 2.398   -2.963  -1.658  1.00 28.41  ? 71  MET A SD  1 
ATOM   257  C  CE  . MET A 1 32  ? 2.587   -1.403  -2.496  1.00 31.91  ? 71  MET A CE  1 
ATOM   258  N  N   . PHE A 1 33  ? 6.746   -3.627  -5.534  1.00 27.28  ? 72  PHE A N   1 
ATOM   259  C  CA  . PHE A 1 33  ? 7.899   -2.752  -5.868  1.00 27.91  ? 72  PHE A CA  1 
ATOM   260  C  C   . PHE A 1 33  ? 7.340   -1.516  -6.536  1.00 31.09  ? 72  PHE A C   1 
ATOM   261  O  O   . PHE A 1 33  ? 6.594   -1.651  -7.521  1.00 35.82  ? 72  PHE A O   1 
ATOM   262  C  CB  . PHE A 1 33  ? 8.902   -3.370  -6.871  1.00 30.85  ? 72  PHE A CB  1 
ATOM   263  C  CG  . PHE A 1 33  ? 10.121  -2.485  -7.036  1.00 31.97  ? 72  PHE A CG  1 
ATOM   264  C  CD1 . PHE A 1 33  ? 11.100  -2.481  -6.049  1.00 32.93  ? 72  PHE A CD1 1 
ATOM   265  C  CD2 . PHE A 1 33  ? 10.202  -1.529  -8.037  1.00 33.90  ? 72  PHE A CD2 1 
ATOM   266  C  CE1 . PHE A 1 33  ? 12.159  -1.579  -6.098  1.00 33.37  ? 72  PHE A CE1 1 
ATOM   267  C  CE2 . PHE A 1 33  ? 11.277  -0.649  -8.111  1.00 35.21  ? 72  PHE A CE2 1 
ATOM   268  C  CZ  . PHE A 1 33  ? 12.268  -0.696  -7.146  1.00 32.74  ? 72  PHE A CZ  1 
ATOM   269  N  N   . PRO A 1 34  ? 7.691   -0.306  -6.075  1.00 29.22  ? 73  PRO A N   1 
ATOM   270  C  CA  . PRO A 1 34  ? 8.489   -0.112  -4.868  1.00 31.16  ? 73  PRO A CA  1 
ATOM   271  C  C   . PRO A 1 34  ? 7.749   -0.612  -3.618  1.00 26.93  ? 73  PRO A C   1 
ATOM   272  O  O   . PRO A 1 34  ? 6.565   -0.880  -3.619  1.00 28.38  ? 73  PRO A O   1 
ATOM   273  C  CB  . PRO A 1 34  ? 8.807   1.377   -4.823  1.00 34.23  ? 73  PRO A CB  1 
ATOM   274  C  CG  . PRO A 1 34  ? 8.444   1.886   -6.207  1.00 32.55  ? 73  PRO A CG  1 
ATOM   275  C  CD  . PRO A 1 34  ? 7.380   0.966   -6.736  1.00 32.39  ? 73  PRO A CD  1 
ATOM   276  N  N   . VAL A 1 35  ? 8.531   -0.840  -2.582  1.00 30.11  ? 74  VAL A N   1 
ATOM   277  C  CA  . VAL A 1 35  ? 8.039   -1.184  -1.232  1.00 28.90  ? 74  VAL A CA  1 
ATOM   278  C  C   . VAL A 1 35  ? 7.579   0.119   -0.560  1.00 26.51  ? 74  VAL A C   1 
ATOM   279  O  O   . VAL A 1 35  ? 8.303   1.134   -0.584  1.00 27.57  ? 74  VAL A O   1 
ATOM   280  C  CB  . VAL A 1 35  ? 9.159   -1.845  -0.412  1.00 33.14  ? 74  VAL A CB  1 
ATOM   281  C  CG1 . VAL A 1 35  ? 8.751   -1.998  1.039   1.00 32.84  ? 74  VAL A CG1 1 
ATOM   282  C  CG2 . VAL A 1 35  ? 9.621   -3.171  -1.022  1.00 36.06  ? 74  VAL A CG2 1 
ATOM   283  N  N   . LEU A 1 36  ? 6.462   0.056   0.113   1.00 27.45  ? 75  LEU A N   1 
ATOM   284  C  CA  . LEU A 1 36  ? 6.040   1.207   0.947   1.00 28.85  ? 75  LEU A CA  1 
ATOM   285  C  C   . LEU A 1 36  ? 6.942   1.253   2.186   1.00 26.43  ? 75  LEU A C   1 
ATOM   286  O  O   . LEU A 1 36  ? 6.941   0.287   3.040   1.00 26.81  ? 75  LEU A O   1 
ATOM   287  C  CB  . LEU A 1 36  ? 4.574   1.069   1.300   1.00 29.92  ? 75  LEU A CB  1 
ATOM   288  C  CG  . LEU A 1 36  ? 4.010   2.162   2.215   1.00 33.09  ? 75  LEU A CG  1 
ATOM   289  C  CD1 . LEU A 1 36  ? 3.860   3.464   1.476   1.00 37.63  ? 75  LEU A CD1 1 
ATOM   290  C  CD2 . LEU A 1 36  ? 2.664   1.738   2.768   1.00 39.26  ? 75  LEU A CD2 1 
ATOM   291  N  N   . LYS A 1 37  ? 7.671   2.349   2.337   1.00 28.97  ? 76  LYS A N   1 
ATOM   292  C  CA  . LYS A 1 37  ? 8.531   2.576   3.544   1.00 32.16  ? 76  LYS A CA  1 
ATOM   293  C  C   . LYS A 1 37  ? 8.147   3.923   4.147   1.00 33.13  ? 76  LYS A C   1 
ATOM   294  O  O   . LYS A 1 37  ? 8.041   4.916   3.356   1.00 34.51  ? 76  LYS A O   1 
ATOM   295  C  CB  . LYS A 1 37  ? 10.010  2.585   3.160   1.00 37.01  ? 76  LYS A CB  1 
ATOM   296  C  CG  . LYS A 1 37  ? 10.475  1.285   2.527   1.00 37.82  ? 76  LYS A CG  1 
ATOM   297  C  CD  . LYS A 1 37  ? 11.846  1.360   1.908   1.00 42.77  ? 76  LYS A CD  1 
ATOM   298  C  CE  . LYS A 1 37  ? 12.181  0.078   1.171   1.00 47.31  ? 76  LYS A CE  1 
ATOM   299  N  NZ  . LYS A 1 37  ? 13.620  -0.247  1.314   1.00 51.91  ? 76  LYS A NZ  1 
ATOM   300  N  N   . VAL A 1 38  ? 7.873   3.952   5.454   1.00 34.63  ? 77  VAL A N   1 
ATOM   301  C  CA  . VAL A 1 38  ? 7.252   5.131   6.112   1.00 34.91  ? 77  VAL A CA  1 
ATOM   302  C  C   . VAL A 1 38  ? 8.201   5.646   7.200   1.00 37.97  ? 77  VAL A C   1 
ATOM   303  O  O   . VAL A 1 38  ? 8.643   4.861   8.030   1.00 31.95  ? 77  VAL A O   1 
ATOM   304  C  CB  . VAL A 1 38  ? 5.869   4.770   6.674   1.00 38.45  ? 77  VAL A CB  1 
ATOM   305  C  CG1 . VAL A 1 38  ? 5.009   4.098   5.613   1.00 40.34  ? 77  VAL A CG1 1 
ATOM   306  C  CG2 . VAL A 1 38  ? 5.965   3.880   7.879   1.00 47.51  ? 77  VAL A CG2 1 
ATOM   307  N  N   . ASN A 1 39  ? 8.439   6.946   7.215   1.00 35.99  ? 78  ASN A N   1 
ATOM   308  C  CA  . ASN A 1 39  ? 9.186   7.624   8.290   1.00 39.15  ? 78  ASN A CA  1 
ATOM   309  C  C   . ASN A 1 39  ? 8.163   8.035   9.342   1.00 34.47  ? 78  ASN A C   1 
ATOM   310  O  O   . ASN A 1 39  ? 7.112   8.656   8.999   1.00 35.08  ? 78  ASN A O   1 
ATOM   311  C  CB  . ASN A 1 39  ? 10.056  8.745   7.719   1.00 45.36  ? 78  ASN A CB  1 
ATOM   312  C  CG  . ASN A 1 39  ? 11.060  8.213   6.724   1.00 51.99  ? 78  ASN A CG  1 
ATOM   313  O  OD1 . ASN A 1 39  ? 11.832  7.303   7.027   1.00 51.47  ? 78  ASN A OD1 1 
ATOM   314  N  ND2 . ASN A 1 39  ? 11.032  8.751   5.520   1.00 58.51  ? 78  ASN A ND2 1 
ATOM   315  N  N   . VAL A 1 40  ? 8.396   7.641   10.593  1.00 34.33  ? 79  VAL A N   1 
ATOM   316  C  CA  . VAL A 1 40  ? 7.465   8.026   11.684  1.00 35.73  ? 79  VAL A CA  1 
ATOM   317  C  C   . VAL A 1 40  ? 8.277   8.672   12.803  1.00 41.26  ? 79  VAL A C   1 
ATOM   318  O  O   . VAL A 1 40  ? 9.303   8.108   13.193  1.00 43.27  ? 79  VAL A O   1 
ATOM   319  C  CB  . VAL A 1 40  ? 6.653   6.831   12.198  1.00 36.72  ? 79  VAL A CB  1 
ATOM   320  C  CG1 . VAL A 1 40  ? 5.873   7.207   13.426  1.00 38.24  ? 79  VAL A CG1 1 
ATOM   321  C  CG2 . VAL A 1 40  ? 5.717   6.275   11.118  1.00 38.35  ? 79  VAL A CG2 1 
ATOM   322  N  N   . SER A 1 41  ? 7.808   9.823   13.264  1.00 40.30  ? 80  SER A N   1 
ATOM   323  C  CA  . SER A 1 41  ? 8.347   10.531  14.450  1.00 39.55  ? 80  SER A CA  1 
ATOM   324  C  C   . SER A 1 41  ? 7.181   10.903  15.360  1.00 35.41  ? 80  SER A C   1 
ATOM   325  O  O   . SER A 1 41  ? 6.003   10.882  14.926  1.00 42.08  ? 80  SER A O   1 
ATOM   326  C  CB  . SER A 1 41  ? 9.158   11.737  14.028  1.00 42.22  ? 80  SER A CB  1 
ATOM   327  O  OG  . SER A 1 41  ? 8.353   12.694  13.355  1.00 42.04  ? 80  SER A OG  1 
ATOM   328  N  N   . GLY A 1 42  ? 7.481   11.245  16.606  1.00 43.48  ? 81  GLY A N   1 
ATOM   329  C  CA  . GLY A 1 42  ? 6.477   11.779  17.535  1.00 38.54  ? 81  GLY A CA  1 
ATOM   330  C  C   . GLY A 1 42  ? 5.733   10.705  18.286  1.00 39.12  ? 81  GLY A C   1 
ATOM   331  O  O   . GLY A 1 42  ? 4.830   11.060  19.045  1.00 41.13  ? 81  GLY A O   1 
ATOM   332  N  N   . LEU A 1 43  ? 6.075   9.420   18.111  1.00 40.66  ? 82  LEU A N   1 
ATOM   333  C  CA  . LEU A 1 43  ? 5.536   8.353   18.984  1.00 38.20  ? 82  LEU A CA  1 
ATOM   334  C  C   . LEU A 1 43  ? 6.198   8.479   20.369  1.00 38.87  ? 82  LEU A C   1 
ATOM   335  O  O   . LEU A 1 43  ? 7.313   9.052   20.466  1.00 38.27  ? 82  LEU A O   1 
ATOM   336  C  CB  . LEU A 1 43  ? 5.856   6.976   18.403  1.00 39.63  ? 82  LEU A CB  1 
ATOM   337  C  CG  . LEU A 1 43  ? 5.210   6.665   17.056  1.00 39.87  ? 82  LEU A CG  1 
ATOM   338  C  CD1 . LEU A 1 43  ? 5.587   5.263   16.603  1.00 44.98  ? 82  LEU A CD1 1 
ATOM   339  C  CD2 . LEU A 1 43  ? 3.701   6.818   17.138  1.00 39.26  ? 82  LEU A CD2 1 
ATOM   340  N  N   . ASP A 1 44  ? 5.517   7.953   21.379  1.00 43.78  ? 83  ASP A N   1 
ATOM   341  C  CA  . ASP A 1 44  ? 6.093   7.695   22.723  1.00 42.09  ? 83  ASP A CA  1 
ATOM   342  C  C   . ASP A 1 44  ? 7.064   6.526   22.594  1.00 46.03  ? 83  ASP A C   1 
ATOM   343  O  O   . ASP A 1 44  ? 6.643   5.414   22.289  1.00 43.32  ? 83  ASP A O   1 
ATOM   344  C  CB  . ASP A 1 44  ? 4.975   7.421   23.716  1.00 45.17  ? 83  ASP A CB  1 
ATOM   345  C  CG  . ASP A 1 44  ? 5.455   7.330   25.153  1.00 47.57  ? 83  ASP A CG  1 
ATOM   346  O  OD1 . ASP A 1 44  ? 6.620   6.952   25.365  1.00 49.91  ? 83  ASP A OD1 1 
ATOM   347  O  OD2 . ASP A 1 44  ? 4.649   7.615   26.020  1.00 44.34  ? 83  ASP A OD2 1 
ATOM   348  N  N   . PRO A 1 45  ? 8.388   6.745   22.750  1.00 41.92  ? 84  PRO A N   1 
ATOM   349  C  CA  . PRO A 1 45  ? 9.361   5.671   22.585  1.00 40.84  ? 84  PRO A CA  1 
ATOM   350  C  C   . PRO A 1 45  ? 8.961   4.444   23.408  1.00 40.91  ? 84  PRO A C   1 
ATOM   351  O  O   . PRO A 1 45  ? 9.261   3.356   23.000  1.00 43.19  ? 84  PRO A O   1 
ATOM   352  C  CB  . PRO A 1 45  ? 10.683  6.274   23.085  1.00 42.19  ? 84  PRO A CB  1 
ATOM   353  C  CG  . PRO A 1 45  ? 10.508  7.777   22.986  1.00 43.23  ? 84  PRO A CG  1 
ATOM   354  C  CD  . PRO A 1 45  ? 9.022   8.036   23.070  1.00 45.46  ? 84  PRO A CD  1 
ATOM   355  N  N   . ASN A 1 46  ? 8.234   4.659   24.506  1.00 46.72  ? 85  ASN A N   1 
ATOM   356  C  CA  . ASN A 1 46  ? 7.969   3.644   25.558  1.00 41.29  ? 85  ASN A CA  1 
ATOM   357  C  C   . ASN A 1 46  ? 6.587   3.015   25.409  1.00 41.27  ? 85  ASN A C   1 
ATOM   358  O  O   . ASN A 1 46  ? 6.359   2.010   26.092  1.00 46.02  ? 85  ASN A O   1 
ATOM   359  C  CB  . ASN A 1 46  ? 8.186   4.253   26.943  1.00 45.48  ? 85  ASN A CB  1 
ATOM   360  C  CG  . ASN A 1 46  ? 9.667   4.422   27.179  1.00 46.03  ? 85  ASN A CG  1 
ATOM   361  O  OD1 . ASN A 1 46  ? 10.387  3.434   27.168  1.00 51.38  ? 85  ASN A OD1 1 
ATOM   362  N  ND2 . ASN A 1 46  ? 10.128  5.652   27.313  1.00 53.40  ? 85  ASN A ND2 1 
ATOM   363  N  N   . ALA A 1 47  ? 5.700   3.583   24.580  1.00 40.40  ? 86  ALA A N   1 
ATOM   364  C  CA  . ALA A 1 47  ? 4.341   3.063   24.327  1.00 37.08  ? 86  ALA A CA  1 
ATOM   365  C  C   . ALA A 1 47  ? 4.425   1.950   23.282  1.00 33.71  ? 86  ALA A C   1 
ATOM   366  O  O   . ALA A 1 47  ? 5.476   1.817   22.607  1.00 36.28  ? 86  ALA A O   1 
ATOM   367  C  CB  . ALA A 1 47  ? 3.385   4.167   23.923  1.00 37.90  ? 86  ALA A CB  1 
ATOM   368  N  N   . MET A 1 48  ? 3.381   1.136   23.224  1.00 40.18  ? 87  MET A N   1 
ATOM   369  C  CA  . MET A 1 48  ? 3.287   -0.083  22.374  1.00 35.19  ? 87  MET A CA  1 
ATOM   370  C  C   . MET A 1 48  ? 2.380   0.270   21.185  1.00 32.59  ? 87  MET A C   1 
ATOM   371  O  O   . MET A 1 48  ? 1.369   0.867   21.395  1.00 35.10  ? 87  MET A O   1 
ATOM   372  C  CB  . MET A 1 48  ? 2.673   -1.232  23.175  1.00 40.47  ? 87  MET A CB  1 
ATOM   373  C  CG  . MET A 1 48  ? 3.364   -1.499  24.530  1.00 51.13  ? 87  MET A CG  1 
ATOM   374  S  SD  . MET A 1 48  ? 4.381   -2.984  24.502  1.00 51.61  ? 87  MET A SD  1 
ATOM   375  C  CE  . MET A 1 48  ? 4.809   -2.937  22.759  1.00 35.03  ? 87  MET A CE  1 
ATOM   376  N  N   . TYR A 1 49  ? 2.782   -0.123  19.971  0.64 33.40  ? 88  TYR A N   1 
ATOM   377  C  CA  . TYR A 1 49  ? 2.059   0.195   18.713  0.64 33.73  ? 88  TYR A CA  1 
ATOM   378  C  C   . TYR A 1 49  ? 2.106   -1.003  17.760  0.64 33.40  ? 88  TYR A C   1 
ATOM   379  O  O   . TYR A 1 49  ? 3.119   -1.727  17.707  0.64 31.80  ? 88  TYR A O   1 
ATOM   380  C  CB  . TYR A 1 49  ? 2.654   1.429   18.032  0.64 32.80  ? 88  TYR A CB  1 
ATOM   381  C  CG  . TYR A 1 49  ? 2.633   2.689   18.860  0.64 37.25  ? 88  TYR A CG  1 
ATOM   382  C  CD1 . TYR A 1 49  ? 1.633   3.639   18.705  0.64 36.63  ? 88  TYR A CD1 1 
ATOM   383  C  CD2 . TYR A 1 49  ? 3.618   2.939   19.802  0.64 35.91  ? 88  TYR A CD2 1 
ATOM   384  C  CE1 . TYR A 1 49  ? 1.608   4.796   19.467  0.64 38.73  ? 88  TYR A CE1 1 
ATOM   385  C  CE2 . TYR A 1 49  ? 3.609   4.093   20.571  0.64 37.33  ? 88  TYR A CE2 1 
ATOM   386  C  CZ  . TYR A 1 49  ? 2.597   5.022   20.408  0.64 37.43  ? 88  TYR A CZ  1 
ATOM   387  O  OH  . TYR A 1 49  ? 2.587   6.164   21.152  0.64 37.01  ? 88  TYR A OH  1 
ATOM   388  N  N   . SER A 1 50  ? 1.021   -1.195  17.016  0.64 31.11  ? 89  SER A N   1 
ATOM   389  C  CA  . SER A 1 50  ? 0.950   -2.126  15.869  0.64 31.06  ? 89  SER A CA  1 
ATOM   390  C  C   . SER A 1 50  ? 0.673   -1.313  14.607  0.64 31.48  ? 89  SER A C   1 
ATOM   391  O  O   . SER A 1 50  ? -0.163  -0.395  14.688  0.64 28.72  ? 89  SER A O   1 
ATOM   392  C  CB  . SER A 1 50  ? -0.075  -3.171  16.107  0.64 32.57  ? 89  SER A CB  1 
ATOM   393  O  OG  . SER A 1 50  ? 0.248   -3.888  17.288  0.64 32.97  ? 89  SER A OG  1 
ATOM   394  N  N   . PHE A 1 51  ? 1.410   -1.599  13.533  0.64 28.55  ? 90  PHE A N   1 
ATOM   395  C  CA  . PHE A 1 51  ? 1.251   -0.941  12.215  0.64 28.13  ? 90  PHE A CA  1 
ATOM   396  C  C   . PHE A 1 51  ? 0.404   -1.851  11.332  0.64 29.61  ? 90  PHE A C   1 
ATOM   397  O  O   . PHE A 1 51  ? 0.689   -3.069  11.197  0.64 25.98  ? 90  PHE A O   1 
ATOM   398  C  CB  . PHE A 1 51  ? 2.599   -0.596  11.590  0.64 29.47  ? 90  PHE A CB  1 
ATOM   399  C  CG  . PHE A 1 51  ? 3.207   0.672   12.124  0.64 29.65  ? 90  PHE A CG  1 
ATOM   400  C  CD1 . PHE A 1 51  ? 3.545   1.714   11.276  0.64 31.64  ? 90  PHE A CD1 1 
ATOM   401  C  CD2 . PHE A 1 51  ? 3.413   0.837   13.484  0.64 29.22  ? 90  PHE A CD2 1 
ATOM   402  C  CE1 . PHE A 1 51  ? 4.127   2.867   11.776  0.64 32.33  ? 90  PHE A CE1 1 
ATOM   403  C  CE2 . PHE A 1 51  ? 3.985   1.993   13.982  0.64 31.70  ? 90  PHE A CE2 1 
ATOM   404  C  CZ  . PHE A 1 51  ? 4.338   3.010   13.128  0.64 31.36  ? 90  PHE A CZ  1 
ATOM   405  N  N   . LEU A 1 52  ? -0.634  -1.252  10.748  0.64 29.60  ? 91  LEU A N   1 
ATOM   406  C  CA  . LEU A 1 52  ? -1.583  -1.912  9.826   0.64 28.78  ? 91  LEU A CA  1 
ATOM   407  C  C   . LEU A 1 52  ? -1.459  -1.222  8.464   0.64 27.63  ? 91  LEU A C   1 
ATOM   408  O  O   . LEU A 1 52  ? -1.298  0.015   8.454   0.64 25.86  ? 91  LEU A O   1 
ATOM   409  C  CB  . LEU A 1 52  ? -2.997  -1.757  10.384  0.64 31.47  ? 91  LEU A CB  1 
ATOM   410  C  CG  . LEU A 1 52  ? -3.473  -2.815  11.379  0.64 34.23  ? 91  LEU A CG  1 
ATOM   411  C  CD1 . LEU A 1 52  ? -2.432  -3.098  12.444  0.64 34.77  ? 91  LEU A CD1 1 
ATOM   412  C  CD2 . LEU A 1 52  ? -4.789  -2.389  12.013  0.64 33.25  ? 91  LEU A CD2 1 
ATOM   413  N  N   . LEU A 1 53  ? -1.579  -1.993  7.380   1.00 24.39  ? 92  LEU A N   1 
ATOM   414  C  CA  . LEU A 1 53  ? -1.581  -1.491  6.001   1.00 25.74  ? 92  LEU A CA  1 
ATOM   415  C  C   . LEU A 1 53  ? -2.873  -1.990  5.361   1.00 23.95  ? 92  LEU A C   1 
ATOM   416  O  O   . LEU A 1 53  ? -3.234  -3.182  5.483   1.00 24.84  ? 92  LEU A O   1 
ATOM   417  C  CB  . LEU A 1 53  ? -0.332  -1.996  5.276   1.00 25.38  ? 92  LEU A CB  1 
ATOM   418  C  CG  . LEU A 1 53  ? -0.364  -1.814  3.771   1.00 24.71  ? 92  LEU A CG  1 
ATOM   419  C  CD1 . LEU A 1 53  ? -0.277  -0.372  3.373   1.00 25.96  ? 92  LEU A CD1 1 
ATOM   420  C  CD2 . LEU A 1 53  ? 0.799   -2.596  3.130   1.00 26.03  ? 92  LEU A CD2 1 
ATOM   421  N  N   . ASP A 1 54  ? -3.600  -1.088  4.710   1.00 25.54  ? 93  ASP A N   1 
ATOM   422  C  CA  . ASP A 1 54  ? -4.743  -1.501  3.866   1.00 24.10  ? 93  ASP A CA  1 
ATOM   423  C  C   . ASP A 1 54  ? -4.693  -0.685  2.576   1.00 20.58  ? 93  ASP A C   1 
ATOM   424  O  O   . ASP A 1 54  ? -3.792  0.144   2.365   1.00 23.21  ? 93  ASP A O   1 
ATOM   425  C  CB  . ASP A 1 54  ? -6.089  -1.487  4.610   1.00 25.47  ? 93  ASP A CB  1 
ATOM   426  C  CG  . ASP A 1 54  ? -6.494  -0.136  5.149   1.00 24.18  ? 93  ASP A CG  1 
ATOM   427  O  OD1 . ASP A 1 54  ? -5.905  0.886   4.715   1.00 26.09  ? 93  ASP A OD1 1 
ATOM   428  O  OD2 . ASP A 1 54  ? -7.422  -0.146  6.010   1.00 26.93  ? 93  ASP A OD2 1 
ATOM   429  N  N   . PHE A 1 55  ? -5.595  -1.016  1.679   1.00 24.04  ? 94  PHE A N   1 
ATOM   430  C  CA  . PHE A 1 55  ? -5.670  -0.428  0.325   1.00 23.19  ? 94  PHE A CA  1 
ATOM   431  C  C   . PHE A 1 55  ? -7.094  0.080   0.113   1.00 24.10  ? 94  PHE A C   1 
ATOM   432  O  O   . PHE A 1 55  ? -7.977  -0.707  0.008   1.00 25.92  ? 94  PHE A O   1 
ATOM   433  C  CB  . PHE A 1 55  ? -5.277  -1.458  -0.726  1.00 21.53  ? 94  PHE A CB  1 
ATOM   434  C  CG  . PHE A 1 55  ? -3.887  -1.983  -0.492  1.00 22.24  ? 94  PHE A CG  1 
ATOM   435  C  CD1 . PHE A 1 55  ? -2.804  -1.355  -1.072  1.00 24.77  ? 94  PHE A CD1 1 
ATOM   436  C  CD2 . PHE A 1 55  ? -3.658  -3.001  0.414   1.00 25.76  ? 94  PHE A CD2 1 
ATOM   437  C  CE1 . PHE A 1 55  ? -1.508  -1.805  -0.840  1.00 25.79  ? 94  PHE A CE1 1 
ATOM   438  C  CE2 . PHE A 1 55  ? -2.364  -3.450  0.636   1.00 25.02  ? 94  PHE A CE2 1 
ATOM   439  C  CZ  . PHE A 1 55  ? -1.293  -2.804  0.065   1.00 24.88  ? 94  PHE A CZ  1 
ATOM   440  N  N   . VAL A 1 56  ? -7.235  1.381   -0.013  1.00 26.64  ? 95  VAL A N   1 
ATOM   441  C  CA  . VAL A 1 56  ? -8.564  2.001   -0.293  1.00 24.96  ? 95  VAL A CA  1 
ATOM   442  C  C   . VAL A 1 56  ? -8.786  1.935   -1.793  1.00 22.43  ? 95  VAL A C   1 
ATOM   443  O  O   . VAL A 1 56  ? -7.930  2.468   -2.503  1.00 23.98  ? 95  VAL A O   1 
ATOM   444  C  CB  . VAL A 1 56  ? -8.531  3.471   0.135   1.00 26.14  ? 95  VAL A CB  1 
ATOM   445  C  CG1 . VAL A 1 56  ? -9.883  4.129   -0.153  1.00 25.06  ? 95  VAL A CG1 1 
ATOM   446  C  CG2 . VAL A 1 56  ? -8.135  3.608   1.604   1.00 28.94  ? 95  VAL A CG2 1 
ATOM   447  N  N   . ALA A 1 57  ? -9.988  1.566   -2.213  1.00 25.75  ? 96  ALA A N   1 
ATOM   448  C  CA  . ALA A 1 57  ? -10.418 1.641   -3.620  1.00 27.72  ? 96  ALA A CA  1 
ATOM   449  C  C   . ALA A 1 57  ? -10.618 3.101   -3.941  1.00 27.49  ? 96  ALA A C   1 
ATOM   450  O  O   . ALA A 1 57  ? -11.512 3.716   -3.309  1.00 24.66  ? 96  ALA A O   1 
ATOM   451  C  CB  . ALA A 1 57  ? -11.663 0.784   -3.827  1.00 27.56  ? 96  ALA A CB  1 
ATOM   452  N  N   . ALA A 1 58  ? -9.744  3.679   -4.766  1.00 25.08  ? 97  ALA A N   1 
ATOM   453  C  CA  . ALA A 1 58  ? -9.638  5.142   -5.005  1.00 25.24  ? 97  ALA A CA  1 
ATOM   454  C  C   . ALA A 1 58  ? -10.866 5.671   -5.762  1.00 28.28  ? 97  ALA A C   1 
ATOM   455  O  O   . ALA A 1 58  ? -11.225 6.898   -5.637  1.00 27.40  ? 97  ALA A O   1 
ATOM   456  C  CB  . ALA A 1 58  ? -8.401  5.465   -5.745  1.00 28.90  ? 97  ALA A CB  1 
ATOM   457  N  N   . ASP A 1 59  ? -11.505 4.770   -6.478  1.00 27.95  ? 98  ASP A N   1 
ATOM   458  C  CA  . ASP A 1 59  ? -12.761 5.052   -7.213  1.00 27.75  ? 98  ASP A CA  1 
ATOM   459  C  C   . ASP A 1 59  ? -13.495 3.722   -7.301  1.00 31.36  ? 98  ASP A C   1 
ATOM   460  O  O   . ASP A 1 59  ? -12.934 2.671   -6.957  1.00 31.67  ? 98  ASP A O   1 
ATOM   461  C  CB  . ASP A 1 59  ? -12.447 5.814   -8.504  1.00 26.54  ? 98  ASP A CB  1 
ATOM   462  C  CG  . ASP A 1 59  ? -11.595 4.932   -9.435  1.00 29.57  ? 98  ASP A CG  1 
ATOM   463  O  OD1 . ASP A 1 59  ? -12.092 3.878   -9.804  1.00 31.44  ? 98  ASP A OD1 1 
ATOM   464  O  OD2 . ASP A 1 59  ? -10.485 5.333   -9.741  1.00 32.80  ? 98  ASP A OD2 1 
ATOM   465  N  N   . ASN A 1 60  ? -14.706 3.776   -7.818  1.00 29.58  ? 99  ASN A N   1 
ATOM   466  C  CA  . ASN A 1 60  ? -15.598 2.618   -7.892  1.00 31.73  ? 99  ASN A CA  1 
ATOM   467  C  C   . ASN A 1 60  ? -15.551 1.953   -9.272  1.00 32.49  ? 99  ASN A C   1 
ATOM   468  O  O   . ASN A 1 60  ? -16.446 1.119   -9.516  1.00 36.06  ? 99  ASN A O   1 
ATOM   469  C  CB  . ASN A 1 60  ? -17.013 3.102   -7.590  1.00 35.25  ? 99  ASN A CB  1 
ATOM   470  C  CG  . ASN A 1 60  ? -17.158 3.473   -6.142  1.00 39.75  ? 99  ASN A CG  1 
ATOM   471  O  OD1 . ASN A 1 60  ? -17.985 4.320   -5.816  1.00 46.34  ? 99  ASN A OD1 1 
ATOM   472  N  ND2 . ASN A 1 60  ? -16.374 2.854   -5.282  1.00 31.80  ? 99  ASN A ND2 1 
ATOM   473  N  N   . HIS A 1 61  ? -14.564 2.260   -10.118 1.00 34.07  ? 100 HIS A N   1 
ATOM   474  C  CA  . HIS A 1 61  ? -14.562 1.822   -11.533 1.00 31.05  ? 100 HIS A CA  1 
ATOM   475  C  C   . HIS A 1 61  ? -13.507 0.741   -11.839 1.00 37.84  ? 100 HIS A C   1 
ATOM   476  O  O   . HIS A 1 61  ? -12.486 0.591   -11.107 1.00 31.98  ? 100 HIS A O   1 
ATOM   477  C  CB  . HIS A 1 61  ? -14.346 3.027   -12.444 1.00 32.50  ? 100 HIS A CB  1 
ATOM   478  C  CG  . HIS A 1 61  ? -15.413 4.069   -12.366 1.00 38.85  ? 100 HIS A CG  1 
ATOM   479  N  ND1 . HIS A 1 61  ? -16.337 4.264   -13.407 1.00 37.74  ? 100 HIS A ND1 1 
ATOM   480  C  CD2 . HIS A 1 61  ? -15.673 5.007   -11.423 1.00 34.85  ? 100 HIS A CD2 1 
ATOM   481  C  CE1 . HIS A 1 61  ? -17.121 5.281   -13.095 1.00 44.80  ? 100 HIS A CE1 1 
ATOM   482  N  NE2 . HIS A 1 61  ? -16.736 5.764   -11.867 1.00 33.62  ? 100 HIS A NE2 1 
ATOM   483  N  N   . ARG A 1 62  ? -13.758 0.051   -12.947 1.00 38.89  ? 101 ARG A N   1 
ATOM   484  C  CA  . ARG A 1 62  ? -12.838 -0.901  -13.599 1.00 38.22  ? 101 ARG A CA  1 
ATOM   485  C  C   . ARG A 1 62  ? -12.079 -0.101  -14.659 1.00 34.77  ? 101 ARG A C   1 
ATOM   486  O  O   . ARG A 1 62  ? -12.705 0.688   -15.423 1.00 39.79  ? 101 ARG A O   1 
ATOM   487  C  CB  . ARG A 1 62  ? -13.702 -2.053  -14.129 1.00 48.11  ? 101 ARG A CB  1 
ATOM   488  C  CG  . ARG A 1 62  ? -13.080 -2.914  -15.226 1.00 57.44  ? 101 ARG A CG  1 
ATOM   489  C  CD  . ARG A 1 62  ? -13.851 -4.208  -15.460 1.00 61.90  ? 101 ARG A CD  1 
ATOM   490  N  NE  . ARG A 1 62  ? -13.848 -4.991  -14.233 1.00 72.44  ? 101 ARG A NE  1 
ATOM   491  C  CZ  . ARG A 1 62  ? -12.872 -5.811  -13.842 1.00 80.09  ? 101 ARG A CZ  1 
ATOM   492  N  NH1 . ARG A 1 62  ? -11.809 -6.007  -14.606 1.00 77.38  ? 101 ARG A NH1 1 
ATOM   493  N  NH2 . ARG A 1 62  ? -12.976 -6.447  -12.686 1.00 84.61  ? 101 ARG A NH2 1 
ATOM   494  N  N   . TRP A 1 63  ? -10.760 -0.238  -14.685 1.00 32.68  ? 102 TRP A N   1 
ATOM   495  C  CA  . TRP A 1 63  ? -9.871  0.493   -15.597 1.00 30.14  ? 102 TRP A CA  1 
ATOM   496  C  C   . TRP A 1 63  ? -9.362  -0.489  -16.673 1.00 36.13  ? 102 TRP A C   1 
ATOM   497  O  O   . TRP A 1 63  ? -9.176  -1.665  -16.363 1.00 36.86  ? 102 TRP A O   1 
ATOM   498  C  CB  . TRP A 1 63  ? -8.721  1.110   -14.790 1.00 31.43  ? 102 TRP A CB  1 
ATOM   499  C  CG  . TRP A 1 63  ? -9.171  2.230   -13.888 1.00 29.08  ? 102 TRP A CG  1 
ATOM   500  C  CD1 . TRP A 1 63  ? -9.823  2.112   -12.692 1.00 31.12  ? 102 TRP A CD1 1 
ATOM   501  C  CD2 . TRP A 1 63  ? -8.966  3.632   -14.107 1.00 29.06  ? 102 TRP A CD2 1 
ATOM   502  N  NE1 . TRP A 1 63  ? -10.030 3.361   -12.157 1.00 28.62  ? 102 TRP A NE1 1 
ATOM   503  C  CE2 . TRP A 1 63  ? -9.549  4.310   -13.008 1.00 30.00  ? 102 TRP A CE2 1 
ATOM   504  C  CE3 . TRP A 1 63  ? -8.391  4.395   -15.128 1.00 30.86  ? 102 TRP A CE3 1 
ATOM   505  C  CZ2 . TRP A 1 63  ? -9.527  5.692   -12.897 1.00 33.10  ? 102 TRP A CZ2 1 
ATOM   506  C  CZ3 . TRP A 1 63  ? -8.346  5.763   -15.011 1.00 34.19  ? 102 TRP A CZ3 1 
ATOM   507  C  CH2 . TRP A 1 63  ? -8.911  6.404   -13.899 1.00 34.23  ? 102 TRP A CH2 1 
ATOM   508  N  N   . LYS A 1 64  ? -9.148  0.014   -17.875 1.00 36.18  ? 103 LYS A N   1 
ATOM   509  C  CA  . LYS A 1 64  ? -8.671  -0.755  -19.050 1.00 41.48  ? 103 LYS A CA  1 
ATOM   510  C  C   . LYS A 1 64  ? -7.619  0.100   -19.750 1.00 39.42  ? 103 LYS A C   1 
ATOM   511  O  O   . LYS A 1 64  ? -7.753  1.321   -19.792 1.00 35.21  ? 103 LYS A O   1 
ATOM   512  C  CB  . LYS A 1 64  ? -9.854  -1.142  -19.947 1.00 52.32  ? 103 LYS A CB  1 
ATOM   513  C  CG  . LYS A 1 64  ? -11.142 -0.360  -19.698 1.00 64.75  ? 103 LYS A CG  1 
ATOM   514  C  CD  . LYS A 1 64  ? -12.070 -0.235  -20.903 1.00 71.93  ? 103 LYS A CD  1 
ATOM   515  C  CE  . LYS A 1 64  ? -12.970 0.984   -20.820 1.00 75.33  ? 103 LYS A CE  1 
ATOM   516  N  NZ  . LYS A 1 64  ? -13.489 1.382   -22.150 1.00 77.67  ? 103 LYS A NZ  1 
ATOM   517  N  N   . TYR A 1 65  ? -6.567  -0.532  -20.259 1.00 40.12  ? 104 TYR A N   1 
ATOM   518  C  CA  . TYR A 1 65  ? -5.449  0.150   -20.948 1.00 39.30  ? 104 TYR A CA  1 
ATOM   519  C  C   . TYR A 1 65  ? -5.838  0.129   -22.429 1.00 40.95  ? 104 TYR A C   1 
ATOM   520  O  O   . TYR A 1 65  ? -5.872  -0.952  -23.001 1.00 44.76  ? 104 TYR A O   1 
ATOM   521  C  CB  . TYR A 1 65  ? -4.119  -0.545  -20.639 1.00 36.01  ? 104 TYR A CB  1 
ATOM   522  C  CG  . TYR A 1 65  ? -2.884  0.234   -21.006 1.00 35.98  ? 104 TYR A CG  1 
ATOM   523  C  CD1 . TYR A 1 65  ? -2.513  1.362   -20.322 1.00 34.87  ? 104 TYR A CD1 1 
ATOM   524  C  CD2 . TYR A 1 65  ? -2.043  -0.170  -22.043 1.00 39.79  ? 104 TYR A CD2 1 
ATOM   525  C  CE1 . TYR A 1 65  ? -1.370  2.076   -20.624 1.00 39.13  ? 104 TYR A CE1 1 
ATOM   526  C  CE2 . TYR A 1 65  ? -0.895  0.542   -22.357 1.00 36.02  ? 104 TYR A CE2 1 
ATOM   527  C  CZ  . TYR A 1 65  ? -0.538  1.657   -21.648 1.00 40.25  ? 104 TYR A CZ  1 
ATOM   528  O  OH  . TYR A 1 65  ? 0.576   2.380   -21.962 1.00 40.40  ? 104 TYR A OH  1 
ATOM   529  N  N   . VAL A 1 66  ? -6.274  1.272   -22.935 1.00 45.42  ? 105 VAL A N   1 
ATOM   530  C  CA  . VAL A 1 66  ? -6.915  1.409   -24.272 1.00 49.67  ? 105 VAL A CA  1 
ATOM   531  C  C   . VAL A 1 66  ? -5.990  2.303   -25.076 1.00 47.12  ? 105 VAL A C   1 
ATOM   532  O  O   . VAL A 1 66  ? -5.821  3.498   -24.707 1.00 45.05  ? 105 VAL A O   1 
ATOM   533  C  CB  . VAL A 1 66  ? -8.349  1.973   -24.183 1.00 45.85  ? 105 VAL A CB  1 
ATOM   534  C  CG1 . VAL A 1 66  ? -8.911  2.307   -25.560 1.00 47.66  ? 105 VAL A CG1 1 
ATOM   535  C  CG2 . VAL A 1 66  ? -9.274  1.008   -23.463 1.00 46.35  ? 105 VAL A CG2 1 
ATOM   536  N  N   . ASN A 1 67  ? -5.385  1.728   -26.114 1.00 55.15  ? 106 ASN A N   1 
ATOM   537  C  CA  . ASN A 1 67  ? -4.519  2.479   -27.050 1.00 57.13  ? 106 ASN A CA  1 
ATOM   538  C  C   . ASN A 1 67  ? -3.528  3.301   -26.237 1.00 52.42  ? 106 ASN A C   1 
ATOM   539  O  O   . ASN A 1 67  ? -3.542  4.520   -26.397 1.00 49.07  ? 106 ASN A O   1 
ATOM   540  C  CB  . ASN A 1 67  ? -5.356  3.365   -27.974 1.00 65.69  ? 106 ASN A CB  1 
ATOM   541  C  CG  . ASN A 1 67  ? -6.224  2.532   -28.890 1.00 66.55  ? 106 ASN A CG  1 
ATOM   542  O  OD1 . ASN A 1 67  ? -5.729  1.611   -29.532 1.00 70.32  ? 106 ASN A OD1 1 
ATOM   543  N  ND2 . ASN A 1 67  ? -7.513  2.824   -28.928 1.00 59.14  ? 106 ASN A ND2 1 
ATOM   544  N  N   . GLY A 1 68  ? -2.748  2.637   -25.372 1.00 53.13  ? 107 GLY A N   1 
ATOM   545  C  CA  . GLY A 1 68  ? -1.607  3.235   -24.651 1.00 46.19  ? 107 GLY A CA  1 
ATOM   546  C  C   . GLY A 1 68  ? -2.028  4.127   -23.496 1.00 44.78  ? 107 GLY A C   1 
ATOM   547  O  O   . GLY A 1 68  ? -1.181  4.883   -22.987 1.00 40.99  ? 107 GLY A O   1 
ATOM   548  N  N   . GLU A 1 69  ? -3.288  4.081   -23.087 1.00 41.91  ? 108 GLU A N   1 
ATOM   549  C  CA  . GLU A 1 69  ? -3.785  5.019   -22.043 1.00 46.31  ? 108 GLU A CA  1 
ATOM   550  C  C   . GLU A 1 69  ? -4.743  4.260   -21.124 1.00 40.31  ? 108 GLU A C   1 
ATOM   551  O  O   . GLU A 1 69  ? -5.551  3.490   -21.628 1.00 38.09  ? 108 GLU A O   1 
ATOM   552  C  CB  . GLU A 1 69  ? -4.368  6.276   -22.700 1.00 51.90  ? 108 GLU A CB  1 
ATOM   553  C  CG  . GLU A 1 69  ? -5.846  6.194   -23.098 1.00 67.33  ? 108 GLU A CG  1 
ATOM   554  C  CD  . GLU A 1 69  ? -6.558  7.520   -23.386 1.00 78.62  ? 108 GLU A CD  1 
ATOM   555  O  OE1 . GLU A 1 69  ? -5.899  8.586   -23.340 1.00 79.76  ? 108 GLU A OE1 1 
ATOM   556  O  OE2 . GLU A 1 69  ? -7.790  7.491   -23.659 1.00 82.24  ? 108 GLU A OE2 1 
ATOM   557  N  N   . TRP A 1 70  ? -4.641  4.450   -19.803 1.00 38.95  ? 109 TRP A N   1 
ATOM   558  C  CA  . TRP A 1 70  ? -5.630  3.891   -18.847 1.00 33.47  ? 109 TRP A CA  1 
ATOM   559  C  C   . TRP A 1 70  ? -6.903  4.747   -18.892 1.00 36.36  ? 109 TRP A C   1 
ATOM   560  O  O   . TRP A 1 70  ? -6.784  5.968   -18.787 1.00 40.71  ? 109 TRP A O   1 
ATOM   561  C  CB  . TRP A 1 70  ? -5.080  3.888   -17.407 1.00 35.65  ? 109 TRP A CB  1 
ATOM   562  C  CG  . TRP A 1 70  ? -4.071  2.817   -17.165 1.00 32.02  ? 109 TRP A CG  1 
ATOM   563  C  CD1 . TRP A 1 70  ? -2.714  2.958   -17.070 1.00 32.68  ? 109 TRP A CD1 1 
ATOM   564  C  CD2 . TRP A 1 70  ? -4.354  1.427   -16.980 1.00 28.30  ? 109 TRP A CD2 1 
ATOM   565  N  NE1 . TRP A 1 70  ? -2.129  1.740   -16.891 1.00 34.03  ? 109 TRP A NE1 1 
ATOM   566  C  CE2 . TRP A 1 70  ? -3.105  0.782   -16.819 1.00 31.74  ? 109 TRP A CE2 1 
ATOM   567  C  CE3 . TRP A 1 70  ? -5.509  0.656   -16.911 1.00 28.47  ? 109 TRP A CE3 1 
ATOM   568  C  CZ2 . TRP A 1 70  ? -3.019  -0.576  -16.585 1.00 33.31  ? 109 TRP A CZ2 1 
ATOM   569  C  CZ3 . TRP A 1 70  ? -5.424  -0.700  -16.722 1.00 33.99  ? 109 TRP A CZ3 1 
ATOM   570  C  CH2 . TRP A 1 70  ? -4.175  -1.313  -16.550 1.00 34.83  ? 109 TRP A CH2 1 
ATOM   571  N  N   . VAL A 1 71  ? -8.068  4.116   -18.961 1.00 34.94  ? 110 VAL A N   1 
ATOM   572  C  CA  . VAL A 1 71  ? -9.391  4.821   -19.042 1.00 38.25  ? 110 VAL A CA  1 
ATOM   573  C  C   . VAL A 1 71  ? -10.384 4.061   -18.195 1.00 34.59  ? 110 VAL A C   1 
ATOM   574  O  O   . VAL A 1 71  ? -10.397 2.831   -18.140 1.00 35.86  ? 110 VAL A O   1 
ATOM   575  C  CB  . VAL A 1 71  ? -9.887  5.002   -20.490 1.00 42.37  ? 110 VAL A CB  1 
ATOM   576  C  CG1 . VAL A 1 71  ? -8.964  5.915   -21.265 1.00 43.94  ? 110 VAL A CG1 1 
ATOM   577  C  CG2 . VAL A 1 71  ? -10.067 3.686   -21.186 1.00 44.92  ? 110 VAL A CG2 1 
ATOM   578  N  N   . PRO A 1 72  ? -11.177 4.774   -17.372 1.00 36.15  ? 111 PRO A N   1 
ATOM   579  C  CA  . PRO A 1 72  ? -12.123 4.089   -16.526 1.00 37.51  ? 111 PRO A CA  1 
ATOM   580  C  C   . PRO A 1 72  ? -13.349 3.610   -17.302 1.00 38.58  ? 111 PRO A C   1 
ATOM   581  O  O   . PRO A 1 72  ? -13.710 4.278   -18.250 1.00 45.84  ? 111 PRO A O   1 
ATOM   582  C  CB  . PRO A 1 72  ? -12.513 5.155   -15.505 1.00 35.86  ? 111 PRO A CB  1 
ATOM   583  C  CG  . PRO A 1 72  ? -12.294 6.463   -16.194 1.00 35.57  ? 111 PRO A CG  1 
ATOM   584  C  CD  . PRO A 1 72  ? -11.178 6.229   -17.197 1.00 41.11  ? 111 PRO A CD  1 
ATOM   585  N  N   . GLY A 1 73  ? -13.955 2.532   -16.815 1.00 41.84  ? 112 GLY A N   1 
ATOM   586  C  CA  . GLY A 1 73  ? -15.258 2.028   -17.272 1.00 44.05  ? 112 GLY A CA  1 
ATOM   587  C  C   . GLY A 1 73  ? -16.384 2.998   -16.934 1.00 46.86  ? 112 GLY A C   1 
ATOM   588  O  O   . GLY A 1 73  ? -16.153 4.044   -16.262 1.00 46.19  ? 112 GLY A O   1 
ATOM   589  N  N   . GLY A 1 74  ? -17.593 2.671   -17.387 1.00 44.80  ? 113 GLY A N   1 
ATOM   590  C  CA  . GLY A 1 74  ? -18.769 3.528   -17.195 1.00 46.06  ? 113 GLY A CA  1 
ATOM   591  C  C   . GLY A 1 74  ? -19.754 2.900   -16.240 1.00 48.65  ? 113 GLY A C   1 
ATOM   592  O  O   . GLY A 1 74  ? -20.838 3.479   -16.103 1.00 60.44  ? 113 GLY A O   1 
ATOM   593  N  N   . LYS A 1 75  ? -19.415 1.764   -15.619 1.00 45.21  ? 114 LYS A N   1 
ATOM   594  C  CA  . LYS A 1 75  ? -20.360 0.984   -14.778 1.00 52.24  ? 114 LYS A CA  1 
ATOM   595  C  C   . LYS A 1 75  ? -19.817 0.831   -13.359 1.00 46.52  ? 114 LYS A C   1 
ATOM   596  O  O   . LYS A 1 75  ? -19.633 -0.277  -12.879 1.00 45.38  ? 114 LYS A O   1 
ATOM   597  C  CB  . LYS A 1 75  ? -20.640 -0.387  -15.391 1.00 59.01  ? 114 LYS A CB  1 
ATOM   598  C  CG  . LYS A 1 75  ? -22.038 -0.909  -15.087 1.00 69.30  ? 114 LYS A CG  1 
ATOM   599  C  CD  . LYS A 1 75  ? -23.131 0.100   -15.442 1.00 70.10  ? 114 LYS A CD  1 
ATOM   600  C  CE  . LYS A 1 75  ? -24.459 -0.526  -15.821 1.00 77.21  ? 114 LYS A CE  1 
ATOM   601  N  NZ  . LYS A 1 75  ? -25.073 -1.225  -14.670 1.00 82.97  ? 114 LYS A NZ  1 
ATOM   602  N  N   . PRO A 1 76  ? -19.625 1.940   -12.619 1.00 50.53  ? 115 PRO A N   1 
ATOM   603  C  CA  . PRO A 1 76  ? -19.097 1.863   -11.259 1.00 47.19  ? 115 PRO A CA  1 
ATOM   604  C  C   . PRO A 1 76  ? -19.917 0.877   -10.408 1.00 54.03  ? 115 PRO A C   1 
ATOM   605  O  O   . PRO A 1 76  ? -21.107 0.714   -10.653 1.00 57.18  ? 115 PRO A O   1 
ATOM   606  C  CB  . PRO A 1 76  ? -19.154 3.297   -10.704 1.00 49.54  ? 115 PRO A CB  1 
ATOM   607  C  CG  . PRO A 1 76  ? -19.939 4.101   -11.734 1.00 54.40  ? 115 PRO A CG  1 
ATOM   608  C  CD  . PRO A 1 76  ? -19.892 3.322   -13.041 1.00 50.19  ? 115 PRO A CD  1 
ATOM   609  N  N   . GLU A 1 77  ? -19.241 0.197   -9.478  1.00 45.98  ? 116 GLU A N   1 
ATOM   610  C  CA  . GLU A 1 77  ? -19.867 -0.652  -8.431  1.00 50.89  ? 116 GLU A CA  1 
ATOM   611  C  C   . GLU A 1 77  ? -19.212 -0.300  -7.099  1.00 51.21  ? 116 GLU A C   1 
ATOM   612  O  O   . GLU A 1 77  ? -18.049 0.084   -7.073  1.00 56.10  ? 116 GLU A O   1 
ATOM   613  C  CB  . GLU A 1 77  ? -19.667 -2.136  -8.738  1.00 56.37  ? 116 GLU A CB  1 
ATOM   614  C  CG  . GLU A 1 77  ? -20.066 -2.551  -10.146 1.00 63.11  ? 116 GLU A CG  1 
ATOM   615  C  CD  . GLU A 1 77  ? -19.705 -3.999  -10.461 1.00 73.68  ? 116 GLU A CD  1 
ATOM   616  O  OE1 . GLU A 1 77  ? -19.640 -4.803  -9.506  1.00 75.56  ? 116 GLU A OE1 1 
ATOM   617  O  OE2 . GLU A 1 77  ? -19.449 -4.325  -11.648 1.00 75.85  ? 116 GLU A OE2 1 
ATOM   618  N  N   . PRO A 1 78  ? -19.898 -0.436  -5.947  1.00 50.74  ? 117 PRO A N   1 
ATOM   619  C  CA  . PRO A 1 78  ? -19.284 -0.105  -4.663  1.00 55.27  ? 117 PRO A CA  1 
ATOM   620  C  C   . PRO A 1 78  ? -18.166 -1.121  -4.401  1.00 53.34  ? 117 PRO A C   1 
ATOM   621  O  O   . PRO A 1 78  ? -18.254 -2.264  -4.839  1.00 48.35  ? 117 PRO A O   1 
ATOM   622  C  CB  . PRO A 1 78  ? -20.405 -0.182  -3.612  1.00 52.60  ? 117 PRO A CB  1 
ATOM   623  C  CG  . PRO A 1 78  ? -21.676 -0.459  -4.416  1.00 56.63  ? 117 PRO A CG  1 
ATOM   624  C  CD  . PRO A 1 78  ? -21.252 -0.976  -5.783  1.00 56.07  ? 117 PRO A CD  1 
ATOM   625  N  N   . GLN A 1 79  ? -17.116 -0.634  -3.759  1.00 48.01  ? 118 GLN A N   1 
ATOM   626  C  CA  . GLN A 1 79  ? -15.947 -1.494  -3.509  1.00 57.08  ? 118 GLN A CA  1 
ATOM   627  C  C   . GLN A 1 79  ? -15.858 -1.773  -2.016  1.00 63.85  ? 118 GLN A C   1 
ATOM   628  O  O   . GLN A 1 79  ? -15.638 -0.829  -1.265  1.00 63.14  ? 118 GLN A O   1 
ATOM   629  C  CB  . GLN A 1 79  ? -14.714 -0.765  -4.027  1.00 49.84  ? 118 GLN A CB  1 
ATOM   630  C  CG  . GLN A 1 79  ? -14.840 -0.307  -5.467  1.00 52.82  ? 118 GLN A CG  1 
ATOM   631  C  CD  . GLN A 1 79  ? -14.778 -1.464  -6.431  1.00 54.08  ? 118 GLN A CD  1 
ATOM   632  O  OE1 . GLN A 1 79  ? -14.004 -2.393  -6.264  1.00 55.67  ? 118 GLN A OE1 1 
ATOM   633  N  NE2 . GLN A 1 79  ? -15.614 -1.423  -7.446  1.00 56.00  ? 118 GLN A NE2 1 
ATOM   634  N  N   . ALA A 1 80  ? -15.981 -3.043  -1.642  1.00 74.32  ? 119 ALA A N   1 
ATOM   635  C  CA  . ALA A 1 80  ? -15.863 -3.466  -0.229  1.00 78.70  ? 119 ALA A CA  1 
ATOM   636  C  C   . ALA A 1 80  ? -14.434 -3.177  0.210   1.00 75.48  ? 119 ALA A C   1 
ATOM   637  O  O   . ALA A 1 80  ? -13.515 -3.424  -0.571  1.00 69.15  ? 119 ALA A O   1 
ATOM   638  C  CB  . ALA A 1 80  ? -16.166 -4.937  -0.086  1.00 80.42  ? 119 ALA A CB  1 
ATOM   639  N  N   . PRO A 1 81  ? -14.185 -2.791  1.469   1.00 67.77  ? 120 PRO A N   1 
ATOM   640  C  CA  . PRO A 1 81  ? -12.846 -2.457  1.899   1.00 60.60  ? 120 PRO A CA  1 
ATOM   641  C  C   . PRO A 1 81  ? -11.889 -3.650  1.829   1.00 49.08  ? 120 PRO A C   1 
ATOM   642  O  O   . PRO A 1 81  ? -12.297 -4.781  1.959   1.00 47.43  ? 120 PRO A O   1 
ATOM   643  C  CB  . PRO A 1 81  ? -13.064 -2.118  3.374   1.00 30.00  ? 120 PRO A CB  1 
ATOM   644  C  CG  . PRO A 1 81  ? -14.279 -2.905  3.737   1.00 30.00  ? 120 PRO A CG  1 
ATOM   645  C  CD  . PRO A 1 81  ? -15.162 -2.690  2.536   1.00 30.00  ? 120 PRO A CD  1 
ATOM   646  N  N   . SER A 1 82  ? -10.608 -3.358  1.632   1.00 45.23  ? 121 SER A N   1 
ATOM   647  C  CA  . SER A 1 82  ? -9.623  -4.466  1.605   1.00 43.11  ? 121 SER A CA  1 
ATOM   648  C  C   . SER A 1 82  ? -9.362  -4.935  3.023   1.00 35.78  ? 121 SER A C   1 
ATOM   649  O  O   . SER A 1 82  ? -9.598  -4.210  3.974   1.00 35.59  ? 121 SER A O   1 
ATOM   650  C  CB  . SER A 1 82  ? -8.322  -4.123  0.922   1.00 30.00  ? 121 SER A CB  1 
ATOM   651  O  OG  . SER A 1 82  ? -7.303  -3.757  1.847   1.00 30.00  ? 121 SER A OG  1 
ATOM   652  N  N   . CYS A 1 83  ? -8.774  -6.117  3.117   1.00 35.29  ? 122 CYS A N   1 
ATOM   653  C  CA  . CYS A 1 83  ? -8.318  -6.655  4.411   1.00 35.66  ? 122 CYS A CA  1 
ATOM   654  C  C   . CYS A 1 83  ? -7.063  -5.892  4.855   1.00 32.08  ? 122 CYS A C   1 
ATOM   655  O  O   . CYS A 1 83  ? -6.412  -5.229  4.081   1.00 30.40  ? 122 CYS A O   1 
ATOM   656  C  CB  . CYS A 1 83  ? -8.098  -8.160  4.353   1.00 42.34  ? 122 CYS A CB  1 
ATOM   657  S  SG  . CYS A 1 83  ? -9.654  -9.087  4.358   1.00 49.95  ? 122 CYS A SG  1 
ATOM   658  N  N   . VAL A 1 84  ? -6.759  -6.012  6.125   1.00 31.37  ? 123 VAL A N   1 
ATOM   659  C  CA  . VAL A 1 84  ? -5.631  -5.284  6.728   1.00 31.80  ? 123 VAL A CA  1 
ATOM   660  C  C   . VAL A 1 84  ? -4.462  -6.269  6.863   1.00 27.89  ? 123 VAL A C   1 
ATOM   661  O  O   . VAL A 1 84  ? -4.671  -7.415  7.283   1.00 31.87  ? 123 VAL A O   1 
ATOM   662  C  CB  . VAL A 1 84  ? -6.064  -4.678  8.069   1.00 37.15  ? 123 VAL A CB  1 
ATOM   663  C  CG1 . VAL A 1 84  ? -6.369  -5.724  9.122   1.00 38.67  ? 123 VAL A CG1 1 
ATOM   664  C  CG2 . VAL A 1 84  ? -5.039  -3.696  8.569   1.00 40.38  ? 123 VAL A CG2 1 
ATOM   665  N  N   . TYR A 1 85  ? -3.283  -5.785  6.554   1.00 29.10  ? 124 TYR A N   1 
ATOM   666  C  CA  . TYR A 1 85  ? -1.997  -6.491  6.750   1.00 25.65  ? 124 TYR A CA  1 
ATOM   667  C  C   . TYR A 1 85  ? -1.370  -5.910  8.008   1.00 26.85  ? 124 TYR A C   1 
ATOM   668  O  O   . TYR A 1 85  ? -1.176  -4.665  8.053   1.00 26.92  ? 124 TYR A O   1 
ATOM   669  C  CB  . TYR A 1 85  ? -1.087  -6.276  5.543   1.00 26.27  ? 124 TYR A CB  1 
ATOM   670  C  CG  . TYR A 1 85  ? 0.311   -6.824  5.697   1.00 28.19  ? 124 TYR A CG  1 
ATOM   671  C  CD1 . TYR A 1 85  ? 0.584   -8.171  5.483   1.00 31.92  ? 124 TYR A CD1 1 
ATOM   672  C  CD2 . TYR A 1 85  ? 1.363   -5.994  6.035   1.00 26.65  ? 124 TYR A CD2 1 
ATOM   673  C  CE1 . TYR A 1 85  ? 1.848   -8.680  5.682   1.00 28.66  ? 124 TYR A CE1 1 
ATOM   674  C  CE2 . TYR A 1 85  ? 2.656   -6.473  6.176   1.00 27.86  ? 124 TYR A CE2 1 
ATOM   675  C  CZ  . TYR A 1 85  ? 2.887   -7.831  6.017   1.00 31.56  ? 124 TYR A CZ  1 
ATOM   676  O  OH  . TYR A 1 85  ? 4.157   -8.303  6.103   1.00 28.53  ? 124 TYR A OH  1 
ATOM   677  N  N   . ILE A 1 86  ? -1.006  -6.764  8.971   1.00 25.62  ? 125 ILE A N   1 
ATOM   678  C  CA  . ILE A 1 86  ? -0.220  -6.336  10.163  1.00 28.36  ? 125 ILE A CA  1 
ATOM   679  C  C   . ILE A 1 86  ? 1.285   -6.419  9.864   1.00 28.86  ? 125 ILE A C   1 
ATOM   680  O  O   . ILE A 1 86  ? 1.795   -7.525  9.489   1.00 26.62  ? 125 ILE A O   1 
ATOM   681  C  CB  . ILE A 1 86  ? -0.630  -7.202  11.361  1.00 31.49  ? 125 ILE A CB  1 
ATOM   682  C  CG1 . ILE A 1 86  ? -2.149  -7.228  11.551  1.00 37.65  ? 125 ILE A CG1 1 
ATOM   683  C  CG2 . ILE A 1 86  ? 0.070   -6.752  12.636  1.00 30.97  ? 125 ILE A CG2 1 
ATOM   684  C  CD1 . ILE A 1 86  ? -2.595  -8.432  12.342  1.00 41.34  ? 125 ILE A CD1 1 
ATOM   685  N  N   . HIS A 1 87  ? 2.020   -5.310  10.012  1.00 27.12  ? 126 HIS A N   1 
ATOM   686  C  CA  . HIS A 1 87  ? 3.492   -5.313  9.916   1.00 29.10  ? 126 HIS A CA  1 
ATOM   687  C  C   . HIS A 1 87  ? 3.994   -6.416  10.839  1.00 27.29  ? 126 HIS A C   1 
ATOM   688  O  O   . HIS A 1 87  ? 3.613   -6.491  12.000  1.00 25.64  ? 126 HIS A O   1 
ATOM   689  C  CB  . HIS A 1 87  ? 4.130   -3.967  10.255  1.00 24.76  ? 126 HIS A CB  1 
ATOM   690  C  CG  . HIS A 1 87  ? 5.536   -3.903  9.783   1.00 30.13  ? 126 HIS A CG  1 
ATOM   691  N  ND1 . HIS A 1 87  ? 6.560   -4.542  10.488  1.00 28.95  ? 126 HIS A ND1 1 
ATOM   692  C  CD2 . HIS A 1 87  ? 6.086   -3.450  8.637   1.00 29.59  ? 126 HIS A CD2 1 
ATOM   693  C  CE1 . HIS A 1 87  ? 7.696   -4.417  9.816   1.00 31.12  ? 126 HIS A CE1 1 
ATOM   694  N  NE2 . HIS A 1 87  ? 7.441   -3.739  8.674   1.00 32.14  ? 126 HIS A NE2 1 
ATOM   695  N  N   . PRO A 1 88  ? 4.884   -7.303  10.357  1.00 25.78  ? 127 PRO A N   1 
ATOM   696  C  CA  . PRO A 1 88  ? 5.297   -8.428  11.217  1.00 28.75  ? 127 PRO A CA  1 
ATOM   697  C  C   . PRO A 1 88  ? 6.098   -8.030  12.469  1.00 30.11  ? 127 PRO A C   1 
ATOM   698  O  O   . PRO A 1 88  ? 6.129   -8.829  13.462  1.00 30.48  ? 127 PRO A O   1 
ATOM   699  C  CB  . PRO A 1 88  ? 6.032   -9.309  10.201  1.00 27.60  ? 127 PRO A CB  1 
ATOM   700  C  CG  . PRO A 1 88  ? 6.638   -8.327  9.225   1.00 29.18  ? 127 PRO A CG  1 
ATOM   701  C  CD  . PRO A 1 88  ? 5.496   -7.330  9.029   1.00 26.37  ? 127 PRO A CD  1 
ATOM   702  N  N   . ASP A 1 89  ? 6.660   -6.817  12.519  1.00 29.98  ? 128 ASP A N   1 
ATOM   703  C  CA  . ASP A 1 89  ? 7.333   -6.319  13.749  1.00 31.42  ? 128 ASP A CA  1 
ATOM   704  C  C   . ASP A 1 89  ? 6.298   -6.022  14.837  1.00 30.35  ? 128 ASP A C   1 
ATOM   705  O  O   . ASP A 1 89  ? 6.696   -5.805  15.979  1.00 30.38  ? 128 ASP A O   1 
ATOM   706  C  CB  . ASP A 1 89  ? 8.237   -5.099  13.533  1.00 31.12  ? 128 ASP A CB  1 
ATOM   707  C  CG  . ASP A 1 89  ? 9.399   -5.236  12.576  1.00 31.70  ? 128 ASP A CG  1 
ATOM   708  O  OD1 . ASP A 1 89  ? 9.537   -6.283  11.956  1.00 33.77  ? 128 ASP A OD1 1 
ATOM   709  O  OD2 . ASP A 1 89  ? 10.084  -4.219  12.369  1.00 31.67  ? 128 ASP A OD2 1 
ATOM   710  N  N   . SER A 1 90  ? 4.983   -5.968  14.534  1.00 28.51  ? 129 SER A N   1 
ATOM   711  C  CA  . SER A 1 90  ? 3.933   -5.600  15.518  1.00 26.74  ? 129 SER A CA  1 
ATOM   712  C  C   . SER A 1 90  ? 3.711   -6.709  16.537  1.00 28.34  ? 129 SER A C   1 
ATOM   713  O  O   . SER A 1 90  ? 3.799   -7.868  16.167  1.00 31.22  ? 129 SER A O   1 
ATOM   714  C  CB  . SER A 1 90  ? 2.604   -5.357  14.857  1.00 28.03  ? 129 SER A CB  1 
ATOM   715  O  OG  . SER A 1 90  ? 2.740   -4.433  13.798  1.00 25.79  ? 129 SER A OG  1 
ATOM   716  N  N   . PRO A 1 91  ? 3.319   -6.438  17.799  1.00 29.90  ? 130 PRO A N   1 
ATOM   717  C  CA  . PRO A 1 91  ? 3.365   -5.121  18.414  1.00 29.82  ? 130 PRO A CA  1 
ATOM   718  C  C   . PRO A 1 91  ? 4.788   -4.732  18.800  1.00 31.14  ? 130 PRO A C   1 
ATOM   719  O  O   . PRO A 1 91  ? 5.606   -5.624  19.048  1.00 31.08  ? 130 PRO A O   1 
ATOM   720  C  CB  . PRO A 1 91  ? 2.507   -5.283  19.662  1.00 32.38  ? 130 PRO A CB  1 
ATOM   721  C  CG  . PRO A 1 91  ? 2.686   -6.717  20.032  1.00 34.98  ? 130 PRO A CG  1 
ATOM   722  C  CD  . PRO A 1 91  ? 2.836   -7.455  18.729  1.00 33.06  ? 130 PRO A CD  1 
ATOM   723  N  N   . ASN A 1 92  ? 5.090   -3.447  18.889  1.00 31.26  ? 131 ASN A N   1 
ATOM   724  C  CA  . ASN A 1 92  ? 6.478   -3.029  19.163  1.00 30.64  ? 131 ASN A CA  1 
ATOM   725  C  C   . ASN A 1 92  ? 6.500   -1.637  19.786  1.00 32.27  ? 131 ASN A C   1 
ATOM   726  O  O   . ASN A 1 92  ? 5.488   -0.964  19.752  1.00 33.14  ? 131 ASN A O   1 
ATOM   727  C  CB  . ASN A 1 92  ? 7.390   -3.247  17.955  1.00 32.46  ? 131 ASN A CB  1 
ATOM   728  C  CG  . ASN A 1 92  ? 8.661   -3.960  18.388  1.00 36.65  ? 131 ASN A CG  1 
ATOM   729  O  OD1 . ASN A 1 92  ? 9.249   -3.592  19.403  1.00 35.57  ? 131 ASN A OD1 1 
ATOM   730  N  ND2 . ASN A 1 92  ? 9.073   -4.966  17.636  1.00 30.54  ? 131 ASN A ND2 1 
ATOM   731  N  N   . PHE A 1 93  ? 7.564   -1.311  20.523  1.00 35.14  ? 132 PHE A N   1 
ATOM   732  C  CA  . PHE A 1 93  ? 7.704   0.003   21.193  1.00 37.73  ? 132 PHE A CA  1 
ATOM   733  C  C   . PHE A 1 93  ? 7.858   1.093   20.128  1.00 31.33  ? 132 PHE A C   1 
ATOM   734  O  O   . PHE A 1 93  ? 8.397   0.816   19.026  1.00 35.96  ? 132 PHE A O   1 
ATOM   735  C  CB  . PHE A 1 93  ? 8.886   -0.005  22.168  1.00 42.35  ? 132 PHE A CB  1 
ATOM   736  C  CG  . PHE A 1 93  ? 8.691   -0.991  23.295  1.00 40.18  ? 132 PHE A CG  1 
ATOM   737  C  CD1 . PHE A 1 93  ? 7.799   -0.728  24.319  1.00 42.22  ? 132 PHE A CD1 1 
ATOM   738  C  CD2 . PHE A 1 93  ? 9.361   -2.202  23.303  1.00 42.00  ? 132 PHE A CD2 1 
ATOM   739  C  CE1 . PHE A 1 93  ? 7.571   -1.644  25.334  1.00 42.94  ? 132 PHE A CE1 1 
ATOM   740  C  CE2 . PHE A 1 93  ? 9.149   -3.112  24.332  1.00 42.68  ? 132 PHE A CE2 1 
ATOM   741  C  CZ  . PHE A 1 93  ? 8.252   -2.836  25.338  1.00 40.60  ? 132 PHE A CZ  1 
ATOM   742  N  N   . GLY A 1 94  ? 7.410   2.301   20.453  1.00 37.28  ? 133 GLY A N   1 
ATOM   743  C  CA  . GLY A 1 94  ? 7.659   3.495   19.626  1.00 34.30  ? 133 GLY A CA  1 
ATOM   744  C  C   . GLY A 1 94  ? 9.102   3.620   19.184  1.00 36.13  ? 133 GLY A C   1 
ATOM   745  O  O   . GLY A 1 94  ? 9.344   3.879   18.006  1.00 34.68  ? 133 GLY A O   1 
ATOM   746  N  N   . ALA A 1 95  ? 10.080  3.396   20.077  1.00 35.47  ? 134 ALA A N   1 
ATOM   747  C  CA  . ALA A 1 95  ? 11.515  3.496   19.726  1.00 37.19  ? 134 ALA A CA  1 
ATOM   748  C  C   . ALA A 1 95  ? 11.837  2.627   18.514  1.00 33.30  ? 134 ALA A C   1 
ATOM   749  O  O   . ALA A 1 95  ? 12.697  2.986   17.687  1.00 36.48  ? 134 ALA A O   1 
ATOM   750  C  CB  . ALA A 1 95  ? 12.350  3.029   20.890  1.00 36.57  ? 134 ALA A CB  1 
ATOM   751  N  N   . HIS A 1 96  ? 11.228  1.445   18.484  1.00 33.46  ? 135 HIS A N   1 
ATOM   752  C  CA  . HIS A 1 96  ? 11.487  0.429   17.444  1.00 35.35  ? 135 HIS A CA  1 
ATOM   753  C  C   . HIS A 1 96  ? 11.059  1.005   16.101  1.00 33.83  ? 135 HIS A C   1 
ATOM   754  O  O   . HIS A 1 96  ? 11.765  0.855   15.080  1.00 33.74  ? 135 HIS A O   1 
ATOM   755  C  CB  . HIS A 1 96  ? 10.671  -0.842  17.726  1.00 33.63  ? 135 HIS A CB  1 
ATOM   756  C  CG  . HIS A 1 96  ? 10.852  -1.834  16.644  1.00 34.33  ? 135 HIS A CG  1 
ATOM   757  N  ND1 . HIS A 1 96  ? 11.972  -2.661  16.576  1.00 37.52  ? 135 HIS A ND1 1 
ATOM   758  C  CD2 . HIS A 1 96  ? 10.093  -2.108  15.564  1.00 31.15  ? 135 HIS A CD2 1 
ATOM   759  C  CE1 . HIS A 1 96  ? 11.911  -3.386  15.474  1.00 40.54  ? 135 HIS A CE1 1 
ATOM   760  N  NE2 . HIS A 1 96  ? 10.751  -3.070  14.834  1.00 36.68  ? 135 HIS A NE2 1 
ATOM   761  N  N   . TRP A 1 97  ? 9.865   1.534   16.107  1.00 34.46  ? 136 TRP A N   1 
ATOM   762  C  CA  . TRP A 1 97  ? 9.239   2.028   14.863  1.00 30.31  ? 136 TRP A CA  1 
ATOM   763  C  C   . TRP A 1 97  ? 9.957   3.271   14.349  1.00 35.33  ? 136 TRP A C   1 
ATOM   764  O  O   . TRP A 1 97  ? 9.977   3.449   13.116  1.00 38.26  ? 136 TRP A O   1 
ATOM   765  C  CB  . TRP A 1 97  ? 7.777   2.328   15.138  1.00 30.50  ? 136 TRP A CB  1 
ATOM   766  C  CG  . TRP A 1 97  ? 6.972   1.132   15.506  1.00 29.74  ? 136 TRP A CG  1 
ATOM   767  C  CD1 . TRP A 1 97  ? 6.340   0.940   16.687  1.00 27.62  ? 136 TRP A CD1 1 
ATOM   768  C  CD2 . TRP A 1 97  ? 6.657   -0.002  14.691  1.00 27.54  ? 136 TRP A CD2 1 
ATOM   769  N  NE1 . TRP A 1 97  ? 5.592   -0.196  16.648  1.00 27.62  ? 136 TRP A NE1 1 
ATOM   770  C  CE2 . TRP A 1 97  ? 5.832   -0.840  15.471  1.00 24.87  ? 136 TRP A CE2 1 
ATOM   771  C  CE3 . TRP A 1 97  ? 7.010   -0.417  13.401  1.00 28.42  ? 136 TRP A CE3 1 
ATOM   772  C  CZ2 . TRP A 1 97  ? 5.289   -2.020  14.980  1.00 26.25  ? 136 TRP A CZ2 1 
ATOM   773  C  CZ3 . TRP A 1 97  ? 6.516   -1.609  12.930  1.00 27.18  ? 136 TRP A CZ3 1 
ATOM   774  C  CH2 . TRP A 1 97  ? 5.639   -2.380  13.698  1.00 26.20  ? 136 TRP A CH2 1 
ATOM   775  N  N   . MET A 1 98  ? 10.510  4.096   15.250  1.00 36.24  ? 137 MET A N   1 
ATOM   776  C  CA  . MET A 1 98  ? 11.135  5.397   14.892  1.00 38.44  ? 137 MET A CA  1 
ATOM   777  C  C   . MET A 1 98  ? 12.619  5.231   14.559  1.00 38.83  ? 137 MET A C   1 
ATOM   778  O  O   . MET A 1 98  ? 13.136  6.134   13.925  1.00 38.68  ? 137 MET A O   1 
ATOM   779  C  CB  . MET A 1 98  ? 10.986  6.410   16.027  1.00 40.75  ? 137 MET A CB  1 
ATOM   780  C  CG  . MET A 1 98  ? 9.549   6.792   16.281  1.00 43.88  ? 137 MET A CG  1 
ATOM   781  S  SD  . MET A 1 98  ? 9.375   8.205   17.418  1.00 40.85  ? 137 MET A SD  1 
ATOM   782  C  CE  . MET A 1 98  ? 9.659   7.424   19.008  1.00 45.76  ? 137 MET A CE  1 
ATOM   783  N  N   . LYS A 1 99  ? 13.255  4.092   14.847  1.00 40.72  ? 138 LYS A N   1 
ATOM   784  C  CA  . LYS A 1 99  ? 14.725  3.936   14.643  1.00 42.62  ? 138 LYS A CA  1 
ATOM   785  C  C   . LYS A 1 99  ? 15.089  3.684   13.173  1.00 46.55  ? 138 LYS A C   1 
ATOM   786  O  O   . LYS A 1 99  ? 16.266  3.886   12.806  1.00 44.10  ? 138 LYS A O   1 
ATOM   787  C  CB  . LYS A 1 99  ? 15.305  2.856   15.565  1.00 44.17  ? 138 LYS A CB  1 
ATOM   788  C  CG  . LYS A 1 99  ? 15.008  1.409   15.196  1.00 46.64  ? 138 LYS A CG  1 
ATOM   789  C  CD  . LYS A 1 99  ? 15.404  0.419   16.295  1.00 58.04  ? 138 LYS A CD  1 
ATOM   790  C  CE  . LYS A 1 99  ? 15.276  -1.040  15.895  1.00 63.24  ? 138 LYS A CE  1 
ATOM   791  N  NZ  . LYS A 1 99  ? 14.890  -1.910  17.040  1.00 71.34  ? 138 LYS A NZ  1 
ATOM   792  N  N   . ALA A 1 100 ? 14.150  3.270   12.319  1.00 42.05  ? 139 ALA A N   1 
ATOM   793  C  CA  . ALA A 1 100 ? 14.398  3.121   10.871  1.00 37.12  ? 139 ALA A CA  1 
ATOM   794  C  C   . ALA A 1 100 ? 13.064  3.175   10.140  1.00 35.68  ? 139 ALA A C   1 
ATOM   795  O  O   . ALA A 1 100 ? 12.051  2.929   10.767  1.00 34.42  ? 139 ALA A O   1 
ATOM   796  C  CB  . ALA A 1 100 ? 15.121  1.827   10.596  1.00 42.17  ? 139 ALA A CB  1 
ATOM   797  N  N   . PRO A 1 101 ? 13.031  3.483   8.827   1.00 37.94  ? 140 PRO A N   1 
ATOM   798  C  CA  . PRO A 1 101 ? 11.770  3.527   8.101   1.00 37.40  ? 140 PRO A CA  1 
ATOM   799  C  C   . PRO A 1 101 ? 11.031  2.192   8.283   1.00 36.59  ? 140 PRO A C   1 
ATOM   800  O  O   . PRO A 1 101 ? 11.656  1.146   8.239   1.00 32.46  ? 140 PRO A O   1 
ATOM   801  C  CB  . PRO A 1 101 ? 12.175  3.751   6.641   1.00 39.43  ? 140 PRO A CB  1 
ATOM   802  C  CG  . PRO A 1 101 ? 13.569  4.360   6.690   1.00 41.12  ? 140 PRO A CG  1 
ATOM   803  C  CD  . PRO A 1 101 ? 14.183  3.852   7.984   1.00 42.03  ? 140 PRO A CD  1 
ATOM   804  N  N   . VAL A 1 102 ? 9.719   2.249   8.489   1.00 30.35  ? 141 VAL A N   1 
ATOM   805  C  CA  . VAL A 1 102 ? 8.858   1.042   8.628   1.00 32.06  ? 141 VAL A CA  1 
ATOM   806  C  C   . VAL A 1 102 ? 8.568   0.511   7.218   1.00 32.35  ? 141 VAL A C   1 
ATOM   807  O  O   . VAL A 1 102 ? 7.964   1.222   6.384   1.00 31.37  ? 141 VAL A O   1 
ATOM   808  C  CB  . VAL A 1 102 ? 7.587   1.341   9.440   1.00 29.16  ? 141 VAL A CB  1 
ATOM   809  C  CG1 . VAL A 1 102 ? 6.739   0.112   9.612   1.00 28.50  ? 141 VAL A CG1 1 
ATOM   810  C  CG2 . VAL A 1 102 ? 7.904   2.015   10.771  1.00 31.52  ? 141 VAL A CG2 1 
ATOM   811  N  N   . SER A 1 103 ? 9.064   -0.674  6.914   1.00 30.82  ? 142 SER A N   1 
ATOM   812  C  CA  . SER A 1 103 ? 9.136   -1.152  5.517   1.00 32.40  ? 142 SER A CA  1 
ATOM   813  C  C   . SER A 1 103 ? 8.147   -2.313  5.339   1.00 30.79  ? 142 SER A C   1 
ATOM   814  O  O   . SER A 1 103 ? 8.325   -3.352  5.954   1.00 32.36  ? 142 SER A O   1 
ATOM   815  C  CB  . SER A 1 103 ? 10.541  -1.531  5.198   1.00 32.69  ? 142 SER A CB  1 
ATOM   816  O  OG  . SER A 1 103 ? 10.607  -2.169  3.946   1.00 35.12  ? 142 SER A OG  1 
ATOM   817  N  N   . PHE A 1 104 ? 7.149   -2.172  4.468   1.00 28.11  ? 143 PHE A N   1 
ATOM   818  C  CA  . PHE A 1 104 ? 6.118   -3.231  4.268   1.00 26.57  ? 143 PHE A CA  1 
ATOM   819  C  C   . PHE A 1 104 ? 6.575   -4.186  3.149   1.00 30.89  ? 143 PHE A C   1 
ATOM   820  O  O   . PHE A 1 104 ? 5.855   -4.430  2.167   1.00 30.27  ? 143 PHE A O   1 
ATOM   821  C  CB  . PHE A 1 104 ? 4.757   -2.551  4.020   1.00 27.30  ? 143 PHE A CB  1 
ATOM   822  C  CG  . PHE A 1 104 ? 4.199   -1.866  5.246   1.00 26.08  ? 143 PHE A CG  1 
ATOM   823  C  CD1 . PHE A 1 104 ? 3.376   -2.537  6.133   1.00 25.63  ? 143 PHE A CD1 1 
ATOM   824  C  CD2 . PHE A 1 104 ? 4.554   -0.555  5.551   1.00 28.40  ? 143 PHE A CD2 1 
ATOM   825  C  CE1 . PHE A 1 104 ? 2.834   -1.887  7.221   1.00 27.34  ? 143 PHE A CE1 1 
ATOM   826  C  CE2 . PHE A 1 104 ? 4.015   0.086   6.661   1.00 29.68  ? 143 PHE A CE2 1 
ATOM   827  C  CZ  . PHE A 1 104 ? 3.187   -0.597  7.506   1.00 28.00  ? 143 PHE A CZ  1 
ATOM   828  N  N   . SER A 1 105 ? 7.766   -4.767  3.285   1.00 30.12  ? 144 SER A N   1 
ATOM   829  C  CA  . SER A 1 105 ? 8.430   -5.526  2.194   1.00 30.99  ? 144 SER A CA  1 
ATOM   830  C  C   . SER A 1 105 ? 7.782   -6.890  2.006   1.00 28.77  ? 144 SER A C   1 
ATOM   831  O  O   . SER A 1 105 ? 8.009   -7.471  0.918   1.00 32.74  ? 144 SER A O   1 
ATOM   832  C  CB  . SER A 1 105 ? 9.892   -5.681  2.454   1.00 32.07  ? 144 SER A CB  1 
ATOM   833  O  OG  . SER A 1 105 ? 10.067  -6.397  3.644   1.00 34.49  ? 144 SER A OG  1 
ATOM   834  N  N   . LYS A 1 106 ? 7.077   -7.398  3.012   1.00 28.57  ? 145 LYS A N   1 
ATOM   835  C  CA  . LYS A 1 106 ? 6.559   -8.795  3.023   1.00 28.88  ? 145 LYS A CA  1 
ATOM   836  C  C   . LYS A 1 106 ? 5.059   -8.882  2.719   1.00 31.68  ? 145 LYS A C   1 
ATOM   837  O  O   . LYS A 1 106 ? 4.541   -9.993  2.614   1.00 31.73  ? 145 LYS A O   1 
ATOM   838  C  CB  . LYS A 1 106 ? 6.890   -9.462  4.360   1.00 32.01  ? 145 LYS A CB  1 
ATOM   839  C  CG  . LYS A 1 106 ? 8.365   -9.466  4.703   1.00 30.66  ? 145 LYS A CG  1 
ATOM   840  C  CD  . LYS A 1 106 ? 9.176   -10.219 3.720   1.00 31.91  ? 145 LYS A CD  1 
ATOM   841  C  CE  . LYS A 1 106 ? 10.508  -10.629 4.312   1.00 32.05  ? 145 LYS A CE  1 
ATOM   842  N  NZ  . LYS A 1 106 ? 11.288  -11.294 3.252   1.00 36.27  ? 145 LYS A NZ  1 
ATOM   843  N  N   . VAL A 1 107 ? 4.381   -7.756  2.470   1.00 29.32  ? 146 VAL A N   1 
ATOM   844  C  CA  . VAL A 1 107 ? 2.962   -7.863  2.073   1.00 31.16  ? 146 VAL A CA  1 
ATOM   845  C  C   . VAL A 1 107 ? 2.900   -8.415  0.651   1.00 26.44  ? 146 VAL A C   1 
ATOM   846  O  O   . VAL A 1 107 ? 3.698   -8.018  -0.192  1.00 28.61  ? 146 VAL A O   1 
ATOM   847  C  CB  . VAL A 1 107 ? 2.179   -6.551  2.237   1.00 27.80  ? 146 VAL A CB  1 
ATOM   848  C  CG1 . VAL A 1 107 ? 2.742   -5.419  1.381   1.00 30.94  ? 146 VAL A CG1 1 
ATOM   849  C  CG2 . VAL A 1 107 ? 0.709   -6.796  1.955   1.00 29.39  ? 146 VAL A CG2 1 
ATOM   850  N  N   . LYS A 1 108 ? 1.962   -9.321  0.435   1.00 29.16  ? 147 LYS A N   1 
ATOM   851  C  CA  . LYS A 1 108 ? 1.692   -9.943  -0.883  1.00 29.13  ? 147 LYS A CA  1 
ATOM   852  C  C   . LYS A 1 108 ? 0.284   -9.602  -1.364  1.00 29.30  ? 147 LYS A C   1 
ATOM   853  O  O   . LYS A 1 108 ? -0.663  -9.790  -0.612  1.00 32.37  ? 147 LYS A O   1 
ATOM   854  C  CB  . LYS A 1 108 ? 1.782   -11.465 -0.777  1.00 35.92  ? 147 LYS A CB  1 
ATOM   855  C  CG  . LYS A 1 108 ? 3.175   -11.991 -0.500  1.00 40.14  ? 147 LYS A CG  1 
ATOM   856  C  CD  . LYS A 1 108 ? 3.164   -13.481 -0.231  1.00 45.23  ? 147 LYS A CD  1 
ATOM   857  C  CE  . LYS A 1 108 ? 4.324   -14.179 -0.890  1.00 48.13  ? 147 LYS A CE  1 
ATOM   858  N  NZ  . LYS A 1 108 ? 4.465   -15.559 -0.368  1.00 46.62  ? 147 LYS A NZ  1 
ATOM   859  N  N   . LEU A 1 109 ? 0.190   -9.105  -2.582  1.00 32.18  ? 148 LEU A N   1 
ATOM   860  C  CA  . LEU A 1 109 ? -1.095  -8.714  -3.222  1.00 32.07  ? 148 LEU A CA  1 
ATOM   861  C  C   . LEU A 1 109 ? -1.568  -9.904  -4.060  1.00 34.41  ? 148 LEU A C   1 
ATOM   862  O  O   . LEU A 1 109 ? -0.760  -10.339 -4.927  1.00 31.97  ? 148 LEU A O   1 
ATOM   863  C  CB  . LEU A 1 109 ? -0.851  -7.482  -4.087  1.00 29.55  ? 148 LEU A CB  1 
ATOM   864  C  CG  . LEU A 1 109 ? -0.185  -6.294  -3.374  1.00 29.15  ? 148 LEU A CG  1 
ATOM   865  C  CD1 . LEU A 1 109 ? -0.133  -5.063  -4.267  1.00 28.81  ? 148 LEU A CD1 1 
ATOM   866  C  CD2 . LEU A 1 109 ? -0.893  -6.018  -2.056  1.00 30.41  ? 148 LEU A CD2 1 
ATOM   867  N  N   . THR A 1 110 ? -2.800  -10.359 -3.839  1.00 34.04  ? 149 THR A N   1 
ATOM   868  C  CA  . THR A 1 110 ? -3.412  -11.485 -4.599  1.00 39.86  ? 149 THR A CA  1 
ATOM   869  C  C   . THR A 1 110 ? -4.712  -11.049 -5.278  1.00 39.63  ? 149 THR A C   1 
ATOM   870  O  O   . THR A 1 110 ? -5.285  -9.996  -4.889  1.00 38.05  ? 149 THR A O   1 
ATOM   871  C  CB  . THR A 1 110 ? -3.624  -12.733 -3.720  1.00 40.16  ? 149 THR A CB  1 
ATOM   872  O  OG1 . THR A 1 110 ? -4.173  -13.785 -4.515  1.00 42.15  ? 149 THR A OG1 1 
ATOM   873  C  CG2 . THR A 1 110 ? -4.556  -12.536 -2.549  1.00 36.59  ? 149 THR A CG2 1 
ATOM   874  N  N   . ASN A 1 111 ? -5.199  -11.879 -6.213  1.00 37.12  ? 150 ASN A N   1 
ATOM   875  C  CA  . ASN A 1 111 ? -6.555  -11.738 -6.820  1.00 43.22  ? 150 ASN A CA  1 
ATOM   876  C  C   . ASN A 1 111 ? -7.497  -12.841 -6.320  1.00 45.48  ? 150 ASN A C   1 
ATOM   877  O  O   . ASN A 1 111 ? -8.644  -12.834 -6.764  1.00 46.61  ? 150 ASN A O   1 
ATOM   878  C  CB  . ASN A 1 111 ? -6.490  -11.683 -8.353  1.00 43.50  ? 150 ASN A CB  1 
ATOM   879  C  CG  . ASN A 1 111 ? -5.669  -12.791 -8.986  1.00 44.20  ? 150 ASN A CG  1 
ATOM   880  O  OD1 . ASN A 1 111 ? -5.364  -12.719 -10.165 1.00 52.71  ? 150 ASN A OD1 1 
ATOM   881  N  ND2 . ASN A 1 111 ? -5.266  -13.787 -8.225  1.00 42.56  ? 150 ASN A ND2 1 
ATOM   882  N  N   . LYS A 1 112 ? -7.088  -13.696 -5.376  1.00 50.18  ? 151 LYS A N   1 
ATOM   883  C  CA  . LYS A 1 112 ? -7.908  -14.861 -4.920  1.00 59.46  ? 151 LYS A CA  1 
ATOM   884  C  C   . LYS A 1 112 ? -7.961  -14.902 -3.389  1.00 62.72  ? 151 LYS A C   1 
ATOM   885  O  O   . LYS A 1 112 ? -6.901  -14.738 -2.767  1.00 66.95  ? 151 LYS A O   1 
ATOM   886  C  CB  . LYS A 1 112 ? -7.329  -16.176 -5.464  1.00 66.58  ? 151 LYS A CB  1 
ATOM   887  C  CG  . LYS A 1 112 ? -7.138  -16.242 -6.978  1.00 70.98  ? 151 LYS A CG  1 
ATOM   888  C  CD  . LYS A 1 112 ? -8.297  -16.859 -7.739  1.00 77.70  ? 151 LYS A CD  1 
ATOM   889  C  CE  . LYS A 1 112 ? -7.985  -17.074 -9.205  1.00 79.26  ? 151 LYS A CE  1 
ATOM   890  N  NZ  . LYS A 1 112 ? -9.146  -17.656 -9.916  1.00 84.75  ? 151 LYS A NZ  1 
ATOM   891  N  N   . LEU A 1 113 ? -9.155  -15.111 -2.816  1.00 72.53  ? 152 LEU A N   1 
ATOM   892  C  CA  . LEU A 1 113 ? -9.368  -15.357 -1.360  1.00 75.54  ? 152 LEU A CA  1 
ATOM   893  C  C   . LEU A 1 113 ? -8.470  -16.528 -0.930  1.00 79.76  ? 152 LEU A C   1 
ATOM   894  O  O   . LEU A 1 113 ? -8.557  -17.606 -1.546  1.00 84.00  ? 152 LEU A O   1 
ATOM   895  C  CB  . LEU A 1 113 ? -10.852 -15.604 -1.036  1.00 75.28  ? 152 LEU A CB  1 
ATOM   896  C  CG  . LEU A 1 113 ? -11.760 -16.288 -2.076  1.00 78.83  ? 152 LEU A CG  1 
ATOM   897  C  CD1 . LEU A 1 113 ? -12.365 -15.292 -3.065  1.00 76.65  ? 152 LEU A CD1 1 
ATOM   898  C  CD2 . LEU A 1 113 ? -11.082 -17.443 -2.814  1.00 82.71  ? 152 LEU A CD2 1 
ATOM   899  N  N   . ASN A 1 114 ? -7.599  -16.307 0.057   1.00 86.67  ? 153 ASN A N   1 
ATOM   900  C  CA  . ASN A 1 114 ? -6.434  -17.190 0.335   1.00 94.52  ? 153 ASN A CA  1 
ATOM   901  C  C   . ASN A 1 114 ? -6.197  -17.302 1.846   1.00 95.52  ? 153 ASN A C   1 
ATOM   902  O  O   . ASN A 1 114 ? -6.578  -16.363 2.581   1.00 98.57  ? 153 ASN A O   1 
ATOM   903  C  CB  . ASN A 1 114 ? -5.170  -16.694 -0.380  1.00 97.75  ? 153 ASN A CB  1 
ATOM   904  C  CG  . ASN A 1 114 ? -5.197  -16.892 -1.883  1.00 103.41 ? 153 ASN A CG  1 
ATOM   905  O  OD1 . ASN A 1 114 ? -5.773  -17.856 -2.395  1.00 102.53 ? 153 ASN A OD1 1 
ATOM   906  N  ND2 . ASN A 1 114 ? -4.563  -15.981 -2.605  1.00 97.85  ? 153 ASN A ND2 1 
ATOM   907  N  N   . GLY A 1 115 ? -5.557  -18.403 2.259   1.00 97.33  ? 154 GLY A N   1 
ATOM   908  C  CA  . GLY A 1 115 ? -5.340  -18.816 3.662   1.00 96.11  ? 154 GLY A CA  1 
ATOM   909  C  C   . GLY A 1 115 ? -5.159  -17.639 4.599   1.00 87.97  ? 154 GLY A C   1 
ATOM   910  O  O   . GLY A 1 115 ? -6.129  -17.269 5.286   1.00 85.10  ? 154 GLY A O   1 
ATOM   911  N  N   . GLY A 1 116 ? -3.957  -17.071 4.628   1.00 83.37  ? 155 GLY A N   1 
ATOM   912  C  CA  . GLY A 1 116 ? -3.619  -15.949 5.520   1.00 78.96  ? 155 GLY A CA  1 
ATOM   913  C  C   . GLY A 1 116 ? -2.434  -15.170 4.998   1.00 72.65  ? 155 GLY A C   1 
ATOM   914  O  O   . GLY A 1 116 ? -1.708  -15.685 4.140   1.00 70.65  ? 155 GLY A O   1 
ATOM   915  N  N   . GLY A 1 117 ? -2.223  -13.976 5.532   1.00 69.49  ? 156 GLY A N   1 
ATOM   916  C  CA  . GLY A 1 117 ? -1.157  -13.070 5.082   1.00 64.11  ? 156 GLY A CA  1 
ATOM   917  C  C   . GLY A 1 117 ? -1.620  -12.269 3.886   1.00 56.98  ? 156 GLY A C   1 
ATOM   918  O  O   . GLY A 1 117 ? -1.895  -11.066 4.072   1.00 56.66  ? 156 GLY A O   1 
ATOM   919  N  N   . GLN A 1 118 ? -1.760  -12.905 2.715   1.00 51.50  ? 157 GLN A N   1 
ATOM   920  C  CA  . GLN A 1 118 ? -1.930  -12.175 1.424   1.00 46.19  ? 157 GLN A CA  1 
ATOM   921  C  C   . GLN A 1 118 ? -3.163  -11.269 1.519   1.00 43.10  ? 157 GLN A C   1 
ATOM   922  O  O   . GLN A 1 118 ? -4.086  -11.619 2.230   1.00 42.37  ? 157 GLN A O   1 
ATOM   923  C  CB  . GLN A 1 118 ? -2.096  -13.089 0.207   1.00 46.65  ? 157 GLN A CB  1 
ATOM   924  C  CG  . GLN A 1 118 ? -0.989  -14.101 0.031   1.00 52.12  ? 157 GLN A CG  1 
ATOM   925  C  CD  . GLN A 1 118 ? -1.507  -15.499 0.260   1.00 58.09  ? 157 GLN A CD  1 
ATOM   926  O  OE1 . GLN A 1 118 ? -1.666  -16.271 -0.677  1.00 71.04  ? 157 GLN A OE1 1 
ATOM   927  N  NE2 . GLN A 1 118 ? -1.807  -15.824 1.505   1.00 50.80  ? 157 GLN A NE2 1 
ATOM   928  N  N   . ILE A 1 119 ? -3.118  -10.108 0.867   1.00 34.79  ? 158 ILE A N   1 
ATOM   929  C  CA  . ILE A 1 119 ? -4.260  -9.165  0.784   1.00 35.24  ? 158 ILE A CA  1 
ATOM   930  C  C   . ILE A 1 119 ? -4.864  -9.266  -0.617  1.00 33.17  ? 158 ILE A C   1 
ATOM   931  O  O   . ILE A 1 119 ? -4.140  -8.976  -1.576  1.00 35.33  ? 158 ILE A O   1 
ATOM   932  C  CB  . ILE A 1 119 ? -3.773  -7.737  1.074   1.00 34.86  ? 158 ILE A CB  1 
ATOM   933  C  CG1 . ILE A 1 119 ? -3.146  -7.645  2.473   1.00 34.69  ? 158 ILE A CG1 1 
ATOM   934  C  CG2 . ILE A 1 119 ? -4.892  -6.750  0.831   1.00 34.40  ? 158 ILE A CG2 1 
ATOM   935  C  CD1 . ILE A 1 119 ? -4.018  -8.194  3.597   1.00 37.12  ? 158 ILE A CD1 1 
ATOM   936  N  N   . MET A 1 120 ? -6.163  -9.574  -0.689  1.00 36.40  ? 159 MET A N   1 
ATOM   937  C  CA  . MET A 1 120 ? -6.910  -9.730  -1.963  1.00 39.38  ? 159 MET A CA  1 
ATOM   938  C  C   . MET A 1 120 ? -7.339  -8.362  -2.479  1.00 36.50  ? 159 MET A C   1 
ATOM   939  O  O   . MET A 1 120 ? -7.978  -7.586  -1.741  1.00 34.46  ? 159 MET A O   1 
ATOM   940  C  CB  . MET A 1 120 ? -8.147  -10.609 -1.782  1.00 45.32  ? 159 MET A CB  1 
ATOM   941  C  CG  . MET A 1 120 ? -8.827  -10.962 -3.102  1.00 51.53  ? 159 MET A CG  1 
ATOM   942  S  SD  . MET A 1 120 ? -10.229 -12.039 -2.800  1.00 59.89  ? 159 MET A SD  1 
ATOM   943  C  CE  . MET A 1 120 ? -11.510 -10.800 -2.565  1.00 61.26  ? 159 MET A CE  1 
ATOM   944  N  N   . LEU A 1 121 ? -6.949  -8.037  -3.699  1.00 32.69  ? 160 LEU A N   1 
ATOM   945  C  CA  . LEU A 1 121 ? -7.408  -6.807  -4.381  1.00 30.50  ? 160 LEU A CA  1 
ATOM   946  C  C   . LEU A 1 121 ? -8.207  -7.248  -5.602  1.00 37.29  ? 160 LEU A C   1 
ATOM   947  O  O   . LEU A 1 121 ? -8.040  -8.421  -5.999  1.00 37.52  ? 160 LEU A O   1 
ATOM   948  C  CB  . LEU A 1 121 ? -6.203  -5.966  -4.787  1.00 34.05  ? 160 LEU A CB  1 
ATOM   949  C  CG  . LEU A 1 121 ? -5.257  -5.533  -3.677  1.00 30.31  ? 160 LEU A CG  1 
ATOM   950  C  CD1 . LEU A 1 121 ? -4.142  -4.662  -4.230  1.00 29.26  ? 160 LEU A CD1 1 
ATOM   951  C  CD2 . LEU A 1 121 ? -6.011  -4.798  -2.563  1.00 33.00  ? 160 LEU A CD2 1 
ATOM   952  N  N   . ASN A 1 122 ? -9.021  -6.355  -6.164  1.00 40.71  ? 161 ASN A N   1 
ATOM   953  C  CA  . ASN A 1 122 ? -9.709  -6.577  -7.463  1.00 41.76  ? 161 ASN A CA  1 
ATOM   954  C  C   . ASN A 1 122 ? -8.785  -6.103  -8.585  1.00 41.62  ? 161 ASN A C   1 
ATOM   955  O  O   . ASN A 1 122 ? -8.415  -4.906  -8.632  1.00 35.35  ? 161 ASN A O   1 
ATOM   956  C  CB  . ASN A 1 122 ? -11.038 -5.833  -7.580  1.00 41.85  ? 161 ASN A CB  1 
ATOM   957  C  CG  . ASN A 1 122 ? -12.080 -6.312  -6.599  1.00 46.32  ? 161 ASN A CG  1 
ATOM   958  O  OD1 . ASN A 1 122 ? -12.233 -7.516  -6.398  1.00 48.67  ? 161 ASN A OD1 1 
ATOM   959  N  ND2 . ASN A 1 122 ? -12.807 -5.379  -6.005  1.00 51.24  ? 161 ASN A ND2 1 
ATOM   960  N  N   . SER A 1 123 ? -8.457  -6.995  -9.506  1.00 38.68  ? 162 SER A N   1 
ATOM   961  C  CA  . SER A 1 123 ? -7.670  -6.625  -10.700 1.00 38.50  ? 162 SER A CA  1 
ATOM   962  C  C   . SER A 1 123 ? -8.381  -5.495  -11.455 1.00 33.01  ? 162 SER A C   1 
ATOM   963  O  O   . SER A 1 123 ? -9.621  -5.461  -11.432 1.00 36.29  ? 162 SER A O   1 
ATOM   964  C  CB  . SER A 1 123 ? -7.434  -7.831  -11.568 1.00 42.83  ? 162 SER A CB  1 
ATOM   965  O  OG  . SER A 1 123 ? -6.475  -7.490  -12.536 1.00 47.43  ? 162 SER A OG  1 
ATOM   966  N  N   . LEU A 1 124 ? -7.609  -4.587  -12.061 1.00 33.13  ? 163 LEU A N   1 
ATOM   967  C  CA  . LEU A 1 124 ? -8.038  -3.411  -12.864 1.00 31.91  ? 163 LEU A CA  1 
ATOM   968  C  C   . LEU A 1 124 ? -8.811  -2.367  -12.031 1.00 31.53  ? 163 LEU A C   1 
ATOM   969  O  O   . LEU A 1 124 ? -9.520  -1.529  -12.626 1.00 32.06  ? 163 LEU A O   1 
ATOM   970  C  CB  . LEU A 1 124 ? -8.884  -3.914  -14.035 1.00 34.69  ? 163 LEU A CB  1 
ATOM   971  C  CG  . LEU A 1 124 ? -8.127  -4.824  -15.015 1.00 35.19  ? 163 LEU A CG  1 
ATOM   972  C  CD1 . LEU A 1 124 ? -8.945  -5.039  -16.281 1.00 39.50  ? 163 LEU A CD1 1 
ATOM   973  C  CD2 . LEU A 1 124 ? -6.760  -4.259  -15.363 1.00 35.09  ? 163 LEU A CD2 1 
ATOM   974  N  N   . HIS A 1 125 ? -8.675  -2.406  -10.710 1.00 31.03  ? 164 HIS A N   1 
ATOM   975  C  CA  . HIS A 1 125 ? -9.087  -1.281  -9.824  1.00 30.96  ? 164 HIS A CA  1 
ATOM   976  C  C   . HIS A 1 125 ? -7.857  -0.523  -9.322  1.00 31.82  ? 164 HIS A C   1 
ATOM   977  O  O   . HIS A 1 125 ? -6.728  -1.127  -9.190  1.00 27.13  ? 164 HIS A O   1 
ATOM   978  C  CB  . HIS A 1 125 ? -9.967  -1.784  -8.694  1.00 31.13  ? 164 HIS A CB  1 
ATOM   979  C  CG  . HIS A 1 125 ? -11.270 -2.264  -9.231  1.00 37.80  ? 164 HIS A CG  1 
ATOM   980  N  ND1 . HIS A 1 125 ? -11.349 -3.360  -10.074 1.00 42.83  ? 164 HIS A ND1 1 
ATOM   981  C  CD2 . HIS A 1 125 ? -12.522 -1.771  -9.109  1.00 37.76  ? 164 HIS A CD2 1 
ATOM   982  C  CE1 . HIS A 1 125 ? -12.615 -3.544  -10.438 1.00 41.15  ? 164 HIS A CE1 1 
ATOM   983  N  NE2 . HIS A 1 125 ? -13.355 -2.585  -9.867  1.00 41.72  ? 164 HIS A NE2 1 
ATOM   984  N  N   . LYS A 1 126 ? -8.090  0.751   -9.039  1.00 28.67  ? 165 LYS A N   1 
ATOM   985  C  CA  . LYS A 1 126 ? -7.081  1.698   -8.580  1.00 28.68  ? 165 LYS A CA  1 
ATOM   986  C  C   . LYS A 1 126 ? -7.183  1.751   -7.053  1.00 29.52  ? 165 LYS A C   1 
ATOM   987  O  O   . LYS A 1 126 ? -8.294  1.893   -6.543  1.00 25.91  ? 165 LYS A O   1 
ATOM   988  C  CB  . LYS A 1 126 ? -7.315  3.045   -9.239  1.00 30.58  ? 165 LYS A CB  1 
ATOM   989  C  CG  . LYS A 1 126 ? -6.252  4.087   -8.950  1.00 35.94  ? 165 LYS A CG  1 
ATOM   990  C  CD  . LYS A 1 126 ? -6.434  5.354   -9.724  1.00 37.95  ? 165 LYS A CD  1 
ATOM   991  C  CE  . LYS A 1 126 ? -6.047  5.221   -11.180 1.00 41.92  ? 165 LYS A CE  1 
ATOM   992  N  NZ  . LYS A 1 126 ? -5.924  6.543   -11.836 1.00 40.64  ? 165 LYS A NZ  1 
ATOM   993  N  N   . TYR A 1 127 ? -6.040  1.776   -6.393  1.00 26.92  ? 166 TYR A N   1 
ATOM   994  C  CA  . TYR A 1 127 ? -5.927  1.643   -4.924  1.00 22.74  ? 166 TYR A CA  1 
ATOM   995  C  C   . TYR A 1 127 ? -4.994  2.735   -4.437  1.00 24.34  ? 166 TYR A C   1 
ATOM   996  O  O   . TYR A 1 127 ? -4.017  3.093   -5.096  1.00 23.13  ? 166 TYR A O   1 
ATOM   997  C  CB  . TYR A 1 127 ? -5.429  0.250   -4.505  1.00 22.73  ? 166 TYR A CB  1 
ATOM   998  C  CG  . TYR A 1 127 ? -6.449  -0.827  -4.703  1.00 24.52  ? 166 TYR A CG  1 
ATOM   999  C  CD1 . TYR A 1 127 ? -7.487  -1.000  -3.825  1.00 26.91  ? 166 TYR A CD1 1 
ATOM   1000 C  CD2 . TYR A 1 127 ? -6.437  -1.599  -5.862  1.00 27.85  ? 166 TYR A CD2 1 
ATOM   1001 C  CE1 . TYR A 1 127 ? -8.457  -1.965  -4.014  1.00 29.35  ? 166 TYR A CE1 1 
ATOM   1002 C  CE2 . TYR A 1 127 ? -7.419  -2.555  -6.076  1.00 27.90  ? 166 TYR A CE2 1 
ATOM   1003 C  CZ  . TYR A 1 127 ? -8.431  -2.732  -5.162  1.00 31.94  ? 166 TYR A CZ  1 
ATOM   1004 O  OH  . TYR A 1 127 ? -9.397  -3.666  -5.395  1.00 35.62  ? 166 TYR A OH  1 
ATOM   1005 N  N   . GLU A 1 128 ? -5.270  3.180   -3.210  1.00 22.13  ? 167 GLU A N   1 
ATOM   1006 C  CA  . GLU A 1 128 ? -4.426  4.134   -2.464  1.00 22.77  ? 167 GLU A CA  1 
ATOM   1007 C  C   . GLU A 1 128 ? -4.044  3.465   -1.160  1.00 25.21  ? 167 GLU A C   1 
ATOM   1008 O  O   . GLU A 1 128 ? -4.868  3.262   -0.279  1.00 22.29  ? 167 GLU A O   1 
ATOM   1009 C  CB  . GLU A 1 128 ? -5.199  5.438   -2.171  1.00 21.40  ? 167 GLU A CB  1 
ATOM   1010 C  CG  . GLU A 1 128 ? -4.367  6.528   -1.578  1.00 22.58  ? 167 GLU A CG  1 
ATOM   1011 C  CD  . GLU A 1 128 ? -5.093  7.883   -1.557  1.00 20.93  ? 167 GLU A CD  1 
ATOM   1012 O  OE1 . GLU A 1 128 ? -5.900  8.060   -0.581  1.00 24.08  ? 167 GLU A OE1 1 
ATOM   1013 O  OE2 . GLU A 1 128 ? -4.733  8.700   -2.356  1.00 19.76  ? 167 GLU A OE2 1 
ATOM   1014 N  N   . PRO A 1 129 ? -2.767  3.062   -1.041  1.00 21.87  ? 168 PRO A N   1 
ATOM   1015 C  CA  . PRO A 1 129 ? -2.271  2.543   0.215   1.00 23.35  ? 168 PRO A CA  1 
ATOM   1016 C  C   . PRO A 1 129 ? -2.524  3.525   1.373   1.00 21.17  ? 168 PRO A C   1 
ATOM   1017 O  O   . PRO A 1 129 ? -2.378  4.721   1.169   1.00 22.84  ? 168 PRO A O   1 
ATOM   1018 C  CB  . PRO A 1 129 ? -0.772  2.372   -0.032  1.00 22.64  ? 168 PRO A CB  1 
ATOM   1019 C  CG  . PRO A 1 129 ? -0.721  2.134   -1.546  1.00 22.16  ? 168 PRO A CG  1 
ATOM   1020 C  CD  . PRO A 1 129 ? -1.755  3.098   -2.113  1.00 23.64  ? 168 PRO A CD  1 
ATOM   1021 N  N   . ARG A 1 130 ? -2.740  2.930   2.540   1.00 23.22  ? 169 ARG A N   1 
ATOM   1022 C  CA  . ARG A 1 130 ? -3.130  3.611   3.789   1.00 24.07  ? 169 ARG A CA  1 
ATOM   1023 C  C   . ARG A 1 130 ? -2.566  2.814   4.977   1.00 23.70  ? 169 ARG A C   1 
ATOM   1024 O  O   . ARG A 1 130 ? -2.661  1.567   5.010   1.00 23.50  ? 169 ARG A O   1 
ATOM   1025 C  CB  . ARG A 1 130 ? -4.648  3.776   3.823   1.00 26.10  ? 169 ARG A CB  1 
ATOM   1026 C  CG  . ARG A 1 130 ? -5.141  4.494   5.074   1.00 27.28  ? 169 ARG A CG  1 
ATOM   1027 C  CD  . ARG A 1 130 ? -6.643  4.705   4.929   1.00 24.68  ? 169 ARG A CD  1 
ATOM   1028 N  NE  . ARG A 1 130 ? -7.330  3.463   5.144   1.00 24.21  ? 169 ARG A NE  1 
ATOM   1029 C  CZ  . ARG A 1 130 ? -8.615  3.285   5.198   1.00 24.22  ? 169 ARG A CZ  1 
ATOM   1030 N  NH1 . ARG A 1 130 ? -9.448  4.304   5.024   1.00 24.74  ? 169 ARG A NH1 1 
ATOM   1031 N  NH2 . ARG A 1 130 ? -9.115  2.105   5.439   1.00 24.06  ? 169 ARG A NH2 1 
ATOM   1032 N  N   . ILE A 1 131 ? -2.007  3.518   5.946   1.00 24.23  ? 170 ILE A N   1 
ATOM   1033 C  CA  . ILE A 1 131 ? -1.596  2.829   7.179   1.00 23.26  ? 170 ILE A CA  1 
ATOM   1034 C  C   . ILE A 1 131 ? -2.456  3.297   8.348   1.00 29.52  ? 170 ILE A C   1 
ATOM   1035 O  O   . ILE A 1 131 ? -3.038  4.405   8.304   1.00 24.46  ? 170 ILE A O   1 
ATOM   1036 C  CB  . ILE A 1 131 ? -0.101  2.993   7.457   1.00 26.03  ? 170 ILE A CB  1 
ATOM   1037 C  CG1 . ILE A 1 131 ? 0.297   4.451   7.647   1.00 27.46  ? 170 ILE A CG1 1 
ATOM   1038 C  CG2 . ILE A 1 131 ? 0.721   2.302   6.376   1.00 26.80  ? 170 ILE A CG2 1 
ATOM   1039 C  CD1 . ILE A 1 131 ? 1.680   4.663   8.209   1.00 34.25  ? 170 ILE A CD1 1 
ATOM   1040 N  N   . HIS A 1 132 ? -2.547  2.424   9.327   1.00 27.99  ? 171 HIS A N   1 
ATOM   1041 C  CA  . HIS A 1 132 ? -3.109  2.756   10.642  1.00 25.35  ? 171 HIS A CA  1 
ATOM   1042 C  C   . HIS A 1 132 ? -2.016  2.523   11.673  1.00 27.71  ? 171 HIS A C   1 
ATOM   1043 O  O   . HIS A 1 132 ? -1.368  1.418   11.650  1.00 27.51  ? 171 HIS A O   1 
ATOM   1044 C  CB  . HIS A 1 132 ? -4.325  1.920   10.934  1.00 24.99  ? 171 HIS A CB  1 
ATOM   1045 C  CG  . HIS A 1 132 ? -5.288  1.891   9.808   1.00 29.83  ? 171 HIS A CG  1 
ATOM   1046 N  ND1 . HIS A 1 132 ? -6.044  3.020   9.458   1.00 27.09  ? 171 HIS A ND1 1 
ATOM   1047 C  CD2 . HIS A 1 132 ? -5.581  0.918   8.913   1.00 27.26  ? 171 HIS A CD2 1 
ATOM   1048 C  CE1 . HIS A 1 132 ? -6.810  2.703   8.430   1.00 27.57  ? 171 HIS A CE1 1 
ATOM   1049 N  NE2 . HIS A 1 132 ? -6.524  1.431   8.044   1.00 30.76  ? 171 HIS A NE2 1 
ATOM   1050 N  N   . ILE A 1 133 ? -1.824  3.498   12.549  1.00 26.84  ? 172 ILE A N   1 
ATOM   1051 C  CA  . ILE A 1 133 ? -0.870  3.288   13.685  1.00 29.46  ? 172 ILE A CA  1 
ATOM   1052 C  C   . ILE A 1 133 ? -1.735  3.154   14.926  1.00 32.50  ? 172 ILE A C   1 
ATOM   1053 O  O   . ILE A 1 133 ? -2.468  4.123   15.284  1.00 28.78  ? 172 ILE A O   1 
ATOM   1054 C  CB  . ILE A 1 133 ? 0.188   4.386   13.815  1.00 30.28  ? 172 ILE A CB  1 
ATOM   1055 C  CG1 . ILE A 1 133 ? 1.076   4.531   12.593  1.00 29.23  ? 172 ILE A CG1 1 
ATOM   1056 C  CG2 . ILE A 1 133 ? 1.029   4.098   15.055  1.00 28.89  ? 172 ILE A CG2 1 
ATOM   1057 C  CD1 . ILE A 1 133 ? 1.790   5.840   12.498  1.00 30.30  ? 172 ILE A CD1 1 
ATOM   1058 N  N   . VAL A 1 134 ? -1.715  1.964   15.524  1.00 31.60  ? 173 VAL A N   1 
ATOM   1059 C  CA  . VAL A 1 134 ? -2.654  1.605   16.622  1.00 27.91  ? 173 VAL A CA  1 
ATOM   1060 C  C   . VAL A 1 134 ? -1.859  1.528   17.930  1.00 31.65  ? 173 VAL A C   1 
ATOM   1061 O  O   . VAL A 1 134 ? -0.929  0.707   17.995  1.00 31.99  ? 173 VAL A O   1 
ATOM   1062 C  CB  . VAL A 1 134 ? -3.389  0.299   16.340  1.00 31.16  ? 173 VAL A CB  1 
ATOM   1063 C  CG1 . VAL A 1 134 ? -4.430  0.017   17.401  1.00 33.60  ? 173 VAL A CG1 1 
ATOM   1064 C  CG2 . VAL A 1 134 ? -4.025  0.327   14.944  1.00 35.58  ? 173 VAL A CG2 1 
ATOM   1065 N  N   . ARG A 1 135 ? -2.162  2.417   18.867  1.00 33.51  ? 174 ARG A N   1 
ATOM   1066 C  CA  . ARG A 1 135 ? -1.581  2.340   20.239  1.00 36.13  ? 174 ARG A CA  1 
ATOM   1067 C  C   . ARG A 1 135 ? -2.343  1.250   20.981  1.00 36.91  ? 174 ARG A C   1 
ATOM   1068 O  O   . ARG A 1 135 ? -3.549  1.433   21.209  1.00 39.76  ? 174 ARG A O   1 
ATOM   1069 C  CB  . ARG A 1 135 ? -1.633  3.711   20.925  1.00 42.01  ? 174 ARG A CB  1 
ATOM   1070 C  CG  . ARG A 1 135 ? -0.839  3.760   22.221  1.00 43.47  ? 174 ARG A CG  1 
ATOM   1071 C  CD  . ARG A 1 135 ? -0.786  5.163   22.775  1.00 52.83  ? 174 ARG A CD  1 
ATOM   1072 N  NE  . ARG A 1 135 ? -0.281  5.115   24.146  1.00 57.94  ? 174 ARG A NE  1 
ATOM   1073 C  CZ  . ARG A 1 135 ? 0.189   6.159   24.826  1.00 59.69  ? 174 ARG A CZ  1 
ATOM   1074 N  NH1 . ARG A 1 135 ? 0.239   7.360   24.280  1.00 61.32  ? 174 ARG A NH1 1 
ATOM   1075 N  NH2 . ARG A 1 135 ? 0.632   5.995   26.056  1.00 58.44  ? 174 ARG A NH2 1 
ATOM   1076 N  N   . VAL A 1 136 ? -1.618  0.211   21.422  1.00 41.91  ? 175 VAL A N   1 
ATOM   1077 C  CA  . VAL A 1 136 ? -2.160  -1.045  22.013  1.00 42.28  ? 175 VAL A CA  1 
ATOM   1078 C  C   . VAL A 1 136 ? -1.608  -1.205  23.444  1.00 52.93  ? 175 VAL A C   1 
ATOM   1079 O  O   . VAL A 1 136 ? -0.548  -0.596  23.771  1.00 45.31  ? 175 VAL A O   1 
ATOM   1080 C  CB  . VAL A 1 136 ? -1.742  -2.247  21.140  1.00 47.44  ? 175 VAL A CB  1 
ATOM   1081 C  CG1 . VAL A 1 136 ? -2.384  -2.208  19.756  1.00 50.01  ? 175 VAL A CG1 1 
ATOM   1082 C  CG2 . VAL A 1 136 ? -0.232  -2.363  20.990  1.00 47.84  ? 175 VAL A CG2 1 
ATOM   1083 N  N   . GLY A 1 137 ? -2.236  -2.059  24.247  1.00 62.49  ? 176 GLY A N   1 
ATOM   1084 C  CA  . GLY A 1 137 ? -1.713  -2.461  25.569  1.00 73.69  ? 176 GLY A CA  1 
ATOM   1085 C  C   . GLY A 1 137 ? -2.008  -1.414  26.628  1.00 81.21  ? 176 GLY A C   1 
ATOM   1086 O  O   . GLY A 1 137 ? -2.434  -1.800  27.746  1.00 86.90  ? 176 GLY A O   1 
ATOM   1087 N  N   . GLY A 1 138 ? -1.791  -0.139  26.281  1.00 77.66  ? 177 GLY A N   1 
ATOM   1088 C  CA  . GLY A 1 138 ? -2.099  1.029   27.123  1.00 79.36  ? 177 GLY A CA  1 
ATOM   1089 C  C   . GLY A 1 138 ? -3.559  1.049   27.564  1.00 79.78  ? 177 GLY A C   1 
ATOM   1090 O  O   . GLY A 1 138 ? -4.376  0.232   27.132  1.00 65.40  ? 177 GLY A O   1 
ATOM   1091 N  N   . PRO A 1 139 ? -3.920  1.997   28.453  1.00 87.00  ? 178 PRO A N   1 
ATOM   1092 C  CA  . PRO A 1 139 ? -5.308  2.137   28.891  1.00 87.20  ? 178 PRO A CA  1 
ATOM   1093 C  C   . PRO A 1 139 ? -6.164  2.670   27.733  1.00 86.06  ? 178 PRO A C   1 
ATOM   1094 O  O   . PRO A 1 139 ? -7.172  2.055   27.411  1.00 79.39  ? 178 PRO A O   1 
ATOM   1095 C  CB  . PRO A 1 139 ? -5.224  3.129   30.066  1.00 90.80  ? 178 PRO A CB  1 
ATOM   1096 C  CG  . PRO A 1 139 ? -3.910  3.892   29.870  1.00 87.39  ? 178 PRO A CG  1 
ATOM   1097 C  CD  . PRO A 1 139 ? -3.010  2.989   29.052  1.00 87.66  ? 178 PRO A CD  1 
ATOM   1098 N  N   . GLN A 1 140 ? -5.693  3.777   27.137  1.00 84.63  ? 179 GLN A N   1 
ATOM   1099 C  CA  . GLN A 1 140 ? -6.324  4.542   26.029  1.00 83.07  ? 179 GLN A CA  1 
ATOM   1100 C  C   . GLN A 1 140 ? -5.848  3.944   24.698  1.00 67.40  ? 179 GLN A C   1 
ATOM   1101 O  O   . GLN A 1 140 ? -4.712  4.217   24.296  1.00 59.57  ? 179 GLN A O   1 
ATOM   1102 C  CB  . GLN A 1 140 ? -5.972  6.034   26.165  1.00 89.36  ? 179 GLN A CB  1 
ATOM   1103 C  CG  . GLN A 1 140 ? -4.515  6.379   25.826  1.00 99.30  ? 179 GLN A CG  1 
ATOM   1104 C  CD  . GLN A 1 140 ? -3.799  7.262   26.825  1.00 101.91 ? 179 GLN A CD  1 
ATOM   1105 O  OE1 . GLN A 1 140 ? -3.643  8.469   26.633  1.00 98.16  ? 179 GLN A OE1 1 
ATOM   1106 N  NE2 . GLN A 1 140 ? -3.312  6.650   27.893  1.00 100.98 ? 179 GLN A NE2 1 
ATOM   1107 N  N   . ARG A 1 141 ? -6.678  3.143   24.034  1.00 57.75  ? 180 ARG A N   1 
ATOM   1108 C  CA  . ARG A 1 141 ? -6.418  2.781   22.616  1.00 54.38  ? 180 ARG A CA  1 
ATOM   1109 C  C   . ARG A 1 141 ? -6.478  4.086   21.791  1.00 50.08  ? 180 ARG A C   1 
ATOM   1110 O  O   . ARG A 1 141 ? -7.239  4.990   22.187  1.00 46.43  ? 180 ARG A O   1 
ATOM   1111 C  CB  . ARG A 1 141 ? -7.396  1.687   22.179  1.00 62.04  ? 180 ARG A CB  1 
ATOM   1112 C  CG  . ARG A 1 141 ? -7.360  1.403   20.685  1.00 70.92  ? 180 ARG A CG  1 
ATOM   1113 C  CD  . ARG A 1 141 ? -8.158  0.194   20.240  1.00 73.10  ? 180 ARG A CD  1 
ATOM   1114 N  NE  . ARG A 1 141 ? -7.208  -0.841  19.880  1.00 80.46  ? 180 ARG A NE  1 
ATOM   1115 C  CZ  . ARG A 1 141 ? -6.872  -1.877  20.637  1.00 81.62  ? 180 ARG A CZ  1 
ATOM   1116 N  NH1 . ARG A 1 141 ? -5.963  -2.739  20.201  1.00 69.48  ? 180 ARG A NH1 1 
ATOM   1117 N  NH2 . ARG A 1 141 ? -7.463  -2.071  21.804  1.00 84.36  ? 180 ARG A NH2 1 
ATOM   1118 N  N   . MET A 1 142 ? -5.646  4.229   20.739  1.00 35.09  ? 181 MET A N   1 
ATOM   1119 C  CA  . MET A 1 142 ? -5.682  5.375   19.801  1.00 36.65  ? 181 MET A CA  1 
ATOM   1120 C  C   . MET A 1 142 ? -5.293  4.830   18.430  1.00 37.81  ? 181 MET A C   1 
ATOM   1121 O  O   . MET A 1 142 ? -4.499  3.878   18.357  1.00 30.08  ? 181 MET A O   1 
ATOM   1122 C  CB  . MET A 1 142 ? -4.716  6.501   20.188  1.00 36.54  ? 181 MET A CB  1 
ATOM   1123 C  CG  . MET A 1 142 ? -4.830  7.784   19.349  1.00 40.81  ? 181 MET A CG  1 
ATOM   1124 S  SD  . MET A 1 142 ? -6.517  8.367   19.003  1.00 39.03  ? 181 MET A SD  1 
ATOM   1125 C  CE  . MET A 1 142 ? -6.230  9.560   17.694  1.00 49.90  ? 181 MET A CE  1 
ATOM   1126 N  N   . ILE A 1 143 ? -5.865  5.410   17.389  1.00 34.81  ? 182 ILE A N   1 
ATOM   1127 C  CA  . ILE A 1 143 ? -5.507  5.084   15.982  1.00 30.00  ? 182 ILE A CA  1 
ATOM   1128 C  C   . ILE A 1 143 ? -5.155  6.399   15.305  1.00 30.62  ? 182 ILE A C   1 
ATOM   1129 O  O   . ILE A 1 143 ? -5.961  7.396   15.448  1.00 28.60  ? 182 ILE A O   1 
ATOM   1130 C  CB  . ILE A 1 143 ? -6.636  4.340   15.264  1.00 29.82  ? 182 ILE A CB  1 
ATOM   1131 C  CG1 . ILE A 1 143 ? -6.896  2.997   15.914  1.00 29.83  ? 182 ILE A CG1 1 
ATOM   1132 C  CG2 . ILE A 1 143 ? -6.336  4.192   13.751  1.00 30.19  ? 182 ILE A CG2 1 
ATOM   1133 C  CD1 . ILE A 1 143 ? -8.219  2.441   15.624  1.00 33.79  ? 182 ILE A CD1 1 
ATOM   1134 N  N   . THR A 1 144 ? -4.057  6.399   14.566  1.00 30.11  ? 183 THR A N   1 
ATOM   1135 C  CA  . THR A 1 144 ? -3.711  7.489   13.619  1.00 32.31  ? 183 THR A CA  1 
ATOM   1136 C  C   . THR A 1 144 ? -3.634  6.849   12.234  1.00 31.89  ? 183 THR A C   1 
ATOM   1137 O  O   . THR A 1 144 ? -2.962  5.805   12.102  1.00 27.69  ? 183 THR A O   1 
ATOM   1138 C  CB  . THR A 1 144 ? -2.468  8.264   14.024  1.00 37.28  ? 183 THR A CB  1 
ATOM   1139 O  OG1 . THR A 1 144 ? -1.328  7.441   13.803  1.00 61.10  ? 183 THR A OG1 1 
ATOM   1140 C  CG2 . THR A 1 144 ? -2.512  8.706   15.468  1.00 32.02  ? 183 THR A CG2 1 
ATOM   1141 N  N   . SER A 1 145 ? -4.332  7.428   11.270  1.00 30.34  ? 184 SER A N   1 
ATOM   1142 C  CA  . SER A 1 145 ? -4.324  6.867   9.902   1.00 28.06  ? 184 SER A CA  1 
ATOM   1143 C  C   . SER A 1 145 ? -3.650  7.839   8.974   1.00 28.74  ? 184 SER A C   1 
ATOM   1144 O  O   . SER A 1 145 ? -3.651  9.080   9.177   1.00 27.95  ? 184 SER A O   1 
ATOM   1145 C  CB  . SER A 1 145 ? -5.642  6.508   9.438   1.00 28.60  ? 184 SER A CB  1 
ATOM   1146 O  OG  . SER A 1 145 ? -6.258  5.589   10.312  1.00 30.59  ? 184 SER A OG  1 
ATOM   1147 N  N   . HIS A 1 146 ? -3.075  7.310   7.917   1.00 24.84  ? 185 HIS A N   1 
ATOM   1148 C  CA  . HIS A 1 146 ? -2.427  8.153   6.905   1.00 26.46  ? 185 HIS A CA  1 
ATOM   1149 C  C   . HIS A 1 146 ? -2.448  7.457   5.542   1.00 25.92  ? 185 HIS A C   1 
ATOM   1150 O  O   . HIS A 1 146 ? -2.014  6.284   5.402   1.00 27.90  ? 185 HIS A O   1 
ATOM   1151 C  CB  . HIS A 1 146 ? -1.014  8.472   7.354   1.00 29.07  ? 185 HIS A CB  1 
ATOM   1152 C  CG  . HIS A 1 146 ? -0.423  9.630   6.653   1.00 32.57  ? 185 HIS A CG  1 
ATOM   1153 N  ND1 . HIS A 1 146 ? 0.162   9.527   5.407   1.00 38.02  ? 185 HIS A ND1 1 
ATOM   1154 C  CD2 . HIS A 1 146 ? -0.296  10.907  7.033   1.00 36.52  ? 185 HIS A CD2 1 
ATOM   1155 C  CE1 . HIS A 1 146 ? 0.604   10.710  5.043   1.00 38.60  ? 185 HIS A CE1 1 
ATOM   1156 N  NE2 . HIS A 1 146 ? 0.341   11.565  6.023   1.00 40.84  ? 185 HIS A NE2 1 
ATOM   1157 N  N   A CYS A 1 147 ? -2.918  8.194   4.533   0.25 28.46  ? 186 CYS A N   1 
ATOM   1158 N  N   B CYS A 1 147 ? -2.922  8.139   4.511   0.25 25.79  ? 186 CYS A N   1 
ATOM   1159 C  CA  A CYS A 1 147 ? -2.935  7.783   3.101   0.25 26.98  ? 186 CYS A CA  1 
ATOM   1160 C  CA  B CYS A 1 147 ? -2.938  7.568   3.137   0.25 22.82  ? 186 CYS A CA  1 
ATOM   1161 C  C   A CYS A 1 147 ? -1.679  8.235   2.391   0.25 26.93  ? 186 CYS A C   1 
ATOM   1162 C  C   B CYS A 1 147 ? -1.876  8.267   2.288   0.25 23.90  ? 186 CYS A C   1 
ATOM   1163 O  O   A CYS A 1 147 ? -1.079  9.247   2.820   0.25 24.26  ? 186 CYS A O   1 
ATOM   1164 O  O   B CYS A 1 147 ? -1.532  9.412   2.578   0.25 22.83  ? 186 CYS A O   1 
ATOM   1165 C  CB  A CYS A 1 147 ? -4.032  8.476   2.316   0.25 31.14  ? 186 CYS A CB  1 
ATOM   1166 C  CB  B CYS A 1 147 ? -4.325  7.672   2.527   0.25 22.45  ? 186 CYS A CB  1 
ATOM   1167 S  SG  A CYS A 1 147 ? -5.667  8.115   2.974   0.25 26.37  ? 186 CYS A SG  1 
ATOM   1168 S  SG  B CYS A 1 147 ? -4.944  9.379   2.530   0.25 19.07  ? 186 CYS A SG  1 
ATOM   1169 N  N   . PHE A 1 148 ? -1.340  7.548   1.294   1.00 25.60  ? 187 PHE A N   1 
ATOM   1170 C  CA  . PHE A 1 148 ? -0.163  7.935   0.509   1.00 26.22  ? 187 PHE A CA  1 
ATOM   1171 C  C   . PHE A 1 148 ? -0.565  8.071   -0.950  1.00 27.29  ? 187 PHE A C   1 
ATOM   1172 O  O   . PHE A 1 148 ? -0.379  7.156   -1.747  1.00 26.65  ? 187 PHE A O   1 
ATOM   1173 C  CB  . PHE A 1 148 ? 0.890   6.859   0.719   1.00 27.30  ? 187 PHE A CB  1 
ATOM   1174 C  CG  . PHE A 1 148 ? 1.423   6.820   2.124   1.00 27.98  ? 187 PHE A CG  1 
ATOM   1175 C  CD1 . PHE A 1 148 ? 2.377   7.744   2.532   1.00 31.22  ? 187 PHE A CD1 1 
ATOM   1176 C  CD2 . PHE A 1 148 ? 0.881   5.948   3.049   1.00 27.45  ? 187 PHE A CD2 1 
ATOM   1177 C  CE1 . PHE A 1 148 ? 2.845   7.735   3.839   1.00 33.23  ? 187 PHE A CE1 1 
ATOM   1178 C  CE2 . PHE A 1 148 ? 1.385   5.906   4.346   1.00 31.48  ? 187 PHE A CE2 1 
ATOM   1179 C  CZ  . PHE A 1 148 ? 2.355   6.810   4.731   1.00 29.53  ? 187 PHE A CZ  1 
ATOM   1180 N  N   . PRO A 1 149 ? -1.121  9.221   -1.370  1.00 25.90  ? 188 PRO A N   1 
ATOM   1181 C  CA  . PRO A 1 149 ? -1.471  9.404   -2.776  1.00 25.66  ? 188 PRO A CA  1 
ATOM   1182 C  C   . PRO A 1 149 ? -0.333  9.102   -3.766  1.00 25.85  ? 188 PRO A C   1 
ATOM   1183 O  O   . PRO A 1 149 ? -0.677  8.709   -4.843  1.00 25.95  ? 188 PRO A O   1 
ATOM   1184 C  CB  . PRO A 1 149 ? -1.826  10.895  -2.850  1.00 28.34  ? 188 PRO A CB  1 
ATOM   1185 C  CG  . PRO A 1 149 ? -2.262  11.279  -1.454  1.00 31.53  ? 188 PRO A CG  1 
ATOM   1186 C  CD  . PRO A 1 149 ? -1.515  10.351  -0.520  1.00 29.28  ? 188 PRO A CD  1 
ATOM   1187 N  N   . GLU A 1 150 ? 0.919   9.426   -3.409  1.00 25.77  ? 189 GLU A N   1 
ATOM   1188 C  CA  . GLU A 1 150 ? 2.100   9.166   -4.274  1.00 27.56  ? 189 GLU A CA  1 
ATOM   1189 C  C   . GLU A 1 150 ? 2.212   7.682   -4.653  1.00 25.83  ? 189 GLU A C   1 
ATOM   1190 O  O   . GLU A 1 150 ? 2.902   7.381   -5.661  1.00 25.27  ? 189 GLU A O   1 
ATOM   1191 C  CB  . GLU A 1 150 ? 3.336   9.697   -3.545  1.00 30.46  ? 189 GLU A CB  1 
ATOM   1192 C  CG  . GLU A 1 150 ? 3.024   10.983  -2.763  1.00 35.09  ? 189 GLU A CG  1 
ATOM   1193 C  CD  . GLU A 1 150 ? 2.917   10.934  -1.233  1.00 36.05  ? 189 GLU A CD  1 
ATOM   1194 O  OE1 . GLU A 1 150 ? 3.735   11.681  -0.640  1.00 48.54  ? 189 GLU A OE1 1 
ATOM   1195 O  OE2 . GLU A 1 150 ? 2.033   10.223  -0.589  1.00 23.87  ? 189 GLU A OE2 1 
ATOM   1196 N  N   . THR A 1 151 ? 1.587   6.770   -3.903  1.00 25.54  ? 190 THR A N   1 
ATOM   1197 C  CA  . THR A 1 151 ? 1.781   5.300   -3.977  1.00 23.53  ? 190 THR A CA  1 
ATOM   1198 C  C   . THR A 1 151 ? 0.580   4.644   -4.655  1.00 23.74  ? 190 THR A C   1 
ATOM   1199 O  O   . THR A 1 151 ? 0.485   3.414   -4.643  1.00 28.43  ? 190 THR A O   1 
ATOM   1200 C  CB  . THR A 1 151 ? 2.093   4.709   -2.595  1.00 25.02  ? 190 THR A CB  1 
ATOM   1201 O  OG1 . THR A 1 151 ? 0.927   4.756   -1.750  1.00 23.95  ? 190 THR A OG1 1 
ATOM   1202 C  CG2 . THR A 1 151 ? 3.271   5.435   -1.963  1.00 25.71  ? 190 THR A CG2 1 
ATOM   1203 N  N   . GLN A 1 152 ? -0.374  5.469   -5.150  1.00 22.80  ? 191 GLN A N   1 
ATOM   1204 C  CA  . GLN A 1 152 ? -1.530  4.943   -5.888  1.00 22.06  ? 191 GLN A CA  1 
ATOM   1205 C  C   . GLN A 1 152 ? -1.070  4.004   -7.010  1.00 24.09  ? 191 GLN A C   1 
ATOM   1206 O  O   . GLN A 1 152 ? -0.074  4.291   -7.650  1.00 27.00  ? 191 GLN A O   1 
ATOM   1207 C  CB  . GLN A 1 152 ? -2.368  6.063   -6.511  1.00 24.50  ? 191 GLN A CB  1 
ATOM   1208 C  CG  . GLN A 1 152 ? -3.244  6.711   -5.448  1.00 27.67  ? 191 GLN A CG  1 
ATOM   1209 C  CD  . GLN A 1 152 ? -4.074  7.781   -6.091  1.00 38.36  ? 191 GLN A CD  1 
ATOM   1210 O  OE1 . GLN A 1 152 ? -4.095  7.914   -7.320  1.00 41.22  ? 191 GLN A OE1 1 
ATOM   1211 N  NE2 . GLN A 1 152 ? -4.768  8.541   -5.255  1.00 40.31  ? 191 GLN A NE2 1 
ATOM   1212 N  N   . PHE A 1 153 ? -1.799  2.920   -7.206  1.00 25.48  ? 192 PHE A N   1 
ATOM   1213 C  CA  . PHE A 1 153 ? -1.544  2.043   -8.351  1.00 27.13  ? 192 PHE A CA  1 
ATOM   1214 C  C   . PHE A 1 153 ? -2.829  1.400   -8.824  1.00 25.87  ? 192 PHE A C   1 
ATOM   1215 O  O   . PHE A 1 153 ? -3.809  1.249   -8.145  1.00 27.26  ? 192 PHE A O   1 
ATOM   1216 C  CB  . PHE A 1 153 ? -0.555  0.941   -7.934  1.00 23.81  ? 192 PHE A CB  1 
ATOM   1217 C  CG  . PHE A 1 153 ? -1.031  0.057   -6.835  1.00 23.11  ? 192 PHE A CG  1 
ATOM   1218 C  CD1 . PHE A 1 153 ? -1.791  -1.058  -7.111  1.00 24.01  ? 192 PHE A CD1 1 
ATOM   1219 C  CD2 . PHE A 1 153 ? -0.730  0.336   -5.508  1.00 22.47  ? 192 PHE A CD2 1 
ATOM   1220 C  CE1 . PHE A 1 153 ? -2.264  -1.871  -6.093  1.00 25.60  ? 192 PHE A CE1 1 
ATOM   1221 C  CE2 . PHE A 1 153 ? -1.200  -0.485  -4.504  1.00 24.03  ? 192 PHE A CE2 1 
ATOM   1222 C  CZ  . PHE A 1 153 ? -1.954  -1.591  -4.784  1.00 27.20  ? 192 PHE A CZ  1 
ATOM   1223 N  N   . ILE A 1 154 ? -2.737  0.815   -10.025 1.00 24.76  ? 193 ILE A N   1 
ATOM   1224 C  CA  . ILE A 1 154 ? -3.788  -0.095  -10.524 1.00 25.37  ? 193 ILE A CA  1 
ATOM   1225 C  C   . ILE A 1 154 ? -3.260  -1.511  -10.408 1.00 30.26  ? 193 ILE A C   1 
ATOM   1226 O  O   . ILE A 1 154 ? -2.088  -1.699  -10.782 1.00 28.78  ? 193 ILE A O   1 
ATOM   1227 C  CB  . ILE A 1 154 ? -4.127  0.253   -11.987 1.00 27.53  ? 193 ILE A CB  1 
ATOM   1228 C  CG1 . ILE A 1 154 ? -4.625  1.701   -12.111 1.00 28.80  ? 193 ILE A CG1 1 
ATOM   1229 C  CG2 . ILE A 1 154 ? -5.092  -0.779  -12.555 1.00 30.06  ? 193 ILE A CG2 1 
ATOM   1230 C  CD1 . ILE A 1 154 ? -4.923  2.175   -13.511 1.00 33.89  ? 193 ILE A CD1 1 
ATOM   1231 N  N   . ALA A 1 155 ? -4.082  -2.386  -9.857  1.00 26.95  ? 194 ALA A N   1 
ATOM   1232 C  CA  . ALA A 1 155 ? -3.833  -3.832  -9.679  1.00 30.78  ? 194 ALA A CA  1 
ATOM   1233 C  C   . ALA A 1 155 ? -3.990  -4.498  -11.056 1.00 29.93  ? 194 ALA A C   1 
ATOM   1234 O  O   . ALA A 1 155 ? -5.012  -4.257  -11.705 1.00 30.92  ? 194 ALA A O   1 
ATOM   1235 C  CB  . ALA A 1 155 ? -4.776  -4.373  -8.645  1.00 33.83  ? 194 ALA A CB  1 
ATOM   1236 N  N   . VAL A 1 156 ? -2.982  -5.262  -11.492 1.00 30.36  ? 195 VAL A N   1 
ATOM   1237 C  CA  . VAL A 1 156 ? -2.912  -5.874  -12.864 1.00 29.75  ? 195 VAL A CA  1 
ATOM   1238 C  C   . VAL A 1 156 ? -2.398  -7.314  -12.722 1.00 31.64  ? 195 VAL A C   1 
ATOM   1239 O  O   . VAL A 1 156 ? -1.620  -7.578  -11.809 1.00 29.62  ? 195 VAL A O   1 
ATOM   1240 C  CB  . VAL A 1 156 ? -2.089  -5.023  -13.854 1.00 29.89  ? 195 VAL A CB  1 
ATOM   1241 C  CG1 . VAL A 1 156 ? -2.660  -3.611  -13.975 1.00 31.46  ? 195 VAL A CG1 1 
ATOM   1242 C  CG2 . VAL A 1 156 ? -0.598  -4.976  -13.520 1.00 27.27  ? 195 VAL A CG2 1 
ATOM   1243 N  N   . THR A 1 157 ? -2.846  -8.246  -13.571 1.00 32.17  ? 196 THR A N   1 
ATOM   1244 C  CA  . THR A 1 157 ? -2.248  -9.612  -13.592 1.00 36.84  ? 196 THR A CA  1 
ATOM   1245 C  C   . THR A 1 157 ? -0.983  -9.633  -14.463 1.00 36.31  ? 196 THR A C   1 
ATOM   1246 O  O   . THR A 1 157 ? -0.203  -10.585 -14.327 1.00 31.61  ? 196 THR A O   1 
ATOM   1247 C  CB  . THR A 1 157 ? -3.246  -10.668 -14.084 1.00 38.38  ? 196 THR A CB  1 
ATOM   1248 O  OG1 . THR A 1 157 ? -3.652  -10.220 -15.366 1.00 37.46  ? 196 THR A OG1 1 
ATOM   1249 C  CG2 . THR A 1 157 ? -4.456  -10.825 -13.197 1.00 40.59  ? 196 THR A CG2 1 
ATOM   1250 N  N   . ALA A 1 158 ? -0.756  -8.614  -15.289 1.00 32.90  ? 197 ALA A N   1 
ATOM   1251 C  CA  . ALA A 1 158 ? 0.508   -8.404  -16.031 1.00 35.53  ? 197 ALA A CA  1 
ATOM   1252 C  C   . ALA A 1 158 ? 0.640   -6.936  -16.405 1.00 28.55  ? 197 ALA A C   1 
ATOM   1253 O  O   . ALA A 1 158 ? -0.393  -6.284  -16.613 1.00 36.05  ? 197 ALA A O   1 
ATOM   1254 C  CB  . ALA A 1 158 ? 0.526   -9.293  -17.262 1.00 34.26  ? 197 ALA A CB  1 
ATOM   1255 N  N   . TYR A 1 159 ? 1.853   -6.411  -16.486 1.00 27.81  ? 198 TYR A N   1 
ATOM   1256 C  CA  . TYR A 1 159 ? 2.058   -4.988  -16.804 1.00 28.46  ? 198 TYR A CA  1 
ATOM   1257 C  C   . TYR A 1 159 ? 1.494   -4.620  -18.183 1.00 36.05  ? 198 TYR A C   1 
ATOM   1258 O  O   . TYR A 1 159 ? 1.737   -5.307  -19.191 1.00 32.02  ? 198 TYR A O   1 
ATOM   1259 C  CB  . TYR A 1 159 ? 3.511   -4.552  -16.706 1.00 31.95  ? 198 TYR A CB  1 
ATOM   1260 C  CG  . TYR A 1 159 ? 4.080   -4.672  -15.326 1.00 30.98  ? 198 TYR A CG  1 
ATOM   1261 C  CD1 . TYR A 1 159 ? 3.427   -4.127  -14.232 1.00 30.22  ? 198 TYR A CD1 1 
ATOM   1262 C  CD2 . TYR A 1 159 ? 5.284   -5.305  -15.113 1.00 32.42  ? 198 TYR A CD2 1 
ATOM   1263 C  CE1 . TYR A 1 159 ? 3.945   -4.250  -12.954 1.00 31.76  ? 198 TYR A CE1 1 
ATOM   1264 C  CE2 . TYR A 1 159 ? 5.816   -5.441  -13.848 1.00 33.38  ? 198 TYR A CE2 1 
ATOM   1265 C  CZ  . TYR A 1 159 ? 5.148   -4.900  -12.768 1.00 35.78  ? 198 TYR A CZ  1 
ATOM   1266 O  OH  . TYR A 1 159 ? 5.691   -4.999  -11.539 1.00 33.85  ? 198 TYR A OH  1 
ATOM   1267 N  N   . GLN A 1 160 ? 0.799   -3.485  -18.262 1.00 31.32  ? 199 GLN A N   1 
ATOM   1268 C  CA  . GLN A 1 160 ? 0.228   -2.990  -19.536 1.00 29.29  ? 199 GLN A CA  1 
ATOM   1269 C  C   . GLN A 1 160 ? 1.123   -1.943  -20.152 1.00 32.28  ? 199 GLN A C   1 
ATOM   1270 O  O   . GLN A 1 160 ? 1.354   -2.012  -21.367 1.00 31.25  ? 199 GLN A O   1 
ATOM   1271 C  CB  . GLN A 1 160 ? -1.174  -2.446  -19.315 1.00 31.80  ? 199 GLN A CB  1 
ATOM   1272 C  CG  . GLN A 1 160 ? -2.085  -3.436  -18.632 1.00 34.58  ? 199 GLN A CG  1 
ATOM   1273 C  CD  . GLN A 1 160 ? -2.298  -4.640  -19.502 1.00 40.70  ? 199 GLN A CD  1 
ATOM   1274 O  OE1 . GLN A 1 160 ? -2.767  -4.505  -20.622 1.00 50.38  ? 199 GLN A OE1 1 
ATOM   1275 N  NE2 . GLN A 1 160 ? -1.929  -5.809  -19.001 1.00 38.60  ? 199 GLN A NE2 1 
ATOM   1276 N  N   . ASN A 1 161 ? 1.623   -1.011  -19.345 1.00 28.99  ? 200 ASN A N   1 
ATOM   1277 C  CA  . ASN A 1 161 ? 2.439   0.106   -19.831 1.00 30.29  ? 200 ASN A CA  1 
ATOM   1278 C  C   . ASN A 1 161 ? 3.897   -0.339  -19.722 1.00 31.82  ? 200 ASN A C   1 
ATOM   1279 O  O   . ASN A 1 161 ? 4.358   -0.556  -18.619 1.00 28.78  ? 200 ASN A O   1 
ATOM   1280 C  CB  . ASN A 1 161 ? 2.126   1.336   -19.006 1.00 29.79  ? 200 ASN A CB  1 
ATOM   1281 C  CG  . ASN A 1 161 ? 2.953   2.529   -19.373 1.00 30.90  ? 200 ASN A CG  1 
ATOM   1282 O  OD1 . ASN A 1 161 ? 3.729   2.508   -20.324 1.00 30.66  ? 200 ASN A OD1 1 
ATOM   1283 N  ND2 . ASN A 1 161 ? 2.775   3.586   -18.606 1.00 31.49  ? 200 ASN A ND2 1 
ATOM   1284 N  N   . GLU A 1 162 ? 4.585   -0.537  -20.855 1.00 31.36  ? 201 GLU A N   1 
ATOM   1285 C  CA  . GLU A 1 162 ? 5.984   -1.036  -20.833 1.00 32.50  ? 201 GLU A CA  1 
ATOM   1286 C  C   . GLU A 1 162 ? 6.887   -0.008  -20.118 1.00 30.46  ? 201 GLU A C   1 
ATOM   1287 O  O   . GLU A 1 162 ? 7.915   -0.411  -19.630 1.00 30.75  ? 201 GLU A O   1 
ATOM   1288 C  CB  . GLU A 1 162 ? 6.385   -1.327  -22.296 1.00 34.90  ? 201 GLU A CB  1 
ATOM   1289 C  CG  . GLU A 1 162 ? 7.132   -0.175  -22.913 1.00 44.68  ? 201 GLU A CG  1 
ATOM   1290 C  CD  . GLU A 1 162 ? 6.904   0.233   -24.361 1.00 59.47  ? 201 GLU A CD  1 
ATOM   1291 O  OE1 . GLU A 1 162 ? 7.918   0.351   -25.115 1.00 52.25  ? 201 GLU A OE1 1 
ATOM   1292 O  OE2 . GLU A 1 162 ? 5.741   0.543   -24.709 1.00 79.52  ? 201 GLU A OE2 1 
ATOM   1293 N  N   . GLU A 1 163 ? 6.511   1.285   -20.030 1.00 29.63  ? 202 GLU A N   1 
ATOM   1294 C  CA  . GLU A 1 163 ? 7.327   2.313   -19.340 1.00 33.02  ? 202 GLU A CA  1 
ATOM   1295 C  C   . GLU A 1 163 ? 7.389   1.953   -17.852 1.00 28.41  ? 202 GLU A C   1 
ATOM   1296 O  O   . GLU A 1 163 ? 8.422   2.233   -17.225 1.00 30.22  ? 202 GLU A O   1 
ATOM   1297 C  CB  . GLU A 1 163 ? 6.767   3.726   -19.510 1.00 32.85  ? 202 GLU A CB  1 
ATOM   1298 C  CG  . GLU A 1 163 ? 6.876   4.299   -20.909 1.00 35.26  ? 202 GLU A CG  1 
ATOM   1299 C  CD  . GLU A 1 163 ? 6.084   5.593   -21.051 1.00 46.45  ? 202 GLU A CD  1 
ATOM   1300 O  OE1 . GLU A 1 163 ? 6.703   6.686   -21.057 1.00 55.67  ? 202 GLU A OE1 1 
ATOM   1301 O  OE2 . GLU A 1 163 ? 4.857   5.508   -21.100 1.00 54.14  ? 202 GLU A OE2 1 
ATOM   1302 N  N   . ILE A 1 164 ? 6.302   1.417   -17.291 1.00 26.86  ? 203 ILE A N   1 
ATOM   1303 C  CA  . ILE A 1 164 ? 6.279   0.868   -15.903 1.00 27.56  ? 203 ILE A CA  1 
ATOM   1304 C  C   . ILE A 1 164 ? 7.203   -0.345  -15.809 1.00 27.49  ? 203 ILE A C   1 
ATOM   1305 O  O   . ILE A 1 164 ? 8.000   -0.433  -14.917 1.00 27.81  ? 203 ILE A O   1 
ATOM   1306 C  CB  . ILE A 1 164 ? 4.836   0.557   -15.465 1.00 26.55  ? 203 ILE A CB  1 
ATOM   1307 C  CG1 . ILE A 1 164 ? 4.086   1.877   -15.296 1.00 27.80  ? 203 ILE A CG1 1 
ATOM   1308 C  CG2 . ILE A 1 164 ? 4.778   -0.367  -14.260 1.00 30.45  ? 203 ILE A CG2 1 
ATOM   1309 C  CD1 . ILE A 1 164 ? 4.537   2.680   -14.063 1.00 30.68  ? 203 ILE A CD1 1 
ATOM   1310 N  N   . THR A 1 165 ? 7.092   -1.269  -16.740 1.00 28.38  ? 204 THR A N   1 
ATOM   1311 C  CA  . THR A 1 165 ? 7.958   -2.460  -16.747 1.00 28.85  ? 204 THR A CA  1 
ATOM   1312 C  C   . THR A 1 165 ? 9.413   -2.021  -16.684 1.00 26.85  ? 204 THR A C   1 
ATOM   1313 O  O   . THR A 1 165 ? 10.097  -2.581  -15.872 1.00 30.10  ? 204 THR A O   1 
ATOM   1314 C  CB  . THR A 1 165 ? 7.715   -3.340  -17.960 1.00 30.64  ? 204 THR A CB  1 
ATOM   1315 O  OG1 . THR A 1 165 ? 6.306   -3.514  -18.078 1.00 30.26  ? 204 THR A OG1 1 
ATOM   1316 C  CG2 . THR A 1 165 ? 8.389   -4.689  -17.800 1.00 31.67  ? 204 THR A CG2 1 
ATOM   1317 N  N   . ALA A 1 166 ? 9.808   -1.023  -17.463 1.00 30.91  ? 205 ALA A N   1 
ATOM   1318 C  CA  . ALA A 1 166 ? 11.218  -0.590  -17.593 1.00 31.03  ? 205 ALA A CA  1 
ATOM   1319 C  C   . ALA A 1 166 ? 11.625  0.056   -16.276 1.00 30.81  ? 205 ALA A C   1 
ATOM   1320 O  O   . ALA A 1 166 ? 12.742  -0.155  -15.823 1.00 26.39  ? 205 ALA A O   1 
ATOM   1321 C  CB  . ALA A 1 166 ? 11.412  0.371   -18.735 1.00 35.37  ? 205 ALA A CB  1 
ATOM   1322 N  N   . LEU A 1 167 ? 10.742  0.872   -15.672 1.00 29.79  ? 206 LEU A N   1 
ATOM   1323 C  CA  . LEU A 1 167 ? 11.118  1.564   -14.414 1.00 28.16  ? 206 LEU A CA  1 
ATOM   1324 C  C   . LEU A 1 167 ? 11.285  0.545   -13.304 1.00 23.28  ? 206 LEU A C   1 
ATOM   1325 O  O   . LEU A 1 167 ? 12.178  0.736   -12.461 1.00 28.92  ? 206 LEU A O   1 
ATOM   1326 C  CB  . LEU A 1 167 ? 10.001  2.546   -14.020 1.00 29.56  ? 206 LEU A CB  1 
ATOM   1327 C  CG  . LEU A 1 167 ? 10.273  4.037   -14.063 1.00 38.06  ? 206 LEU A CG  1 
ATOM   1328 C  CD1 . LEU A 1 167 ? 9.390   4.723   -12.998 1.00 33.04  ? 206 LEU A CD1 1 
ATOM   1329 C  CD2 . LEU A 1 167 ? 11.734  4.415   -13.853 1.00 36.87  ? 206 LEU A CD2 1 
ATOM   1330 N  N   . LYS A 1 168 ? 10.395  -0.438  -13.252 1.00 24.73  ? 207 LYS A N   1 
ATOM   1331 C  CA  . LYS A 1 168 ? 10.396  -1.493  -12.220 1.00 26.41  ? 207 LYS A CA  1 
ATOM   1332 C  C   . LYS A 1 168 ? 11.776  -2.176  -12.251 1.00 31.80  ? 207 LYS A C   1 
ATOM   1333 O  O   . LYS A 1 168 ? 12.437  -2.334  -11.201 1.00 32.20  ? 207 LYS A O   1 
ATOM   1334 C  CB  . LYS A 1 168 ? 9.288   -2.525  -12.420 1.00 27.02  ? 207 LYS A CB  1 
ATOM   1335 C  CG  . LYS A 1 168 ? 7.851   -2.007  -12.294 1.00 31.51  ? 207 LYS A CG  1 
ATOM   1336 C  CD  . LYS A 1 168 ? 7.319   -1.966  -10.905 1.00 32.26  ? 207 LYS A CD  1 
ATOM   1337 C  CE  . LYS A 1 168 ? 5.839   -1.578  -10.895 1.00 31.00  ? 207 LYS A CE  1 
ATOM   1338 N  NZ  . LYS A 1 168 ? 5.173   -2.003  -9.648  1.00 33.35  ? 207 LYS A NZ  1 
ATOM   1339 N  N   . ILE A 1 169 ? 12.216  -2.549  -13.440 1.00 28.76  ? 208 ILE A N   1 
ATOM   1340 C  CA  . ILE A 1 169 ? 13.523  -3.251  -13.557 1.00 28.60  ? 208 ILE A CA  1 
ATOM   1341 C  C   . ILE A 1 169 ? 14.650  -2.268  -13.245 1.00 27.89  ? 208 ILE A C   1 
ATOM   1342 O  O   . ILE A 1 169 ? 15.593  -2.649  -12.508 1.00 28.71  ? 208 ILE A O   1 
ATOM   1343 C  CB  . ILE A 1 169 ? 13.619  -3.873  -14.965 1.00 28.25  ? 208 ILE A CB  1 
ATOM   1344 C  CG1 . ILE A 1 169 ? 12.612  -5.004  -15.129 1.00 25.89  ? 208 ILE A CG1 1 
ATOM   1345 C  CG2 . ILE A 1 169 ? 15.050  -4.340  -15.251 1.00 30.23  ? 208 ILE A CG2 1 
ATOM   1346 C  CD1 . ILE A 1 169 ? 12.325  -5.372  -16.553 1.00 31.97  ? 208 ILE A CD1 1 
ATOM   1347 N  N   . LYS A 1 170 ? 14.601  -1.059  -13.789 1.00 27.79  ? 209 LYS A N   1 
ATOM   1348 C  CA  . LYS A 1 170 ? 15.734  -0.094  -13.667 1.00 29.71  ? 209 LYS A CA  1 
ATOM   1349 C  C   . LYS A 1 170 ? 16.071  0.080   -12.186 1.00 33.45  ? 209 LYS A C   1 
ATOM   1350 O  O   . LYS A 1 170 ? 17.278  0.165   -11.854 1.00 30.00  ? 209 LYS A O   1 
ATOM   1351 C  CB  . LYS A 1 170 ? 15.423  1.241   -14.356 1.00 29.57  ? 209 LYS A CB  1 
ATOM   1352 C  CG  . LYS A 1 170 ? 16.608  2.176   -14.562 1.00 33.01  ? 209 LYS A CG  1 
ATOM   1353 C  CD  . LYS A 1 170 ? 16.271  3.404   -15.445 1.00 36.18  ? 209 LYS A CD  1 
ATOM   1354 C  CE  . LYS A 1 170 ? 17.415  4.346   -15.774 1.00 38.87  ? 209 LYS A CE  1 
ATOM   1355 N  NZ  . LYS A 1 170 ? 17.823  5.159   -14.604 1.00 41.45  ? 209 LYS A NZ  1 
ATOM   1356 N  N   . TYR A 1 171 ? 15.053  0.169   -11.325 1.00 30.43  ? 210 TYR A N   1 
ATOM   1357 C  CA  . TYR A 1 171 ? 15.218  0.559   -9.902  1.00 33.85  ? 210 TYR A CA  1 
ATOM   1358 C  C   . TYR A 1 171 ? 15.211  -0.631  -8.950  1.00 33.21  ? 210 TYR A C   1 
ATOM   1359 O  O   . TYR A 1 171 ? 15.501  -0.405  -7.775  1.00 36.89  ? 210 TYR A O   1 
ATOM   1360 C  CB  . TYR A 1 171 ? 14.255  1.708   -9.565  1.00 32.76  ? 210 TYR A CB  1 
ATOM   1361 C  CG  . TYR A 1 171 ? 14.772  2.955   -10.224 1.00 31.10  ? 210 TYR A CG  1 
ATOM   1362 C  CD1 . TYR A 1 171 ? 15.987  3.498   -9.824  1.00 36.72  ? 210 TYR A CD1 1 
ATOM   1363 C  CD2 . TYR A 1 171 ? 14.189  3.468   -11.361 1.00 31.20  ? 210 TYR A CD2 1 
ATOM   1364 C  CE1 . TYR A 1 171 ? 16.523  4.600   -10.467 1.00 37.76  ? 210 TYR A CE1 1 
ATOM   1365 C  CE2 . TYR A 1 171 ? 14.720  4.561   -12.032 1.00 34.17  ? 210 TYR A CE2 1 
ATOM   1366 C  CZ  . TYR A 1 171 ? 15.907  5.117   -11.588 1.00 37.20  ? 210 TYR A CZ  1 
ATOM   1367 O  OH  . TYR A 1 171 ? 16.458  6.191   -12.248 1.00 37.40  ? 210 TYR A OH  1 
ATOM   1368 N  N   . ASN A 1 172 ? 14.922  -1.845  -9.393  1.00 34.61  ? 211 ASN A N   1 
ATOM   1369 C  CA  . ASN A 1 172 ? 14.944  -3.012  -8.486  1.00 39.33  ? 211 ASN A CA  1 
ATOM   1370 C  C   . ASN A 1 172 ? 16.405  -3.503  -8.410  1.00 51.78  ? 211 ASN A C   1 
ATOM   1371 O  O   . ASN A 1 172 ? 17.282  -3.009  -9.143  1.00 45.28  ? 211 ASN A O   1 
ATOM   1372 C  CB  . ASN A 1 172 ? 13.855  -4.023  -8.850  1.00 42.00  ? 211 ASN A CB  1 
ATOM   1373 C  CG  . ASN A 1 172 ? 14.180  -4.939  -10.021 1.00 48.78  ? 211 ASN A CG  1 
ATOM   1374 O  OD1 . ASN A 1 172 ? 13.301  -5.654  -10.510 1.00 50.26  ? 211 ASN A OD1 1 
ATOM   1375 N  ND2 . ASN A 1 172 ? 15.425  -4.952  -10.459 1.00 41.70  ? 211 ASN A ND2 1 
HETATM 1376 CD CD  . CD  B 2 .   ? -7.102  9.117   1.232   0.50 23.85  ? 301 CD  A CD  1 
HETATM 1377 CD CD  . CD  C 2 .   ? -6.361  10.212  -2.145  1.00 25.32  ? 302 CD  A CD  1 
HETATM 1378 CD CD  . CD  D 2 .   ? -8.519  -11.475 4.119   1.00 59.28  ? 303 CD  A CD  1 
HETATM 1379 CD CD  . CD  E 2 .   ? -17.776 7.337   -10.745 1.00 32.90  ? 304 CD  A CD  1 
HETATM 1380 CD CD  . CD  F 2 .   ? -10.378 -9.460  6.705   1.00 60.30  ? 305 CD  A CD  1 
HETATM 1381 N  N1  . NXJ G 3 .   ? -4.798  -10.263 15.868  0.64 48.73  ? 306 NXJ A N1  1 
HETATM 1382 C  C4  . NXJ G 3 .   ? -4.081  -5.749  16.653  0.64 44.94  ? 306 NXJ A C4  1 
HETATM 1383 C  C5  . NXJ G 3 .   ? -5.558  -6.019  16.744  0.64 46.76  ? 306 NXJ A C5  1 
HETATM 1384 C  C6  . NXJ G 3 .   ? -3.684  -5.166  15.338  0.64 45.43  ? 306 NXJ A C6  1 
HETATM 1385 C  C7  . NXJ G 3 .   ? -2.601  -9.422  16.456  0.64 46.05  ? 306 NXJ A C7  1 
HETATM 1386 C  C8  . NXJ G 3 .   ? -2.331  -10.628 17.158  0.64 46.58  ? 306 NXJ A C8  1 
HETATM 1387 C  C10 . NXJ G 3 .   ? -4.498  -11.417 16.547  0.64 47.11  ? 306 NXJ A C10 1 
HETATM 1388 N  N   . NXJ G 3 .   ? -1.593  -8.403  16.337  0.64 41.14  ? 306 NXJ A N   1 
HETATM 1389 C  C   . NXJ G 3 .   ? -0.315  -8.870  15.723  0.64 42.39  ? 306 NXJ A C   1 
HETATM 1390 O  O   . NXJ G 3 .   ? -0.875  -6.224  16.607  0.64 34.64  ? 306 NXJ A O   1 
HETATM 1391 C  C1  . NXJ G 3 .   ? -1.789  -7.051  16.765  0.64 42.97  ? 306 NXJ A C1  1 
HETATM 1392 C  C11 . NXJ G 3 .   ? -3.867  -9.281  15.826  0.64 46.57  ? 306 NXJ A C11 1 
HETATM 1393 C  C2  . NXJ G 3 .   ? -3.132  -6.685  17.399  0.64 42.91  ? 306 NXJ A C2  1 
HETATM 1394 C  C3  . NXJ G 3 .   ? -3.362  -5.267  17.894  0.64 45.33  ? 306 NXJ A C3  1 
HETATM 1395 C  C9  . NXJ G 3 .   ? -3.295  -11.630 17.197  0.64 45.46  ? 306 NXJ A C9  1 
HETATM 1396 O  O   . HOH H 4 .   ? 1.180   8.162   21.018  1.00 42.97  ? 401 HOH A O   1 
HETATM 1397 O  O   . HOH H 4 .   ? 4.390   -10.695 6.695   1.00 31.90  ? 402 HOH A O   1 
HETATM 1398 O  O   . HOH H 4 .   ? -2.168  -16.480 -10.162 1.00 55.14  ? 403 HOH A O   1 
HETATM 1399 O  O   . HOH H 4 .   ? 8.694   4.152   0.206   1.00 31.81  ? 404 HOH A O   1 
HETATM 1400 O  O   . HOH H 4 .   ? -10.889 1.314   -9.271  1.00 30.34  ? 405 HOH A O   1 
HETATM 1401 O  O   . HOH H 4 .   ? 6.999   -7.726  18.751  0.50 46.27  ? 406 HOH A O   1 
HETATM 1402 O  O   . HOH H 4 .   ? 12.583  -4.120  11.785  1.00 37.40  ? 407 HOH A O   1 
HETATM 1403 O  O   . HOH H 4 .   ? 9.754   -1.847  11.326  1.00 34.78  ? 408 HOH A O   1 
HETATM 1404 O  O   . HOH H 4 .   ? 12.055  8.481   13.508  1.00 48.59  ? 409 HOH A O   1 
HETATM 1405 O  O   . HOH H 4 .   ? 10.533  2.449   -1.016  1.00 37.25  ? 410 HOH A O   1 
HETATM 1406 O  O   . HOH H 4 .   ? -8.180  6.977   11.464  1.00 26.64  ? 411 HOH A O   1 
HETATM 1407 O  O   . HOH H 4 .   ? 10.263  3.809   -18.267 1.00 38.88  ? 412 HOH A O   1 
HETATM 1408 O  O   . HOH H 4 .   ? 13.291  -3.201  18.824  1.00 38.97  ? 413 HOH A O   1 
HETATM 1409 O  O   . HOH H 4 .   ? 11.548  -3.635  20.747  1.00 47.39  ? 414 HOH A O   1 
HETATM 1410 O  O   . HOH H 4 .   ? -4.795  11.342  8.319   1.00 41.25  ? 415 HOH A O   1 
HETATM 1411 O  O   . HOH H 4 .   ? 0.593   2.395   -16.513 1.00 27.58  ? 416 HOH A O   1 
HETATM 1412 O  O   . HOH H 4 .   ? 2.504   -6.641  -6.180  1.00 32.82  ? 417 HOH A O   1 
HETATM 1413 O  O   . HOH H 4 .   ? 0.456   -10.527 2.839   1.00 37.62  ? 418 HOH A O   1 
HETATM 1414 O  O   . HOH H 4 .   ? 5.603   -6.113  -0.482  1.00 30.04  ? 419 HOH A O   1 
HETATM 1415 O  O   . HOH H 4 .   ? -7.712  8.346   13.575  1.00 36.95  ? 420 HOH A O   1 
HETATM 1416 O  O   . HOH H 4 .   ? 10.206  5.684   11.293  1.00 39.21  ? 421 HOH A O   1 
HETATM 1417 O  O   . HOH H 4 .   ? 2.334   -11.395 -15.045 1.00 41.19  ? 422 HOH A O   1 
HETATM 1418 O  O   . HOH H 4 .   ? -2.014  12.127  2.905   1.00 41.96  ? 423 HOH A O   1 
HETATM 1419 O  O   . HOH H 4 .   ? 2.507   5.302   -7.484  1.00 26.11  ? 424 HOH A O   1 
HETATM 1420 O  O   . HOH H 4 .   ? -5.681  9.786   11.903  1.00 32.49  ? 425 HOH A O   1 
HETATM 1421 O  O   . HOH H 4 .   ? 19.737  1.162   -12.718 1.00 31.88  ? 426 HOH A O   1 
HETATM 1422 O  O   . HOH H 4 .   ? -9.608  -1.865  5.764   1.00 35.77  ? 427 HOH A O   1 
HETATM 1423 O  O   . HOH H 4 .   ? 11.377  0.534   12.333  1.00 33.95  ? 428 HOH A O   1 
HETATM 1424 O  O   . HOH H 4 .   ? 11.156  -6.765  9.717   1.00 33.44  ? 429 HOH A O   1 
HETATM 1425 O  O   . HOH H 4 .   ? -2.647  6.239   -18.933 1.00 38.81  ? 430 HOH A O   1 
HETATM 1426 O  O   . HOH H 4 .   ? -9.704  -9.525  -9.340  1.00 42.71  ? 431 HOH A O   1 
HETATM 1427 O  O   . HOH H 4 .   ? -8.437  -8.024  1.016   1.00 43.81  ? 432 HOH A O   1 
HETATM 1428 O  O   . HOH H 4 .   ? 10.795  -2.139  8.614   1.00 31.46  ? 433 HOH A O   1 
HETATM 1429 O  O   . HOH H 4 .   ? 4.028   -8.230  -16.499 1.00 36.41  ? 434 HOH A O   1 
HETATM 1430 O  O   . HOH H 4 .   ? 11.123  10.751  0.346   1.00 49.25  ? 435 HOH A O   1 
HETATM 1431 O  O   . HOH H 4 .   ? 4.912   -2.467  0.308   1.00 28.38  ? 436 HOH A O   1 
HETATM 1432 O  O   . HOH H 4 .   ? 3.247   -0.176  -23.362 1.00 42.21  ? 437 HOH A O   1 
HETATM 1433 O  O   . HOH H 4 .   ? -0.417  5.790   -10.102 1.00 29.99  ? 438 HOH A O   1 
HETATM 1434 O  O   . HOH H 4 .   ? 6.166   -6.269  5.609   1.00 26.49  ? 439 HOH A O   1 
HETATM 1435 O  O   . HOH H 4 .   ? 6.229   -9.442  16.482  1.00 37.15  ? 440 HOH A O   1 
HETATM 1436 O  O   . HOH H 4 .   ? -15.797 6.489   -7.758  1.00 31.67  ? 441 HOH A O   1 
HETATM 1437 O  O   . HOH H 4 .   ? -2.172  6.319   17.241  1.00 43.19  ? 442 HOH A O   1 
HETATM 1438 O  O   . HOH H 4 .   ? 6.474   -12.142 -4.329  1.00 38.10  ? 443 HOH A O   1 
HETATM 1439 O  O   . HOH H 4 .   ? 11.470  -0.175  -2.680  1.00 36.06  ? 444 HOH A O   1 
HETATM 1440 O  O   . HOH H 4 .   ? 12.522  11.408  -2.025  1.00 39.68  ? 445 HOH A O   1 
HETATM 1441 O  O   . HOH H 4 .   ? -8.885  7.247   4.596   1.00 27.04  ? 446 HOH A O   1 
HETATM 1442 O  O   . HOH H 4 .   ? -5.833  -11.229 4.699   1.00 50.00  ? 447 HOH A O   1 
HETATM 1443 O  O   . HOH H 4 .   ? 0.900   12.520  -5.510  1.00 44.55  ? 448 HOH A O   1 
HETATM 1444 O  O   . HOH H 4 .   ? 8.955   -15.337 -2.262  1.00 38.70  ? 449 HOH A O   1 
HETATM 1445 O  O   . HOH H 4 .   ? -8.815  7.936   0.595   0.50 25.25  ? 450 HOH A O   1 
HETATM 1446 O  O   . HOH H 4 .   ? 1.554   13.327  9.483   1.00 41.60  ? 451 HOH A O   1 
HETATM 1447 O  O   . HOH H 4 .   ? -16.536 0.896   -14.521 1.00 30.79  ? 452 HOH A O   1 
HETATM 1448 O  O   . HOH H 4 .   ? -4.894  -7.248  -15.821 1.00 44.43  ? 453 HOH A O   1 
HETATM 1449 O  O   . HOH H 4 .   ? -8.693  -7.947  7.817   1.00 34.48  ? 454 HOH A O   1 
HETATM 1450 O  O   . HOH H 4 .   ? 9.974   -14.251 3.112   1.00 46.40  ? 455 HOH A O   1 
HETATM 1451 O  O   . HOH H 4 .   ? 8.616   -6.476  6.907   1.00 35.28  ? 456 HOH A O   1 
HETATM 1452 O  O   . HOH H 4 .   ? -4.063  11.163  5.438   1.00 23.58  ? 457 HOH A O   1 
HETATM 1453 O  O   . HOH H 4 .   ? 8.910   -5.469  -14.739 1.00 44.59  ? 458 HOH A O   1 
HETATM 1454 O  O   . HOH H 4 .   ? -7.654  -10.922 1.964   1.00 37.40  ? 459 HOH A O   1 
HETATM 1455 O  O   . HOH H 4 .   ? 10.588  -4.851  8.024   1.00 34.64  ? 460 HOH A O   1 
HETATM 1456 O  O   . HOH H 4 .   ? -15.803 8.494   -9.921  1.00 22.00  ? 461 HOH A O   1 
HETATM 1457 O  O   . HOH H 4 .   ? -19.189 8.343   -12.353 1.00 22.52  ? 462 HOH A O   1 
HETATM 1458 O  O   . HOH H 4 .   ? 12.405  -0.703  21.251  1.00 38.14  ? 463 HOH A O   1 
HETATM 1459 O  O   . HOH H 4 .   ? 12.911  3.398   -17.317 1.00 37.76  ? 464 HOH A O   1 
HETATM 1460 O  O   . HOH H 4 .   ? 10.289  6.246   -22.069 1.00 34.59  ? 465 HOH A O   1 
HETATM 1461 O  O   . HOH H 4 .   ? -8.096  9.637   -3.773  1.00 19.28  ? 466 HOH A O   1 
HETATM 1462 O  O   . HOH H 4 .   ? -18.923 6.593   -8.898  1.00 28.92  ? 467 HOH A O   1 
HETATM 1463 O  O   . HOH H 4 .   ? 17.947  -1.595  -15.939 1.00 33.91  ? 468 HOH A O   1 
HETATM 1464 O  O   . HOH H 4 .   ? -1.102  7.565   19.475  1.00 31.39  ? 469 HOH A O   1 
HETATM 1465 O  O   . HOH H 4 .   ? 6.760   -11.784 7.490   1.00 32.30  ? 470 HOH A O   1 
HETATM 1466 O  O   . HOH H 4 .   ? 8.450   -7.649  -16.134 1.00 47.97  ? 471 HOH A O   1 
HETATM 1467 O  O   . HOH H 4 .   ? -9.092  -11.814 6.687   1.00 42.77  ? 472 HOH A O   1 
HETATM 1468 O  O   . HOH H 4 .   ? -12.038 -11.090 5.856   1.00 50.80  ? 473 HOH A O   1 
# 
